data_1YSQ
# 
_entry.id   1YSQ 
# 
_audit_conform.dict_name       mmcif_pdbx.dic 
_audit_conform.dict_version    5.387 
_audit_conform.dict_location   http://mmcif.pdb.org/dictionaries/ascii/mmcif_pdbx.dic 
# 
loop_
_database_2.database_id 
_database_2.database_code 
_database_2.pdbx_database_accession 
_database_2.pdbx_DOI 
PDB   1YSQ         pdb_00001ysq 10.2210/pdb1ysq/pdb 
RCSB  RCSB031887   ?            ?                   
WWPDB D_1000031887 ?            ?                   
# 
loop_
_pdbx_audit_revision_history.ordinal 
_pdbx_audit_revision_history.data_content_type 
_pdbx_audit_revision_history.major_revision 
_pdbx_audit_revision_history.minor_revision 
_pdbx_audit_revision_history.revision_date 
1 'Structure model' 1 0 2005-03-22 
2 'Structure model' 1 1 2008-04-30 
3 'Structure model' 1 2 2011-07-13 
4 'Structure model' 1 3 2011-10-05 
5 'Structure model' 1 4 2024-02-14 
# 
_pdbx_audit_revision_details.ordinal             1 
_pdbx_audit_revision_details.revision_ordinal    1 
_pdbx_audit_revision_details.data_content_type   'Structure model' 
_pdbx_audit_revision_details.provider            repository 
_pdbx_audit_revision_details.type                'Initial release' 
_pdbx_audit_revision_details.description         ? 
_pdbx_audit_revision_details.details             ? 
# 
loop_
_pdbx_audit_revision_group.ordinal 
_pdbx_audit_revision_group.revision_ordinal 
_pdbx_audit_revision_group.data_content_type 
_pdbx_audit_revision_group.group 
1 2 'Structure model' 'Version format compliance' 
2 3 'Structure model' 'Version format compliance' 
3 4 'Structure model' 'Structure summary'         
4 5 'Structure model' 'Data collection'           
5 5 'Structure model' 'Database references'       
6 5 'Structure model' 'Derived calculations'      
# 
loop_
_pdbx_audit_revision_category.ordinal 
_pdbx_audit_revision_category.revision_ordinal 
_pdbx_audit_revision_category.data_content_type 
_pdbx_audit_revision_category.category 
1 5 'Structure model' chem_comp_atom     
2 5 'Structure model' chem_comp_bond     
3 5 'Structure model' database_2         
4 5 'Structure model' struct_ref_seq_dif 
5 5 'Structure model' struct_site        
# 
loop_
_pdbx_audit_revision_item.ordinal 
_pdbx_audit_revision_item.revision_ordinal 
_pdbx_audit_revision_item.data_content_type 
_pdbx_audit_revision_item.item 
1 5 'Structure model' '_database_2.pdbx_DOI'                
2 5 'Structure model' '_database_2.pdbx_database_accession' 
3 5 'Structure model' '_struct_ref_seq_dif.details'         
4 5 'Structure model' '_struct_site.pdbx_auth_asym_id'      
5 5 'Structure model' '_struct_site.pdbx_auth_comp_id'      
6 5 'Structure model' '_struct_site.pdbx_auth_seq_id'       
# 
_pdbx_database_status.status_code                     REL 
_pdbx_database_status.entry_id                        1YSQ 
_pdbx_database_status.recvd_initial_deposition_date   2005-02-08 
_pdbx_database_status.deposit_site                    RCSB 
_pdbx_database_status.process_site                    RCSB 
_pdbx_database_status.status_code_sf                  REL 
_pdbx_database_status.status_code_mr                  ? 
_pdbx_database_status.SG_entry                        Y 
_pdbx_database_status.status_code_cs                  ? 
_pdbx_database_status.pdb_format_compatible           Y 
_pdbx_database_status.status_code_nmr_data            ? 
_pdbx_database_status.methods_development_category    ? 
# 
_pdbx_database_related.db_name        TargetDB 
_pdbx_database_related.db_id          APC28251 
_pdbx_database_related.details        . 
_pdbx_database_related.content_type   unspecified 
# 
loop_
_audit_author.name 
_audit_author.pdbx_ordinal 
'Bochkarev, A.'                                 1  
'Lunin, V.V.'                                   2  
'Ezersky, A.'                                   3  
'Evdokimova, E.'                                4  
'Skarina, T.'                                   5  
'Xu, X.'                                        6  
'Borek, D.'                                     7  
'Edwards, A.M.'                                 8  
'Joachimiak, A.'                                9  
'Savchenko, A.'                                 10 
'Midwest Center for Structural Genomics (MCSG)' 11 
# 
_citation.id                        primary 
_citation.title                     'Structural study of effector binding specificity in IclR transcriptional regulators' 
_citation.journal_abbrev            'To be Published' 
_citation.journal_volume            ? 
_citation.page_first                ? 
_citation.page_last                 ? 
_citation.year                      ? 
_citation.journal_id_ASTM           ? 
_citation.country                   ? 
_citation.journal_id_ISSN           ? 
_citation.journal_id_CSD            0353 
_citation.book_publisher            ? 
_citation.pdbx_database_id_PubMed   ? 
_citation.pdbx_database_id_DOI      ? 
# 
loop_
_citation_author.citation_id 
_citation_author.name 
_citation_author.ordinal 
_citation_author.identifier_ORCID 
primary 'Bochkarev, A.'  1 ? 
primary 'Lunin, V.V.'    2 ? 
primary 'Ezersky, A.'    3 ? 
primary 'Evdokimova, E.' 4 ? 
primary 'Skarina, T.'    5 ? 
primary 'Xu, X.'         6 ? 
primary 'Borek, D.'      7 ? 
primary 'Edwards, A.M.'  8 ? 
primary 'Savchenko, A.'  9 ? 
# 
loop_
_entity.id 
_entity.type 
_entity.src_method 
_entity.pdbx_description 
_entity.formula_weight 
_entity.pdbx_number_of_molecules 
_entity.pdbx_ec 
_entity.pdbx_mutation 
_entity.pdbx_fragment 
_entity.details 
1 polymer     man 'HTH-type transcriptional regulator yiaJ' 21426.416 1   ? ? ? ? 
2 non-polymer syn 'PHOSPHATE ION'                           94.971    3   ? ? ? ? 
3 water       nat water                                     18.015    122 ? ? ? ? 
# 
_entity_poly.entity_id                      1 
_entity_poly.type                           'polypeptide(L)' 
_entity_poly.nstd_linkage                   no 
_entity_poly.nstd_monomer                   no 
_entity_poly.pdbx_seq_one_letter_code       
;GHMALSSLNIIHIAAPHLEALNIATGETINFSSREDDHAILIYKLEPTTGMLRTRAYIGQHMPLYCSAMGKIYMAFGHPD
YVKSYWESHQHEIQPLTRNTITELPAMFDELAHIRESGAAMDREENELGVSCIAVPVFDIHGRVPYAVSISLSTSRLKQV
GEKNLLKPLRETAQAISNELGFTVRDDLGAITG
;
_entity_poly.pdbx_seq_one_letter_code_can   
;GHMALSSLNIIHIAAPHLEALNIATGETINFSSREDDHAILIYKLEPTTGMLRTRAYIGQHMPLYCSAMGKIYMAFGHPD
YVKSYWESHQHEIQPLTRNTITELPAMFDELAHIRESGAAMDREENELGVSCIAVPVFDIHGRVPYAVSISLSTSRLKQV
GEKNLLKPLRETAQAISNELGFTVRDDLGAITG
;
_entity_poly.pdbx_strand_id                 A 
_entity_poly.pdbx_target_identifier         APC28251 
# 
loop_
_pdbx_entity_nonpoly.entity_id 
_pdbx_entity_nonpoly.name 
_pdbx_entity_nonpoly.comp_id 
2 'PHOSPHATE ION' PO4 
3 water           HOH 
# 
loop_
_entity_poly_seq.entity_id 
_entity_poly_seq.num 
_entity_poly_seq.mon_id 
_entity_poly_seq.hetero 
1 1   GLY n 
1 2   HIS n 
1 3   MET n 
1 4   ALA n 
1 5   LEU n 
1 6   SER n 
1 7   SER n 
1 8   LEU n 
1 9   ASN n 
1 10  ILE n 
1 11  ILE n 
1 12  HIS n 
1 13  ILE n 
1 14  ALA n 
1 15  ALA n 
1 16  PRO n 
1 17  HIS n 
1 18  LEU n 
1 19  GLU n 
1 20  ALA n 
1 21  LEU n 
1 22  ASN n 
1 23  ILE n 
1 24  ALA n 
1 25  THR n 
1 26  GLY n 
1 27  GLU n 
1 28  THR n 
1 29  ILE n 
1 30  ASN n 
1 31  PHE n 
1 32  SER n 
1 33  SER n 
1 34  ARG n 
1 35  GLU n 
1 36  ASP n 
1 37  ASP n 
1 38  HIS n 
1 39  ALA n 
1 40  ILE n 
1 41  LEU n 
1 42  ILE n 
1 43  TYR n 
1 44  LYS n 
1 45  LEU n 
1 46  GLU n 
1 47  PRO n 
1 48  THR n 
1 49  THR n 
1 50  GLY n 
1 51  MET n 
1 52  LEU n 
1 53  ARG n 
1 54  THR n 
1 55  ARG n 
1 56  ALA n 
1 57  TYR n 
1 58  ILE n 
1 59  GLY n 
1 60  GLN n 
1 61  HIS n 
1 62  MET n 
1 63  PRO n 
1 64  LEU n 
1 65  TYR n 
1 66  CYS n 
1 67  SER n 
1 68  ALA n 
1 69  MET n 
1 70  GLY n 
1 71  LYS n 
1 72  ILE n 
1 73  TYR n 
1 74  MET n 
1 75  ALA n 
1 76  PHE n 
1 77  GLY n 
1 78  HIS n 
1 79  PRO n 
1 80  ASP n 
1 81  TYR n 
1 82  VAL n 
1 83  LYS n 
1 84  SER n 
1 85  TYR n 
1 86  TRP n 
1 87  GLU n 
1 88  SER n 
1 89  HIS n 
1 90  GLN n 
1 91  HIS n 
1 92  GLU n 
1 93  ILE n 
1 94  GLN n 
1 95  PRO n 
1 96  LEU n 
1 97  THR n 
1 98  ARG n 
1 99  ASN n 
1 100 THR n 
1 101 ILE n 
1 102 THR n 
1 103 GLU n 
1 104 LEU n 
1 105 PRO n 
1 106 ALA n 
1 107 MET n 
1 108 PHE n 
1 109 ASP n 
1 110 GLU n 
1 111 LEU n 
1 112 ALA n 
1 113 HIS n 
1 114 ILE n 
1 115 ARG n 
1 116 GLU n 
1 117 SER n 
1 118 GLY n 
1 119 ALA n 
1 120 ALA n 
1 121 MET n 
1 122 ASP n 
1 123 ARG n 
1 124 GLU n 
1 125 GLU n 
1 126 ASN n 
1 127 GLU n 
1 128 LEU n 
1 129 GLY n 
1 130 VAL n 
1 131 SER n 
1 132 CYS n 
1 133 ILE n 
1 134 ALA n 
1 135 VAL n 
1 136 PRO n 
1 137 VAL n 
1 138 PHE n 
1 139 ASP n 
1 140 ILE n 
1 141 HIS n 
1 142 GLY n 
1 143 ARG n 
1 144 VAL n 
1 145 PRO n 
1 146 TYR n 
1 147 ALA n 
1 148 VAL n 
1 149 SER n 
1 150 ILE n 
1 151 SER n 
1 152 LEU n 
1 153 SER n 
1 154 THR n 
1 155 SER n 
1 156 ARG n 
1 157 LEU n 
1 158 LYS n 
1 159 GLN n 
1 160 VAL n 
1 161 GLY n 
1 162 GLU n 
1 163 LYS n 
1 164 ASN n 
1 165 LEU n 
1 166 LEU n 
1 167 LYS n 
1 168 PRO n 
1 169 LEU n 
1 170 ARG n 
1 171 GLU n 
1 172 THR n 
1 173 ALA n 
1 174 GLN n 
1 175 ALA n 
1 176 ILE n 
1 177 SER n 
1 178 ASN n 
1 179 GLU n 
1 180 LEU n 
1 181 GLY n 
1 182 PHE n 
1 183 THR n 
1 184 VAL n 
1 185 ARG n 
1 186 ASP n 
1 187 ASP n 
1 188 LEU n 
1 189 GLY n 
1 190 ALA n 
1 191 ILE n 
1 192 THR n 
1 193 GLY n 
# 
_entity_src_gen.entity_id                          1 
_entity_src_gen.pdbx_src_id                        1 
_entity_src_gen.pdbx_alt_source_flag               sample 
_entity_src_gen.pdbx_seq_type                      ? 
_entity_src_gen.pdbx_beg_seq_num                   ? 
_entity_src_gen.pdbx_end_seq_num                   ? 
_entity_src_gen.gene_src_common_name               ? 
_entity_src_gen.gene_src_genus                     Escherichia 
_entity_src_gen.pdbx_gene_src_gene                 yiaJ 
_entity_src_gen.gene_src_species                   ? 
_entity_src_gen.gene_src_strain                    ? 
_entity_src_gen.gene_src_tissue                    ? 
_entity_src_gen.gene_src_tissue_fraction           ? 
_entity_src_gen.gene_src_details                   ? 
_entity_src_gen.pdbx_gene_src_fragment             ? 
_entity_src_gen.pdbx_gene_src_scientific_name      'Escherichia coli' 
_entity_src_gen.pdbx_gene_src_ncbi_taxonomy_id     562 
_entity_src_gen.pdbx_gene_src_variant              ? 
_entity_src_gen.pdbx_gene_src_cell_line            ? 
_entity_src_gen.pdbx_gene_src_atcc                 ? 
_entity_src_gen.pdbx_gene_src_organ                ? 
_entity_src_gen.pdbx_gene_src_organelle            ? 
_entity_src_gen.pdbx_gene_src_cell                 ? 
_entity_src_gen.pdbx_gene_src_cellular_location    ? 
_entity_src_gen.host_org_common_name               ? 
_entity_src_gen.pdbx_host_org_scientific_name      'Escherichia coli' 
_entity_src_gen.pdbx_host_org_ncbi_taxonomy_id     562 
_entity_src_gen.host_org_genus                     Escherichia 
_entity_src_gen.pdbx_host_org_gene                 ? 
_entity_src_gen.pdbx_host_org_organ                ? 
_entity_src_gen.host_org_species                   ? 
_entity_src_gen.pdbx_host_org_tissue               ? 
_entity_src_gen.pdbx_host_org_tissue_fraction      ? 
_entity_src_gen.pdbx_host_org_strain               ? 
_entity_src_gen.pdbx_host_org_variant              ? 
_entity_src_gen.pdbx_host_org_cell_line            ? 
_entity_src_gen.pdbx_host_org_atcc                 ? 
_entity_src_gen.pdbx_host_org_culture_collection   ? 
_entity_src_gen.pdbx_host_org_cell                 ? 
_entity_src_gen.pdbx_host_org_organelle            ? 
_entity_src_gen.pdbx_host_org_cellular_location    ? 
_entity_src_gen.pdbx_host_org_vector_type          plasmid 
_entity_src_gen.pdbx_host_org_vector               ? 
_entity_src_gen.host_org_details                   ? 
_entity_src_gen.expression_system_id               ? 
_entity_src_gen.plasmid_name                       pET15b 
_entity_src_gen.plasmid_details                    ? 
_entity_src_gen.pdbx_description                   ? 
# 
loop_
_chem_comp.id 
_chem_comp.type 
_chem_comp.mon_nstd_flag 
_chem_comp.name 
_chem_comp.pdbx_synonyms 
_chem_comp.formula 
_chem_comp.formula_weight 
ALA 'L-peptide linking' y ALANINE         ? 'C3 H7 N O2'     89.093  
ARG 'L-peptide linking' y ARGININE        ? 'C6 H15 N4 O2 1' 175.209 
ASN 'L-peptide linking' y ASPARAGINE      ? 'C4 H8 N2 O3'    132.118 
ASP 'L-peptide linking' y 'ASPARTIC ACID' ? 'C4 H7 N O4'     133.103 
CYS 'L-peptide linking' y CYSTEINE        ? 'C3 H7 N O2 S'   121.158 
GLN 'L-peptide linking' y GLUTAMINE       ? 'C5 H10 N2 O3'   146.144 
GLU 'L-peptide linking' y 'GLUTAMIC ACID' ? 'C5 H9 N O4'     147.129 
GLY 'peptide linking'   y GLYCINE         ? 'C2 H5 N O2'     75.067  
HIS 'L-peptide linking' y HISTIDINE       ? 'C6 H10 N3 O2 1' 156.162 
HOH non-polymer         . WATER           ? 'H2 O'           18.015  
ILE 'L-peptide linking' y ISOLEUCINE      ? 'C6 H13 N O2'    131.173 
LEU 'L-peptide linking' y LEUCINE         ? 'C6 H13 N O2'    131.173 
LYS 'L-peptide linking' y LYSINE          ? 'C6 H15 N2 O2 1' 147.195 
MET 'L-peptide linking' y METHIONINE      ? 'C5 H11 N O2 S'  149.211 
PHE 'L-peptide linking' y PHENYLALANINE   ? 'C9 H11 N O2'    165.189 
PO4 non-polymer         . 'PHOSPHATE ION' ? 'O4 P -3'        94.971  
PRO 'L-peptide linking' y PROLINE         ? 'C5 H9 N O2'     115.130 
SER 'L-peptide linking' y SERINE          ? 'C3 H7 N O3'     105.093 
THR 'L-peptide linking' y THREONINE       ? 'C4 H9 N O3'     119.119 
TRP 'L-peptide linking' y TRYPTOPHAN      ? 'C11 H12 N2 O2'  204.225 
TYR 'L-peptide linking' y TYROSINE        ? 'C9 H11 N O3'    181.189 
VAL 'L-peptide linking' y VALINE          ? 'C5 H11 N O2'    117.146 
# 
loop_
_pdbx_poly_seq_scheme.asym_id 
_pdbx_poly_seq_scheme.entity_id 
_pdbx_poly_seq_scheme.seq_id 
_pdbx_poly_seq_scheme.mon_id 
_pdbx_poly_seq_scheme.ndb_seq_num 
_pdbx_poly_seq_scheme.pdb_seq_num 
_pdbx_poly_seq_scheme.auth_seq_num 
_pdbx_poly_seq_scheme.pdb_mon_id 
_pdbx_poly_seq_scheme.auth_mon_id 
_pdbx_poly_seq_scheme.pdb_strand_id 
_pdbx_poly_seq_scheme.pdb_ins_code 
_pdbx_poly_seq_scheme.hetero 
A 1 1   GLY 1   -1  ?   ?   ?   A . n 
A 1 2   HIS 2   0   ?   ?   ?   A . n 
A 1 3   MET 3   1   ?   ?   ?   A . n 
A 1 4   ALA 4   2   ?   ?   ?   A . n 
A 1 5   LEU 5   3   ?   ?   ?   A . n 
A 1 6   SER 6   4   ?   ?   ?   A . n 
A 1 7   SER 7   5   5   SER SER A . n 
A 1 8   LEU 8   6   6   LEU LEU A . n 
A 1 9   ASN 9   7   7   ASN ASN A . n 
A 1 10  ILE 10  8   8   ILE ILE A . n 
A 1 11  ILE 11  9   9   ILE ILE A . n 
A 1 12  HIS 12  10  10  HIS HIS A . n 
A 1 13  ILE 13  11  11  ILE ILE A . n 
A 1 14  ALA 14  12  12  ALA ALA A . n 
A 1 15  ALA 15  13  13  ALA ALA A . n 
A 1 16  PRO 16  14  14  PRO PRO A . n 
A 1 17  HIS 17  15  15  HIS HIS A . n 
A 1 18  LEU 18  16  16  LEU LEU A . n 
A 1 19  GLU 19  17  17  GLU GLU A . n 
A 1 20  ALA 20  18  18  ALA ALA A . n 
A 1 21  LEU 21  19  19  LEU LEU A . n 
A 1 22  ASN 22  20  20  ASN ASN A . n 
A 1 23  ILE 23  21  21  ILE ILE A . n 
A 1 24  ALA 24  22  22  ALA ALA A . n 
A 1 25  THR 25  23  23  THR THR A . n 
A 1 26  GLY 26  24  24  GLY GLY A . n 
A 1 27  GLU 27  25  25  GLU GLU A . n 
A 1 28  THR 28  26  26  THR THR A . n 
A 1 29  ILE 29  27  27  ILE ILE A . n 
A 1 30  ASN 30  28  28  ASN ASN A . n 
A 1 31  PHE 31  29  29  PHE PHE A . n 
A 1 32  SER 32  30  30  SER SER A . n 
A 1 33  SER 33  31  31  SER SER A . n 
A 1 34  ARG 34  32  32  ARG ARG A . n 
A 1 35  GLU 35  33  33  GLU GLU A . n 
A 1 36  ASP 36  34  34  ASP ASP A . n 
A 1 37  ASP 37  35  35  ASP ASP A . n 
A 1 38  HIS 38  36  36  HIS HIS A . n 
A 1 39  ALA 39  37  37  ALA ALA A . n 
A 1 40  ILE 40  38  38  ILE ILE A . n 
A 1 41  LEU 41  39  39  LEU LEU A . n 
A 1 42  ILE 42  40  40  ILE ILE A . n 
A 1 43  TYR 43  41  41  TYR TYR A . n 
A 1 44  LYS 44  42  42  LYS LYS A . n 
A 1 45  LEU 45  43  43  LEU LEU A . n 
A 1 46  GLU 46  44  44  GLU GLU A . n 
A 1 47  PRO 47  45  45  PRO PRO A . n 
A 1 48  THR 48  46  46  THR THR A . n 
A 1 49  THR 49  47  47  THR THR A . n 
A 1 50  GLY 50  48  48  GLY GLY A . n 
A 1 51  MET 51  49  49  MET MET A . n 
A 1 52  LEU 52  50  50  LEU LEU A . n 
A 1 53  ARG 53  51  51  ARG ARG A . n 
A 1 54  THR 54  52  52  THR THR A . n 
A 1 55  ARG 55  53  53  ARG ARG A . n 
A 1 56  ALA 56  54  54  ALA ALA A . n 
A 1 57  TYR 57  55  55  TYR TYR A . n 
A 1 58  ILE 58  56  56  ILE ILE A . n 
A 1 59  GLY 59  57  57  GLY GLY A . n 
A 1 60  GLN 60  58  58  GLN GLN A . n 
A 1 61  HIS 61  59  59  HIS HIS A . n 
A 1 62  MET 62  60  60  MET MET A . n 
A 1 63  PRO 63  61  61  PRO PRO A . n 
A 1 64  LEU 64  62  62  LEU LEU A . n 
A 1 65  TYR 65  63  63  TYR TYR A . n 
A 1 66  CYS 66  64  64  CYS CYS A . n 
A 1 67  SER 67  65  65  SER SER A . n 
A 1 68  ALA 68  66  66  ALA ALA A . n 
A 1 69  MET 69  67  67  MET MET A . n 
A 1 70  GLY 70  68  68  GLY GLY A . n 
A 1 71  LYS 71  69  69  LYS LYS A . n 
A 1 72  ILE 72  70  70  ILE ILE A . n 
A 1 73  TYR 73  71  71  TYR TYR A . n 
A 1 74  MET 74  72  72  MET MET A . n 
A 1 75  ALA 75  73  73  ALA ALA A . n 
A 1 76  PHE 76  74  74  PHE PHE A . n 
A 1 77  GLY 77  75  75  GLY GLY A . n 
A 1 78  HIS 78  76  76  HIS HIS A . n 
A 1 79  PRO 79  77  77  PRO PRO A . n 
A 1 80  ASP 80  78  78  ASP ASP A . n 
A 1 81  TYR 81  79  79  TYR TYR A . n 
A 1 82  VAL 82  80  80  VAL VAL A . n 
A 1 83  LYS 83  81  81  LYS LYS A . n 
A 1 84  SER 84  82  82  SER SER A . n 
A 1 85  TYR 85  83  83  TYR TYR A . n 
A 1 86  TRP 86  84  84  TRP TRP A . n 
A 1 87  GLU 87  85  85  GLU GLU A . n 
A 1 88  SER 88  86  86  SER SER A . n 
A 1 89  HIS 89  87  87  HIS HIS A . n 
A 1 90  GLN 90  88  88  GLN GLN A . n 
A 1 91  HIS 91  89  89  HIS HIS A . n 
A 1 92  GLU 92  90  90  GLU GLU A . n 
A 1 93  ILE 93  91  91  ILE ILE A . n 
A 1 94  GLN 94  92  92  GLN GLN A . n 
A 1 95  PRO 95  93  93  PRO PRO A . n 
A 1 96  LEU 96  94  94  LEU LEU A . n 
A 1 97  THR 97  95  95  THR THR A . n 
A 1 98  ARG 98  96  96  ARG ARG A . n 
A 1 99  ASN 99  97  97  ASN ASN A . n 
A 1 100 THR 100 98  98  THR THR A . n 
A 1 101 ILE 101 99  99  ILE ILE A . n 
A 1 102 THR 102 100 100 THR THR A . n 
A 1 103 GLU 103 101 101 GLU GLU A . n 
A 1 104 LEU 104 102 102 LEU LEU A . n 
A 1 105 PRO 105 103 103 PRO PRO A . n 
A 1 106 ALA 106 104 104 ALA ALA A . n 
A 1 107 MET 107 105 105 MET MET A . n 
A 1 108 PHE 108 106 106 PHE PHE A . n 
A 1 109 ASP 109 107 107 ASP ASP A . n 
A 1 110 GLU 110 108 108 GLU GLU A . n 
A 1 111 LEU 111 109 109 LEU LEU A . n 
A 1 112 ALA 112 110 110 ALA ALA A . n 
A 1 113 HIS 113 111 111 HIS HIS A . n 
A 1 114 ILE 114 112 112 ILE ILE A . n 
A 1 115 ARG 115 113 113 ARG ARG A . n 
A 1 116 GLU 116 114 114 GLU GLU A . n 
A 1 117 SER 117 115 115 SER SER A . n 
A 1 118 GLY 118 116 116 GLY GLY A . n 
A 1 119 ALA 119 117 117 ALA ALA A . n 
A 1 120 ALA 120 118 118 ALA ALA A . n 
A 1 121 MET 121 119 119 MET MET A . n 
A 1 122 ASP 122 120 120 ASP ASP A . n 
A 1 123 ARG 123 121 121 ARG ARG A . n 
A 1 124 GLU 124 122 122 GLU GLU A . n 
A 1 125 GLU 125 123 123 GLU GLU A . n 
A 1 126 ASN 126 124 124 ASN ASN A . n 
A 1 127 GLU 127 125 125 GLU GLU A . n 
A 1 128 LEU 128 126 126 LEU LEU A . n 
A 1 129 GLY 129 127 127 GLY GLY A . n 
A 1 130 VAL 130 128 128 VAL VAL A . n 
A 1 131 SER 131 129 129 SER SER A . n 
A 1 132 CYS 132 130 130 CYS CYS A . n 
A 1 133 ILE 133 131 131 ILE ILE A . n 
A 1 134 ALA 134 132 132 ALA ALA A . n 
A 1 135 VAL 135 133 133 VAL VAL A . n 
A 1 136 PRO 136 134 134 PRO PRO A . n 
A 1 137 VAL 137 135 135 VAL VAL A . n 
A 1 138 PHE 138 136 136 PHE PHE A . n 
A 1 139 ASP 139 137 137 ASP ASP A . n 
A 1 140 ILE 140 138 138 ILE ILE A . n 
A 1 141 HIS 141 139 139 HIS HIS A . n 
A 1 142 GLY 142 140 140 GLY GLY A . n 
A 1 143 ARG 143 141 141 ARG ARG A . n 
A 1 144 VAL 144 142 142 VAL VAL A . n 
A 1 145 PRO 145 143 143 PRO PRO A . n 
A 1 146 TYR 146 144 144 TYR TYR A . n 
A 1 147 ALA 147 145 145 ALA ALA A . n 
A 1 148 VAL 148 146 146 VAL VAL A . n 
A 1 149 SER 149 147 147 SER SER A . n 
A 1 150 ILE 150 148 148 ILE ILE A . n 
A 1 151 SER 151 149 149 SER SER A . n 
A 1 152 LEU 152 150 150 LEU LEU A . n 
A 1 153 SER 153 151 151 SER SER A . n 
A 1 154 THR 154 152 152 THR THR A . n 
A 1 155 SER 155 153 153 SER SER A . n 
A 1 156 ARG 156 154 154 ARG ARG A . n 
A 1 157 LEU 157 155 155 LEU LEU A . n 
A 1 158 LYS 158 156 156 LYS LYS A . n 
A 1 159 GLN 159 157 157 GLN GLN A . n 
A 1 160 VAL 160 158 158 VAL VAL A . n 
A 1 161 GLY 161 159 159 GLY GLY A . n 
A 1 162 GLU 162 160 160 GLU GLU A . n 
A 1 163 LYS 163 161 161 LYS LYS A . n 
A 1 164 ASN 164 162 162 ASN ASN A . n 
A 1 165 LEU 165 163 163 LEU LEU A . n 
A 1 166 LEU 166 164 164 LEU LEU A . n 
A 1 167 LYS 167 165 165 LYS LYS A . n 
A 1 168 PRO 168 166 166 PRO PRO A . n 
A 1 169 LEU 169 167 167 LEU LEU A . n 
A 1 170 ARG 170 168 168 ARG ARG A . n 
A 1 171 GLU 171 169 169 GLU GLU A . n 
A 1 172 THR 172 170 170 THR THR A . n 
A 1 173 ALA 173 171 171 ALA ALA A . n 
A 1 174 GLN 174 172 172 GLN GLN A . n 
A 1 175 ALA 175 173 173 ALA ALA A . n 
A 1 176 ILE 176 174 174 ILE ILE A . n 
A 1 177 SER 177 175 175 SER SER A . n 
A 1 178 ASN 178 176 176 ASN ASN A . n 
A 1 179 GLU 179 177 177 GLU GLU A . n 
A 1 180 LEU 180 178 178 LEU LEU A . n 
A 1 181 GLY 181 179 179 GLY GLY A . n 
A 1 182 PHE 182 180 180 PHE PHE A . n 
A 1 183 THR 183 181 181 THR THR A . n 
A 1 184 VAL 184 182 ?   ?   ?   A . n 
A 1 185 ARG 185 183 ?   ?   ?   A . n 
A 1 186 ASP 186 184 ?   ?   ?   A . n 
A 1 187 ASP 187 185 ?   ?   ?   A . n 
A 1 188 LEU 188 186 ?   ?   ?   A . n 
A 1 189 GLY 189 187 ?   ?   ?   A . n 
A 1 190 ALA 190 188 188 ALA ALA A . n 
A 1 191 ILE 191 189 189 ILE ILE A . n 
A 1 192 THR 192 190 190 THR THR A . n 
A 1 193 GLY 193 191 191 GLY GLY A . n 
# 
loop_
_pdbx_nonpoly_scheme.asym_id 
_pdbx_nonpoly_scheme.entity_id 
_pdbx_nonpoly_scheme.mon_id 
_pdbx_nonpoly_scheme.ndb_seq_num 
_pdbx_nonpoly_scheme.pdb_seq_num 
_pdbx_nonpoly_scheme.auth_seq_num 
_pdbx_nonpoly_scheme.pdb_mon_id 
_pdbx_nonpoly_scheme.auth_mon_id 
_pdbx_nonpoly_scheme.pdb_strand_id 
_pdbx_nonpoly_scheme.pdb_ins_code 
B 2 PO4 1   301 301 PO4 PO4 A . 
C 2 PO4 1   302 302 PO4 PO4 A . 
D 2 PO4 1   303 303 PO4 PO4 A . 
E 3 HOH 1   304 1   HOH HOH A . 
E 3 HOH 2   305 2   HOH HOH A . 
E 3 HOH 3   306 3   HOH HOH A . 
E 3 HOH 4   307 4   HOH HOH A . 
E 3 HOH 5   308 5   HOH HOH A . 
E 3 HOH 6   309 6   HOH HOH A . 
E 3 HOH 7   310 7   HOH HOH A . 
E 3 HOH 8   311 8   HOH HOH A . 
E 3 HOH 9   312 9   HOH HOH A . 
E 3 HOH 10  313 11  HOH HOH A . 
E 3 HOH 11  314 12  HOH HOH A . 
E 3 HOH 12  315 13  HOH HOH A . 
E 3 HOH 13  316 14  HOH HOH A . 
E 3 HOH 14  317 15  HOH HOH A . 
E 3 HOH 15  318 16  HOH HOH A . 
E 3 HOH 16  319 18  HOH HOH A . 
E 3 HOH 17  320 19  HOH HOH A . 
E 3 HOH 18  321 20  HOH HOH A . 
E 3 HOH 19  322 21  HOH HOH A . 
E 3 HOH 20  323 22  HOH HOH A . 
E 3 HOH 21  324 23  HOH HOH A . 
E 3 HOH 22  325 24  HOH HOH A . 
E 3 HOH 23  326 25  HOH HOH A . 
E 3 HOH 24  327 26  HOH HOH A . 
E 3 HOH 25  328 27  HOH HOH A . 
E 3 HOH 26  329 28  HOH HOH A . 
E 3 HOH 27  330 29  HOH HOH A . 
E 3 HOH 28  331 30  HOH HOH A . 
E 3 HOH 29  332 31  HOH HOH A . 
E 3 HOH 30  333 32  HOH HOH A . 
E 3 HOH 31  334 33  HOH HOH A . 
E 3 HOH 32  335 34  HOH HOH A . 
E 3 HOH 33  336 35  HOH HOH A . 
E 3 HOH 34  337 36  HOH HOH A . 
E 3 HOH 35  338 37  HOH HOH A . 
E 3 HOH 36  339 38  HOH HOH A . 
E 3 HOH 37  340 39  HOH HOH A . 
E 3 HOH 38  341 40  HOH HOH A . 
E 3 HOH 39  342 41  HOH HOH A . 
E 3 HOH 40  343 42  HOH HOH A . 
E 3 HOH 41  344 43  HOH HOH A . 
E 3 HOH 42  345 44  HOH HOH A . 
E 3 HOH 43  346 45  HOH HOH A . 
E 3 HOH 44  347 46  HOH HOH A . 
E 3 HOH 45  348 47  HOH HOH A . 
E 3 HOH 46  349 48  HOH HOH A . 
E 3 HOH 47  350 50  HOH HOH A . 
E 3 HOH 48  351 51  HOH HOH A . 
E 3 HOH 49  352 52  HOH HOH A . 
E 3 HOH 50  353 53  HOH HOH A . 
E 3 HOH 51  354 54  HOH HOH A . 
E 3 HOH 52  355 55  HOH HOH A . 
E 3 HOH 53  356 56  HOH HOH A . 
E 3 HOH 54  357 57  HOH HOH A . 
E 3 HOH 55  358 58  HOH HOH A . 
E 3 HOH 56  359 59  HOH HOH A . 
E 3 HOH 57  360 60  HOH HOH A . 
E 3 HOH 58  361 61  HOH HOH A . 
E 3 HOH 59  362 62  HOH HOH A . 
E 3 HOH 60  363 63  HOH HOH A . 
E 3 HOH 61  364 64  HOH HOH A . 
E 3 HOH 62  365 65  HOH HOH A . 
E 3 HOH 63  366 66  HOH HOH A . 
E 3 HOH 64  367 67  HOH HOH A . 
E 3 HOH 65  368 68  HOH HOH A . 
E 3 HOH 66  369 69  HOH HOH A . 
E 3 HOH 67  370 70  HOH HOH A . 
E 3 HOH 68  371 71  HOH HOH A . 
E 3 HOH 69  372 72  HOH HOH A . 
E 3 HOH 70  373 73  HOH HOH A . 
E 3 HOH 71  374 74  HOH HOH A . 
E 3 HOH 72  375 75  HOH HOH A . 
E 3 HOH 73  376 76  HOH HOH A . 
E 3 HOH 74  377 77  HOH HOH A . 
E 3 HOH 75  378 78  HOH HOH A . 
E 3 HOH 76  379 79  HOH HOH A . 
E 3 HOH 77  380 80  HOH HOH A . 
E 3 HOH 78  381 81  HOH HOH A . 
E 3 HOH 79  382 82  HOH HOH A . 
E 3 HOH 80  383 83  HOH HOH A . 
E 3 HOH 81  384 84  HOH HOH A . 
E 3 HOH 82  385 85  HOH HOH A . 
E 3 HOH 83  386 86  HOH HOH A . 
E 3 HOH 84  387 87  HOH HOH A . 
E 3 HOH 85  388 88  HOH HOH A . 
E 3 HOH 86  389 89  HOH HOH A . 
E 3 HOH 87  390 90  HOH HOH A . 
E 3 HOH 88  391 91  HOH HOH A . 
E 3 HOH 89  392 92  HOH HOH A . 
E 3 HOH 90  393 93  HOH HOH A . 
E 3 HOH 91  394 94  HOH HOH A . 
E 3 HOH 92  395 95  HOH HOH A . 
E 3 HOH 93  396 96  HOH HOH A . 
E 3 HOH 94  397 97  HOH HOH A . 
E 3 HOH 95  398 98  HOH HOH A . 
E 3 HOH 96  399 99  HOH HOH A . 
E 3 HOH 97  400 100 HOH HOH A . 
E 3 HOH 98  401 101 HOH HOH A . 
E 3 HOH 99  402 102 HOH HOH A . 
E 3 HOH 100 403 103 HOH HOH A . 
E 3 HOH 101 404 104 HOH HOH A . 
E 3 HOH 102 405 105 HOH HOH A . 
E 3 HOH 103 406 106 HOH HOH A . 
E 3 HOH 104 407 107 HOH HOH A . 
E 3 HOH 105 408 108 HOH HOH A . 
E 3 HOH 106 409 109 HOH HOH A . 
E 3 HOH 107 410 110 HOH HOH A . 
E 3 HOH 108 411 111 HOH HOH A . 
E 3 HOH 109 412 112 HOH HOH A . 
E 3 HOH 110 413 113 HOH HOH A . 
E 3 HOH 111 414 114 HOH HOH A . 
E 3 HOH 112 415 115 HOH HOH A . 
E 3 HOH 113 416 116 HOH HOH A . 
E 3 HOH 114 417 117 HOH HOH A . 
E 3 HOH 115 418 118 HOH HOH A . 
E 3 HOH 116 419 119 HOH HOH A . 
E 3 HOH 117 420 120 HOH HOH A . 
E 3 HOH 118 421 121 HOH HOH A . 
E 3 HOH 119 422 123 HOH HOH A . 
E 3 HOH 120 423 124 HOH HOH A . 
E 3 HOH 121 424 125 HOH HOH A . 
E 3 HOH 122 425 126 HOH HOH A . 
# 
loop_
_software.name 
_software.classification 
_software.version 
_software.citation_id 
_software.pdbx_ordinal 
REFMAC       refinement       5.1.24     ? 1 
CrystalClear 'data reduction' .          ? 2 
CrystalClear 'data scaling'   '(d*trek)' ? 3 
AMoRE        phasing          .          ? 4 
# 
_cell.entry_id           1YSQ 
_cell.length_a           65.510 
_cell.length_b           65.510 
_cell.length_c           88.940 
_cell.angle_alpha        90.00 
_cell.angle_beta         90.00 
_cell.angle_gamma        120.00 
_cell.Z_PDB              6 
_cell.pdbx_unique_axis   ? 
_cell.length_a_esd       ? 
_cell.length_b_esd       ? 
_cell.length_c_esd       ? 
_cell.angle_alpha_esd    ? 
_cell.angle_beta_esd     ? 
_cell.angle_gamma_esd    ? 
# 
_symmetry.entry_id                         1YSQ 
_symmetry.space_group_name_H-M             'P 31 2 1' 
_symmetry.pdbx_full_space_group_name_H-M   ? 
_symmetry.cell_setting                     ? 
_symmetry.Int_Tables_number                152 
_symmetry.space_group_name_Hall            ? 
# 
_exptl.entry_id          1YSQ 
_exptl.method            'X-RAY DIFFRACTION' 
_exptl.crystals_number   1 
# 
_exptl_crystal.id                    1 
_exptl_crystal.density_meas          ? 
_exptl_crystal.density_Matthews      2.8 
_exptl_crystal.density_percent_sol   55 
_exptl_crystal.description           ? 
_exptl_crystal.F_000                 ? 
_exptl_crystal.preparation           ? 
# 
_exptl_crystal_grow.crystal_id      1 
_exptl_crystal_grow.method          'VAPOR DIFFUSION, HANGING DROP' 
_exptl_crystal_grow.temp            297 
_exptl_crystal_grow.temp_details    ? 
_exptl_crystal_grow.pH              4.6 
_exptl_crystal_grow.pdbx_details    '8% PEG8K, 0.1M NA Acetate, pH 4.6, VAPOR DIFFUSION, HANGING DROP, temperature 297K' 
_exptl_crystal_grow.pdbx_pH_range   . 
# 
_diffrn.id                     1 
_diffrn.ambient_temp           100 
_diffrn.ambient_temp_details   ? 
_diffrn.crystal_id             1 
# 
_diffrn_detector.diffrn_id              1 
_diffrn_detector.detector               'IMAGE PLATE' 
_diffrn_detector.type                   'RIGAKU RAXIS IV' 
_diffrn_detector.pdbx_collection_date   2003-11-10 
_diffrn_detector.details                ? 
# 
_diffrn_radiation.diffrn_id                        1 
_diffrn_radiation.wavelength_id                    1 
_diffrn_radiation.pdbx_monochromatic_or_laue_m_l   M 
_diffrn_radiation.monochromator                    ? 
_diffrn_radiation.pdbx_diffrn_protocol             'SINGLE WAVELENGTH' 
_diffrn_radiation.pdbx_scattering_type             x-ray 
# 
_diffrn_radiation_wavelength.id           1 
_diffrn_radiation_wavelength.wavelength   1.54 
_diffrn_radiation_wavelength.wt           1.0 
# 
_diffrn_source.diffrn_id                   1 
_diffrn_source.source                      'ROTATING ANODE' 
_diffrn_source.type                        RIGAKU 
_diffrn_source.pdbx_synchrotron_site       ? 
_diffrn_source.pdbx_synchrotron_beamline   ? 
_diffrn_source.pdbx_wavelength             1.54 
_diffrn_source.pdbx_wavelength_list        1.54 
# 
_reflns.entry_id                     1YSQ 
_reflns.observed_criterion_sigma_F   0 
_reflns.observed_criterion_sigma_I   0 
_reflns.d_resolution_high            1.75 
_reflns.d_resolution_low             20 
_reflns.number_all                   20550 
_reflns.number_obs                   20550 
_reflns.percent_possible_obs         90.16 
_reflns.pdbx_Rmerge_I_obs            ? 
_reflns.pdbx_Rsym_value              ? 
_reflns.pdbx_netI_over_sigmaI        ? 
_reflns.B_iso_Wilson_estimate        ? 
_reflns.pdbx_redundancy              ? 
_reflns.R_free_details               ? 
_reflns.limit_h_max                  ? 
_reflns.limit_h_min                  ? 
_reflns.limit_k_max                  ? 
_reflns.limit_k_min                  ? 
_reflns.limit_l_max                  ? 
_reflns.limit_l_min                  ? 
_reflns.observed_criterion_F_max     ? 
_reflns.observed_criterion_F_min     ? 
_reflns.pdbx_chi_squared             ? 
_reflns.pdbx_scaling_rejects         ? 
_reflns.pdbx_ordinal                 1 
_reflns.pdbx_diffrn_id               1 
# 
_reflns_shell.d_res_high             1.750 
_reflns_shell.d_res_low              1.795 
_reflns_shell.percent_possible_all   75 
_reflns_shell.Rmerge_I_obs           ? 
_reflns_shell.pdbx_Rsym_value        ? 
_reflns_shell.meanI_over_sigI_obs    ? 
_reflns_shell.pdbx_redundancy        ? 
_reflns_shell.percent_possible_obs   ? 
_reflns_shell.number_unique_all      ? 
_reflns_shell.number_measured_all    ? 
_reflns_shell.number_measured_obs    ? 
_reflns_shell.number_unique_obs      ? 
_reflns_shell.pdbx_chi_squared       ? 
_reflns_shell.pdbx_ordinal           1 
_reflns_shell.pdbx_diffrn_id         1 
# 
_refine.entry_id                                 1YSQ 
_refine.ls_number_reflns_obs                     19496 
_refine.ls_number_reflns_all                     19496 
_refine.pdbx_ls_sigma_I                          ? 
_refine.pdbx_ls_sigma_F                          0 
_refine.pdbx_data_cutoff_high_absF               ? 
_refine.pdbx_data_cutoff_low_absF                ? 
_refine.pdbx_data_cutoff_high_rms_absF           ? 
_refine.ls_d_res_low                             20.00 
_refine.ls_d_res_high                            1.75 
_refine.ls_percent_reflns_obs                    90.16 
_refine.ls_R_factor_obs                          0.19464 
_refine.ls_R_factor_all                          0.19464 
_refine.ls_R_factor_R_work                       0.19396 
_refine.ls_R_factor_R_free                       0.20748 
_refine.ls_R_factor_R_free_error                 ? 
_refine.ls_R_factor_R_free_error_details         ? 
_refine.ls_percent_reflns_R_free                 5.1 
_refine.ls_number_reflns_R_free                  1054 
_refine.ls_number_parameters                     ? 
_refine.ls_number_restraints                     ? 
_refine.occupancy_min                            ? 
_refine.occupancy_max                            ? 
_refine.correlation_coeff_Fo_to_Fc               0.954 
_refine.correlation_coeff_Fo_to_Fc_free          0.949 
_refine.B_iso_mean                               27.068 
_refine.aniso_B[1][1]                            0.68 
_refine.aniso_B[2][2]                            0.68 
_refine.aniso_B[3][3]                            -1.02 
_refine.aniso_B[1][2]                            0.34 
_refine.aniso_B[1][3]                            0.00 
_refine.aniso_B[2][3]                            0.00 
_refine.solvent_model_details                    'BABINET MODEL WITH MASK' 
_refine.solvent_model_param_ksol                 ? 
_refine.solvent_model_param_bsol                 ? 
_refine.pdbx_solvent_vdw_probe_radii             1.40 
_refine.pdbx_solvent_ion_probe_radii             0.80 
_refine.pdbx_solvent_shrinkage_radii             0.80 
_refine.pdbx_ls_cross_valid_method               THROUGHOUT 
_refine.details                                  ? 
_refine.pdbx_starting_model                      ? 
_refine.pdbx_method_to_determine_struct          'MOLECULAR REPLACEMENT' 
_refine.pdbx_isotropic_thermal_model             ? 
_refine.pdbx_stereochemistry_target_values       'MAXIMUM LIKELIHOOD' 
_refine.pdbx_stereochem_target_val_spec_case     ? 
_refine.pdbx_R_Free_selection_details            RANDOM 
_refine.pdbx_overall_ESU_R                       0.122 
_refine.pdbx_overall_ESU_R_Free                  0.108 
_refine.overall_SU_ML                            0.075 
_refine.overall_SU_B                             2.490 
_refine.ls_redundancy_reflns_obs                 ? 
_refine.B_iso_min                                ? 
_refine.B_iso_max                                ? 
_refine.overall_SU_R_Cruickshank_DPI             ? 
_refine.overall_SU_R_free                        ? 
_refine.ls_wR_factor_R_free                      ? 
_refine.ls_wR_factor_R_work                      ? 
_refine.overall_FOM_free_R_set                   ? 
_refine.overall_FOM_work_R_set                   ? 
_refine.pdbx_refine_id                           'X-RAY DIFFRACTION' 
_refine.pdbx_overall_phase_error                 ? 
_refine.pdbx_diffrn_id                           1 
_refine.pdbx_TLS_residual_ADP_flag               ? 
_refine.pdbx_overall_SU_R_free_Cruickshank_DPI   ? 
_refine.pdbx_overall_SU_R_Blow_DPI               ? 
_refine.pdbx_overall_SU_R_free_Blow_DPI          ? 
# 
_refine_hist.pdbx_refine_id                   'X-RAY DIFFRACTION' 
_refine_hist.cycle_id                         LAST 
_refine_hist.pdbx_number_atoms_protein        1415 
_refine_hist.pdbx_number_atoms_nucleic_acid   0 
_refine_hist.pdbx_number_atoms_ligand         15 
_refine_hist.number_atoms_solvent             122 
_refine_hist.number_atoms_total               1552 
_refine_hist.d_res_high                       1.75 
_refine_hist.d_res_low                        20.00 
# 
loop_
_refine_ls_restr.type 
_refine_ls_restr.dev_ideal 
_refine_ls_restr.dev_ideal_target 
_refine_ls_restr.weight 
_refine_ls_restr.number 
_refine_ls_restr.pdbx_refine_id 
_refine_ls_restr.pdbx_restraint_function 
r_bond_refined_d             0.020 0.021 ? 1457 'X-RAY DIFFRACTION' ? 
r_bond_other_d               ?     ?     ? ?    'X-RAY DIFFRACTION' ? 
r_angle_refined_deg          1.291 1.959 ? 1977 'X-RAY DIFFRACTION' ? 
r_angle_other_deg            ?     ?     ? ?    'X-RAY DIFFRACTION' ? 
r_dihedral_angle_1_deg       5.156 5.000 ? 179  'X-RAY DIFFRACTION' ? 
r_dihedral_angle_2_deg       ?     ?     ? ?    'X-RAY DIFFRACTION' ? 
r_dihedral_angle_3_deg       ?     ?     ? ?    'X-RAY DIFFRACTION' ? 
r_dihedral_angle_4_deg       ?     ?     ? ?    'X-RAY DIFFRACTION' ? 
r_chiral_restr               0.080 0.200 ? 223  'X-RAY DIFFRACTION' ? 
r_gen_planes_refined         0.005 0.020 ? 1084 'X-RAY DIFFRACTION' ? 
r_gen_planes_other           ?     ?     ? ?    'X-RAY DIFFRACTION' ? 
r_nbd_refined                0.200 0.200 ? 684  'X-RAY DIFFRACTION' ? 
r_nbd_other                  ?     ?     ? ?    'X-RAY DIFFRACTION' ? 
r_nbtor_refined              ?     ?     ? ?    'X-RAY DIFFRACTION' ? 
r_nbtor_other                ?     ?     ? ?    'X-RAY DIFFRACTION' ? 
r_xyhbond_nbd_refined        0.156 0.200 ? 118  'X-RAY DIFFRACTION' ? 
r_xyhbond_nbd_other          ?     ?     ? ?    'X-RAY DIFFRACTION' ? 
r_metal_ion_refined          ?     ?     ? ?    'X-RAY DIFFRACTION' ? 
r_metal_ion_other            ?     ?     ? ?    'X-RAY DIFFRACTION' ? 
r_symmetry_vdw_refined       0.167 0.200 ? 50   'X-RAY DIFFRACTION' ? 
r_symmetry_vdw_other         ?     ?     ? ?    'X-RAY DIFFRACTION' ? 
r_symmetry_hbond_refined     0.145 0.200 ? 14   'X-RAY DIFFRACTION' ? 
r_symmetry_hbond_other       ?     ?     ? ?    'X-RAY DIFFRACTION' ? 
r_symmetry_metal_ion_refined ?     ?     ? ?    'X-RAY DIFFRACTION' ? 
r_symmetry_metal_ion_other   ?     ?     ? ?    'X-RAY DIFFRACTION' ? 
r_mcbond_it                  0.664 1.500 ? 901  'X-RAY DIFFRACTION' ? 
r_mcbond_other               ?     ?     ? ?    'X-RAY DIFFRACTION' ? 
r_mcangle_it                 1.366 2.000 ? 1455 'X-RAY DIFFRACTION' ? 
r_scbond_it                  2.873 3.000 ? 556  'X-RAY DIFFRACTION' ? 
r_scangle_it                 3.855 4.500 ? 522  'X-RAY DIFFRACTION' ? 
r_rigid_bond_restr           ?     ?     ? ?    'X-RAY DIFFRACTION' ? 
r_sphericity_free            ?     ?     ? ?    'X-RAY DIFFRACTION' ? 
r_sphericity_bonded          ?     ?     ? ?    'X-RAY DIFFRACTION' ? 
# 
_refine_ls_shell.pdbx_total_number_of_bins_used   20 
_refine_ls_shell.d_res_high                       1.750 
_refine_ls_shell.d_res_low                        1.795 
_refine_ls_shell.number_reflns_R_work             769 
_refine_ls_shell.R_factor_R_work                  0.397 
_refine_ls_shell.percent_reflns_obs               ? 
_refine_ls_shell.R_factor_R_free                  0.385 
_refine_ls_shell.R_factor_R_free_error            ? 
_refine_ls_shell.percent_reflns_R_free            ? 
_refine_ls_shell.number_reflns_R_free             43 
_refine_ls_shell.number_reflns_obs                ? 
_refine_ls_shell.redundancy_reflns_obs            ? 
_refine_ls_shell.number_reflns_all                ? 
_refine_ls_shell.R_factor_all                     ? 
_refine_ls_shell.pdbx_refine_id                   'X-RAY DIFFRACTION' 
# 
_struct.entry_id                  1YSQ 
_struct.title                     'The crystal structure of transcriptional regulator YaiJ' 
_struct.pdbx_model_details        ? 
_struct.pdbx_CASP_flag            ? 
_struct.pdbx_model_type_details   ? 
# 
_struct_keywords.entry_id        1YSQ 
_struct_keywords.pdbx_keywords   'GENE REGULATION' 
_struct_keywords.text            
;transcriptional regulator, YaiJ, IclR, Structural Genomics, PSI, Protein Structure Initiative, Midwest Center for Structural Genomics, MCSG, GENE REGULATION
;
# 
loop_
_struct_asym.id 
_struct_asym.pdbx_blank_PDB_chainid_flag 
_struct_asym.pdbx_modified 
_struct_asym.entity_id 
_struct_asym.details 
A N N 1 ? 
B N N 2 ? 
C N N 2 ? 
D N N 2 ? 
E N N 3 ? 
# 
_struct_ref.id                         1 
_struct_ref.db_name                    UNP 
_struct_ref.db_code                    YIAJ_ECOLI 
_struct_ref.pdbx_db_accession          P37671 
_struct_ref.entity_id                  1 
_struct_ref.pdbx_seq_one_letter_code   
;ALSSLNIIHIAAPHLEALNIATGETINFSSREDDHAILIYKLEPTTGMLRTRAYIGQHMPLYCSAMGKIYMAFGHPDYVK
SYWESHQHEIQPLTRNTITELPAMFDELAHIRESGAAMDREENELGVSCIAVPVFDIHGRVPYAVSISLSTSRLKQVGEK
NLLKPLRETAQAISNELGFTVRDDLGAIT
;
_struct_ref.pdbx_align_begin           94 
_struct_ref.pdbx_db_isoform            ? 
# 
_struct_ref_seq.align_id                      1 
_struct_ref_seq.ref_id                        1 
_struct_ref_seq.pdbx_PDB_id_code              1YSQ 
_struct_ref_seq.pdbx_strand_id                A 
_struct_ref_seq.seq_align_beg                 4 
_struct_ref_seq.pdbx_seq_align_beg_ins_code   ? 
_struct_ref_seq.seq_align_end                 192 
_struct_ref_seq.pdbx_seq_align_end_ins_code   ? 
_struct_ref_seq.pdbx_db_accession             P37671 
_struct_ref_seq.db_align_beg                  94 
_struct_ref_seq.pdbx_db_align_beg_ins_code    ? 
_struct_ref_seq.db_align_end                  282 
_struct_ref_seq.pdbx_db_align_end_ins_code    ? 
_struct_ref_seq.pdbx_auth_seq_align_beg       2 
_struct_ref_seq.pdbx_auth_seq_align_end       190 
# 
loop_
_struct_ref_seq_dif.align_id 
_struct_ref_seq_dif.pdbx_pdb_id_code 
_struct_ref_seq_dif.mon_id 
_struct_ref_seq_dif.pdbx_pdb_strand_id 
_struct_ref_seq_dif.seq_num 
_struct_ref_seq_dif.pdbx_pdb_ins_code 
_struct_ref_seq_dif.pdbx_seq_db_name 
_struct_ref_seq_dif.pdbx_seq_db_accession_code 
_struct_ref_seq_dif.db_mon_id 
_struct_ref_seq_dif.pdbx_seq_db_seq_num 
_struct_ref_seq_dif.details 
_struct_ref_seq_dif.pdbx_auth_seq_num 
_struct_ref_seq_dif.pdbx_ordinal 
1 1YSQ GLY A 1   ? UNP P37671 ? ? 'cloning artifact' -1  1 
1 1YSQ HIS A 2   ? UNP P37671 ? ? 'cloning artifact' 0   2 
1 1YSQ MET A 3   ? UNP P37671 ? ? 'cloning artifact' 1   3 
1 1YSQ GLY A 193 ? UNP P37671 ? ? 'cloning artifact' 191 4 
# 
_pdbx_struct_assembly.id                   1 
_pdbx_struct_assembly.details              author_defined_assembly 
_pdbx_struct_assembly.method_details       ? 
_pdbx_struct_assembly.oligomeric_details   monomeric 
_pdbx_struct_assembly.oligomeric_count     1 
# 
_pdbx_struct_assembly_gen.assembly_id       1 
_pdbx_struct_assembly_gen.oper_expression   1 
_pdbx_struct_assembly_gen.asym_id_list      A,B,C,D,E 
# 
_pdbx_struct_oper_list.id                   1 
_pdbx_struct_oper_list.type                 'identity operation' 
_pdbx_struct_oper_list.name                 1_555 
_pdbx_struct_oper_list.symmetry_operation   x,y,z 
_pdbx_struct_oper_list.matrix[1][1]         1.0000000000 
_pdbx_struct_oper_list.matrix[1][2]         0.0000000000 
_pdbx_struct_oper_list.matrix[1][3]         0.0000000000 
_pdbx_struct_oper_list.vector[1]            0.0000000000 
_pdbx_struct_oper_list.matrix[2][1]         0.0000000000 
_pdbx_struct_oper_list.matrix[2][2]         1.0000000000 
_pdbx_struct_oper_list.matrix[2][3]         0.0000000000 
_pdbx_struct_oper_list.vector[2]            0.0000000000 
_pdbx_struct_oper_list.matrix[3][1]         0.0000000000 
_pdbx_struct_oper_list.matrix[3][2]         0.0000000000 
_pdbx_struct_oper_list.matrix[3][3]         1.0000000000 
_pdbx_struct_oper_list.vector[3]            0.0000000000 
# 
_struct_biol.id        1 
_struct_biol.details   ? 
# 
loop_
_struct_conf.conf_type_id 
_struct_conf.id 
_struct_conf.pdbx_PDB_helix_id 
_struct_conf.beg_label_comp_id 
_struct_conf.beg_label_asym_id 
_struct_conf.beg_label_seq_id 
_struct_conf.pdbx_beg_PDB_ins_code 
_struct_conf.end_label_comp_id 
_struct_conf.end_label_asym_id 
_struct_conf.end_label_seq_id 
_struct_conf.pdbx_end_PDB_ins_code 
_struct_conf.beg_auth_comp_id 
_struct_conf.beg_auth_asym_id 
_struct_conf.beg_auth_seq_id 
_struct_conf.end_auth_comp_id 
_struct_conf.end_auth_asym_id 
_struct_conf.end_auth_seq_id 
_struct_conf.pdbx_PDB_helix_class 
_struct_conf.details 
_struct_conf.pdbx_PDB_helix_length 
HELX_P HELX_P1 1 SER A 7   ? GLY A 26  ? SER A 5   GLY A 24  1 ? 20 
HELX_P HELX_P2 2 SER A 67  ? PHE A 76  ? SER A 65  PHE A 74  1 ? 10 
HELX_P HELX_P3 3 HIS A 78  ? HIS A 89  ? HIS A 76  HIS A 87  1 ? 12 
HELX_P HELX_P4 4 GLU A 103 ? GLY A 118 ? GLU A 101 GLY A 116 1 ? 16 
HELX_P HELX_P5 5 THR A 154 ? GLY A 161 ? THR A 152 GLY A 159 1 ? 8  
HELX_P HELX_P6 6 GLY A 161 ? THR A 183 ? GLY A 159 THR A 181 1 ? 23 
# 
_struct_conf_type.id          HELX_P 
_struct_conf_type.criteria    ? 
_struct_conf_type.reference   ? 
# 
_struct_sheet.id               A 
_struct_sheet.type             ? 
_struct_sheet.number_strands   6 
_struct_sheet.details          ? 
# 
loop_
_struct_sheet_order.sheet_id 
_struct_sheet_order.range_id_1 
_struct_sheet_order.range_id_2 
_struct_sheet_order.offset 
_struct_sheet_order.sense 
A 1 2 ? anti-parallel 
A 2 3 ? anti-parallel 
A 3 4 ? anti-parallel 
A 4 5 ? anti-parallel 
A 5 6 ? anti-parallel 
# 
loop_
_struct_sheet_range.sheet_id 
_struct_sheet_range.id 
_struct_sheet_range.beg_label_comp_id 
_struct_sheet_range.beg_label_asym_id 
_struct_sheet_range.beg_label_seq_id 
_struct_sheet_range.pdbx_beg_PDB_ins_code 
_struct_sheet_range.end_label_comp_id 
_struct_sheet_range.end_label_asym_id 
_struct_sheet_range.end_label_seq_id 
_struct_sheet_range.pdbx_end_PDB_ins_code 
_struct_sheet_range.beg_auth_comp_id 
_struct_sheet_range.beg_auth_asym_id 
_struct_sheet_range.beg_auth_seq_id 
_struct_sheet_range.end_auth_comp_id 
_struct_sheet_range.end_auth_asym_id 
_struct_sheet_range.end_auth_seq_id 
A 1 HIS A 61  ? PRO A 63  ? HIS A 59  PRO A 61  
A 2 HIS A 38  ? LEU A 45  ? HIS A 36  LEU A 43  
A 3 THR A 28  ? GLU A 35  ? THR A 26  GLU A 33  
A 4 TYR A 146 ? SER A 153 ? TYR A 144 SER A 151 
A 5 VAL A 130 ? VAL A 137 ? VAL A 128 VAL A 135 
A 6 ALA A 120 ? ARG A 123 ? ALA A 118 ARG A 121 
# 
loop_
_pdbx_struct_sheet_hbond.sheet_id 
_pdbx_struct_sheet_hbond.range_id_1 
_pdbx_struct_sheet_hbond.range_id_2 
_pdbx_struct_sheet_hbond.range_1_label_atom_id 
_pdbx_struct_sheet_hbond.range_1_label_comp_id 
_pdbx_struct_sheet_hbond.range_1_label_asym_id 
_pdbx_struct_sheet_hbond.range_1_label_seq_id 
_pdbx_struct_sheet_hbond.range_1_PDB_ins_code 
_pdbx_struct_sheet_hbond.range_1_auth_atom_id 
_pdbx_struct_sheet_hbond.range_1_auth_comp_id 
_pdbx_struct_sheet_hbond.range_1_auth_asym_id 
_pdbx_struct_sheet_hbond.range_1_auth_seq_id 
_pdbx_struct_sheet_hbond.range_2_label_atom_id 
_pdbx_struct_sheet_hbond.range_2_label_comp_id 
_pdbx_struct_sheet_hbond.range_2_label_asym_id 
_pdbx_struct_sheet_hbond.range_2_label_seq_id 
_pdbx_struct_sheet_hbond.range_2_PDB_ins_code 
_pdbx_struct_sheet_hbond.range_2_auth_atom_id 
_pdbx_struct_sheet_hbond.range_2_auth_comp_id 
_pdbx_struct_sheet_hbond.range_2_auth_asym_id 
_pdbx_struct_sheet_hbond.range_2_auth_seq_id 
A 1 2 O MET A 62  ? O MET A 60  N ALA A 39  ? N ALA A 37  
A 2 3 O ILE A 40  ? O ILE A 38  N SER A 33  ? N SER A 31  
A 3 4 N ASN A 30  ? N ASN A 28  O SER A 149 ? O SER A 147 
A 4 5 O LEU A 152 ? O LEU A 150 N SER A 131 ? N SER A 129 
A 5 6 O ALA A 134 ? O ALA A 132 N ALA A 120 ? N ALA A 118 
# 
loop_
_struct_site.id 
_struct_site.pdbx_evidence_code 
_struct_site.pdbx_auth_asym_id 
_struct_site.pdbx_auth_comp_id 
_struct_site.pdbx_auth_seq_id 
_struct_site.pdbx_auth_ins_code 
_struct_site.pdbx_num_residues 
_struct_site.details 
AC1 Software A PO4 301 ? 7 'BINDING SITE FOR RESIDUE PO4 A 301' 
AC2 Software A PO4 302 ? 6 'BINDING SITE FOR RESIDUE PO4 A 302' 
AC3 Software A PO4 303 ? 8 'BINDING SITE FOR RESIDUE PO4 A 303' 
# 
loop_
_struct_site_gen.id 
_struct_site_gen.site_id 
_struct_site_gen.pdbx_num_res 
_struct_site_gen.label_comp_id 
_struct_site_gen.label_asym_id 
_struct_site_gen.label_seq_id 
_struct_site_gen.pdbx_auth_ins_code 
_struct_site_gen.auth_comp_id 
_struct_site_gen.auth_asym_id 
_struct_site_gen.auth_seq_id 
_struct_site_gen.label_atom_id 
_struct_site_gen.label_alt_id 
_struct_site_gen.symmetry 
_struct_site_gen.details 
1  AC1 7 MET A 62  ? MET A 60  . ? 1_555 ? 
2  AC1 7 SER A 67  ? SER A 65  . ? 1_555 ? 
3  AC1 7 ALA A 68  ? ALA A 66  . ? 1_555 ? 
4  AC1 7 MET A 69  ? MET A 67  . ? 1_555 ? 
5  AC1 7 SER A 149 ? SER A 147 . ? 1_555 ? 
6  AC1 7 HOH E .   ? HOH A 359 . ? 1_555 ? 
7  AC1 7 HOH E .   ? HOH A 425 . ? 1_555 ? 
8  AC2 6 GLU A 27  ? GLU A 25  . ? 1_555 ? 
9  AC2 6 GLY A 50  ? GLY A 48  . ? 1_555 ? 
10 AC2 6 MET A 51  ? MET A 49  . ? 1_555 ? 
11 AC2 6 LEU A 52  ? LEU A 50  . ? 1_555 ? 
12 AC2 6 SER A 153 ? SER A 151 . ? 1_555 ? 
13 AC2 6 ARG A 156 ? ARG A 154 . ? 1_555 ? 
14 AC3 8 ARG A 34  ? ARG A 32  . ? 1_555 ? 
15 AC3 8 TYR A 73  ? TYR A 71  . ? 1_555 ? 
16 AC3 8 PHE A 76  ? PHE A 74  . ? 1_555 ? 
17 AC3 8 GLY A 77  ? GLY A 75  . ? 1_555 ? 
18 AC3 8 VAL A 144 ? VAL A 142 . ? 1_555 ? 
19 AC3 8 HOH E .   ? HOH A 332 . ? 1_555 ? 
20 AC3 8 HOH E .   ? HOH A 365 . ? 1_555 ? 
21 AC3 8 HOH E .   ? HOH A 423 . ? 1_555 ? 
# 
loop_
_pdbx_validate_rmsd_bond.id 
_pdbx_validate_rmsd_bond.PDB_model_num 
_pdbx_validate_rmsd_bond.auth_atom_id_1 
_pdbx_validate_rmsd_bond.auth_asym_id_1 
_pdbx_validate_rmsd_bond.auth_comp_id_1 
_pdbx_validate_rmsd_bond.auth_seq_id_1 
_pdbx_validate_rmsd_bond.PDB_ins_code_1 
_pdbx_validate_rmsd_bond.label_alt_id_1 
_pdbx_validate_rmsd_bond.auth_atom_id_2 
_pdbx_validate_rmsd_bond.auth_asym_id_2 
_pdbx_validate_rmsd_bond.auth_comp_id_2 
_pdbx_validate_rmsd_bond.auth_seq_id_2 
_pdbx_validate_rmsd_bond.PDB_ins_code_2 
_pdbx_validate_rmsd_bond.label_alt_id_2 
_pdbx_validate_rmsd_bond.bond_value 
_pdbx_validate_rmsd_bond.bond_target_value 
_pdbx_validate_rmsd_bond.bond_deviation 
_pdbx_validate_rmsd_bond.bond_standard_deviation 
_pdbx_validate_rmsd_bond.linker_flag 
1 1 CB A MET 60  ? ? CG A MET 60  ? ? 1.840 1.509 0.331  0.032 N 
2 1 SD A MET 119 ? ? CE A MET 119 ? ? 1.355 1.774 -0.419 0.056 N 
# 
loop_
_pdbx_validate_torsion.id 
_pdbx_validate_torsion.PDB_model_num 
_pdbx_validate_torsion.auth_comp_id 
_pdbx_validate_torsion.auth_asym_id 
_pdbx_validate_torsion.auth_seq_id 
_pdbx_validate_torsion.PDB_ins_code 
_pdbx_validate_torsion.label_alt_id 
_pdbx_validate_torsion.phi 
_pdbx_validate_torsion.psi 
1 1 ASP A 34 ? ? 58.21  -106.42 
2 1 THR A 46 ? ? -95.23 -79.70  
# 
_pdbx_SG_project.id                    1 
_pdbx_SG_project.project_name          'PSI, Protein Structure Initiative' 
_pdbx_SG_project.full_name_of_center   'Midwest Center for Structural Genomics' 
_pdbx_SG_project.initial_of_center     MCSG 
# 
loop_
_pdbx_unobs_or_zero_occ_residues.id 
_pdbx_unobs_or_zero_occ_residues.PDB_model_num 
_pdbx_unobs_or_zero_occ_residues.polymer_flag 
_pdbx_unobs_or_zero_occ_residues.occupancy_flag 
_pdbx_unobs_or_zero_occ_residues.auth_asym_id 
_pdbx_unobs_or_zero_occ_residues.auth_comp_id 
_pdbx_unobs_or_zero_occ_residues.auth_seq_id 
_pdbx_unobs_or_zero_occ_residues.PDB_ins_code 
_pdbx_unobs_or_zero_occ_residues.label_asym_id 
_pdbx_unobs_or_zero_occ_residues.label_comp_id 
_pdbx_unobs_or_zero_occ_residues.label_seq_id 
1  1 Y 1 A GLY -1  ? A GLY 1   
2  1 Y 1 A HIS 0   ? A HIS 2   
3  1 Y 1 A MET 1   ? A MET 3   
4  1 Y 1 A ALA 2   ? A ALA 4   
5  1 Y 1 A LEU 3   ? A LEU 5   
6  1 Y 1 A SER 4   ? A SER 6   
7  1 Y 1 A VAL 182 ? A VAL 184 
8  1 Y 1 A ARG 183 ? A ARG 185 
9  1 Y 1 A ASP 184 ? A ASP 186 
10 1 Y 1 A ASP 185 ? A ASP 187 
11 1 Y 1 A LEU 186 ? A LEU 188 
12 1 Y 1 A GLY 187 ? A GLY 189 
# 
loop_
_chem_comp_atom.comp_id 
_chem_comp_atom.atom_id 
_chem_comp_atom.type_symbol 
_chem_comp_atom.pdbx_aromatic_flag 
_chem_comp_atom.pdbx_stereo_config 
_chem_comp_atom.pdbx_ordinal 
ALA N    N N N 1   
ALA CA   C N S 2   
ALA C    C N N 3   
ALA O    O N N 4   
ALA CB   C N N 5   
ALA OXT  O N N 6   
ALA H    H N N 7   
ALA H2   H N N 8   
ALA HA   H N N 9   
ALA HB1  H N N 10  
ALA HB2  H N N 11  
ALA HB3  H N N 12  
ALA HXT  H N N 13  
ARG N    N N N 14  
ARG CA   C N S 15  
ARG C    C N N 16  
ARG O    O N N 17  
ARG CB   C N N 18  
ARG CG   C N N 19  
ARG CD   C N N 20  
ARG NE   N N N 21  
ARG CZ   C N N 22  
ARG NH1  N N N 23  
ARG NH2  N N N 24  
ARG OXT  O N N 25  
ARG H    H N N 26  
ARG H2   H N N 27  
ARG HA   H N N 28  
ARG HB2  H N N 29  
ARG HB3  H N N 30  
ARG HG2  H N N 31  
ARG HG3  H N N 32  
ARG HD2  H N N 33  
ARG HD3  H N N 34  
ARG HE   H N N 35  
ARG HH11 H N N 36  
ARG HH12 H N N 37  
ARG HH21 H N N 38  
ARG HH22 H N N 39  
ARG HXT  H N N 40  
ASN N    N N N 41  
ASN CA   C N S 42  
ASN C    C N N 43  
ASN O    O N N 44  
ASN CB   C N N 45  
ASN CG   C N N 46  
ASN OD1  O N N 47  
ASN ND2  N N N 48  
ASN OXT  O N N 49  
ASN H    H N N 50  
ASN H2   H N N 51  
ASN HA   H N N 52  
ASN HB2  H N N 53  
ASN HB3  H N N 54  
ASN HD21 H N N 55  
ASN HD22 H N N 56  
ASN HXT  H N N 57  
ASP N    N N N 58  
ASP CA   C N S 59  
ASP C    C N N 60  
ASP O    O N N 61  
ASP CB   C N N 62  
ASP CG   C N N 63  
ASP OD1  O N N 64  
ASP OD2  O N N 65  
ASP OXT  O N N 66  
ASP H    H N N 67  
ASP H2   H N N 68  
ASP HA   H N N 69  
ASP HB2  H N N 70  
ASP HB3  H N N 71  
ASP HD2  H N N 72  
ASP HXT  H N N 73  
CYS N    N N N 74  
CYS CA   C N R 75  
CYS C    C N N 76  
CYS O    O N N 77  
CYS CB   C N N 78  
CYS SG   S N N 79  
CYS OXT  O N N 80  
CYS H    H N N 81  
CYS H2   H N N 82  
CYS HA   H N N 83  
CYS HB2  H N N 84  
CYS HB3  H N N 85  
CYS HG   H N N 86  
CYS HXT  H N N 87  
GLN N    N N N 88  
GLN CA   C N S 89  
GLN C    C N N 90  
GLN O    O N N 91  
GLN CB   C N N 92  
GLN CG   C N N 93  
GLN CD   C N N 94  
GLN OE1  O N N 95  
GLN NE2  N N N 96  
GLN OXT  O N N 97  
GLN H    H N N 98  
GLN H2   H N N 99  
GLN HA   H N N 100 
GLN HB2  H N N 101 
GLN HB3  H N N 102 
GLN HG2  H N N 103 
GLN HG3  H N N 104 
GLN HE21 H N N 105 
GLN HE22 H N N 106 
GLN HXT  H N N 107 
GLU N    N N N 108 
GLU CA   C N S 109 
GLU C    C N N 110 
GLU O    O N N 111 
GLU CB   C N N 112 
GLU CG   C N N 113 
GLU CD   C N N 114 
GLU OE1  O N N 115 
GLU OE2  O N N 116 
GLU OXT  O N N 117 
GLU H    H N N 118 
GLU H2   H N N 119 
GLU HA   H N N 120 
GLU HB2  H N N 121 
GLU HB3  H N N 122 
GLU HG2  H N N 123 
GLU HG3  H N N 124 
GLU HE2  H N N 125 
GLU HXT  H N N 126 
GLY N    N N N 127 
GLY CA   C N N 128 
GLY C    C N N 129 
GLY O    O N N 130 
GLY OXT  O N N 131 
GLY H    H N N 132 
GLY H2   H N N 133 
GLY HA2  H N N 134 
GLY HA3  H N N 135 
GLY HXT  H N N 136 
HIS N    N N N 137 
HIS CA   C N S 138 
HIS C    C N N 139 
HIS O    O N N 140 
HIS CB   C N N 141 
HIS CG   C Y N 142 
HIS ND1  N Y N 143 
HIS CD2  C Y N 144 
HIS CE1  C Y N 145 
HIS NE2  N Y N 146 
HIS OXT  O N N 147 
HIS H    H N N 148 
HIS H2   H N N 149 
HIS HA   H N N 150 
HIS HB2  H N N 151 
HIS HB3  H N N 152 
HIS HD1  H N N 153 
HIS HD2  H N N 154 
HIS HE1  H N N 155 
HIS HE2  H N N 156 
HIS HXT  H N N 157 
HOH O    O N N 158 
HOH H1   H N N 159 
HOH H2   H N N 160 
ILE N    N N N 161 
ILE CA   C N S 162 
ILE C    C N N 163 
ILE O    O N N 164 
ILE CB   C N S 165 
ILE CG1  C N N 166 
ILE CG2  C N N 167 
ILE CD1  C N N 168 
ILE OXT  O N N 169 
ILE H    H N N 170 
ILE H2   H N N 171 
ILE HA   H N N 172 
ILE HB   H N N 173 
ILE HG12 H N N 174 
ILE HG13 H N N 175 
ILE HG21 H N N 176 
ILE HG22 H N N 177 
ILE HG23 H N N 178 
ILE HD11 H N N 179 
ILE HD12 H N N 180 
ILE HD13 H N N 181 
ILE HXT  H N N 182 
LEU N    N N N 183 
LEU CA   C N S 184 
LEU C    C N N 185 
LEU O    O N N 186 
LEU CB   C N N 187 
LEU CG   C N N 188 
LEU CD1  C N N 189 
LEU CD2  C N N 190 
LEU OXT  O N N 191 
LEU H    H N N 192 
LEU H2   H N N 193 
LEU HA   H N N 194 
LEU HB2  H N N 195 
LEU HB3  H N N 196 
LEU HG   H N N 197 
LEU HD11 H N N 198 
LEU HD12 H N N 199 
LEU HD13 H N N 200 
LEU HD21 H N N 201 
LEU HD22 H N N 202 
LEU HD23 H N N 203 
LEU HXT  H N N 204 
LYS N    N N N 205 
LYS CA   C N S 206 
LYS C    C N N 207 
LYS O    O N N 208 
LYS CB   C N N 209 
LYS CG   C N N 210 
LYS CD   C N N 211 
LYS CE   C N N 212 
LYS NZ   N N N 213 
LYS OXT  O N N 214 
LYS H    H N N 215 
LYS H2   H N N 216 
LYS HA   H N N 217 
LYS HB2  H N N 218 
LYS HB3  H N N 219 
LYS HG2  H N N 220 
LYS HG3  H N N 221 
LYS HD2  H N N 222 
LYS HD3  H N N 223 
LYS HE2  H N N 224 
LYS HE3  H N N 225 
LYS HZ1  H N N 226 
LYS HZ2  H N N 227 
LYS HZ3  H N N 228 
LYS HXT  H N N 229 
MET N    N N N 230 
MET CA   C N S 231 
MET C    C N N 232 
MET O    O N N 233 
MET CB   C N N 234 
MET CG   C N N 235 
MET SD   S N N 236 
MET CE   C N N 237 
MET OXT  O N N 238 
MET H    H N N 239 
MET H2   H N N 240 
MET HA   H N N 241 
MET HB2  H N N 242 
MET HB3  H N N 243 
MET HG2  H N N 244 
MET HG3  H N N 245 
MET HE1  H N N 246 
MET HE2  H N N 247 
MET HE3  H N N 248 
MET HXT  H N N 249 
PHE N    N N N 250 
PHE CA   C N S 251 
PHE C    C N N 252 
PHE O    O N N 253 
PHE CB   C N N 254 
PHE CG   C Y N 255 
PHE CD1  C Y N 256 
PHE CD2  C Y N 257 
PHE CE1  C Y N 258 
PHE CE2  C Y N 259 
PHE CZ   C Y N 260 
PHE OXT  O N N 261 
PHE H    H N N 262 
PHE H2   H N N 263 
PHE HA   H N N 264 
PHE HB2  H N N 265 
PHE HB3  H N N 266 
PHE HD1  H N N 267 
PHE HD2  H N N 268 
PHE HE1  H N N 269 
PHE HE2  H N N 270 
PHE HZ   H N N 271 
PHE HXT  H N N 272 
PO4 P    P N N 273 
PO4 O1   O N N 274 
PO4 O2   O N N 275 
PO4 O3   O N N 276 
PO4 O4   O N N 277 
PRO N    N N N 278 
PRO CA   C N S 279 
PRO C    C N N 280 
PRO O    O N N 281 
PRO CB   C N N 282 
PRO CG   C N N 283 
PRO CD   C N N 284 
PRO OXT  O N N 285 
PRO H    H N N 286 
PRO HA   H N N 287 
PRO HB2  H N N 288 
PRO HB3  H N N 289 
PRO HG2  H N N 290 
PRO HG3  H N N 291 
PRO HD2  H N N 292 
PRO HD3  H N N 293 
PRO HXT  H N N 294 
SER N    N N N 295 
SER CA   C N S 296 
SER C    C N N 297 
SER O    O N N 298 
SER CB   C N N 299 
SER OG   O N N 300 
SER OXT  O N N 301 
SER H    H N N 302 
SER H2   H N N 303 
SER HA   H N N 304 
SER HB2  H N N 305 
SER HB3  H N N 306 
SER HG   H N N 307 
SER HXT  H N N 308 
THR N    N N N 309 
THR CA   C N S 310 
THR C    C N N 311 
THR O    O N N 312 
THR CB   C N R 313 
THR OG1  O N N 314 
THR CG2  C N N 315 
THR OXT  O N N 316 
THR H    H N N 317 
THR H2   H N N 318 
THR HA   H N N 319 
THR HB   H N N 320 
THR HG1  H N N 321 
THR HG21 H N N 322 
THR HG22 H N N 323 
THR HG23 H N N 324 
THR HXT  H N N 325 
TRP N    N N N 326 
TRP CA   C N S 327 
TRP C    C N N 328 
TRP O    O N N 329 
TRP CB   C N N 330 
TRP CG   C Y N 331 
TRP CD1  C Y N 332 
TRP CD2  C Y N 333 
TRP NE1  N Y N 334 
TRP CE2  C Y N 335 
TRP CE3  C Y N 336 
TRP CZ2  C Y N 337 
TRP CZ3  C Y N 338 
TRP CH2  C Y N 339 
TRP OXT  O N N 340 
TRP H    H N N 341 
TRP H2   H N N 342 
TRP HA   H N N 343 
TRP HB2  H N N 344 
TRP HB3  H N N 345 
TRP HD1  H N N 346 
TRP HE1  H N N 347 
TRP HE3  H N N 348 
TRP HZ2  H N N 349 
TRP HZ3  H N N 350 
TRP HH2  H N N 351 
TRP HXT  H N N 352 
TYR N    N N N 353 
TYR CA   C N S 354 
TYR C    C N N 355 
TYR O    O N N 356 
TYR CB   C N N 357 
TYR CG   C Y N 358 
TYR CD1  C Y N 359 
TYR CD2  C Y N 360 
TYR CE1  C Y N 361 
TYR CE2  C Y N 362 
TYR CZ   C Y N 363 
TYR OH   O N N 364 
TYR OXT  O N N 365 
TYR H    H N N 366 
TYR H2   H N N 367 
TYR HA   H N N 368 
TYR HB2  H N N 369 
TYR HB3  H N N 370 
TYR HD1  H N N 371 
TYR HD2  H N N 372 
TYR HE1  H N N 373 
TYR HE2  H N N 374 
TYR HH   H N N 375 
TYR HXT  H N N 376 
VAL N    N N N 377 
VAL CA   C N S 378 
VAL C    C N N 379 
VAL O    O N N 380 
VAL CB   C N N 381 
VAL CG1  C N N 382 
VAL CG2  C N N 383 
VAL OXT  O N N 384 
VAL H    H N N 385 
VAL H2   H N N 386 
VAL HA   H N N 387 
VAL HB   H N N 388 
VAL HG11 H N N 389 
VAL HG12 H N N 390 
VAL HG13 H N N 391 
VAL HG21 H N N 392 
VAL HG22 H N N 393 
VAL HG23 H N N 394 
VAL HXT  H N N 395 
# 
loop_
_chem_comp_bond.comp_id 
_chem_comp_bond.atom_id_1 
_chem_comp_bond.atom_id_2 
_chem_comp_bond.value_order 
_chem_comp_bond.pdbx_aromatic_flag 
_chem_comp_bond.pdbx_stereo_config 
_chem_comp_bond.pdbx_ordinal 
ALA N   CA   sing N N 1   
ALA N   H    sing N N 2   
ALA N   H2   sing N N 3   
ALA CA  C    sing N N 4   
ALA CA  CB   sing N N 5   
ALA CA  HA   sing N N 6   
ALA C   O    doub N N 7   
ALA C   OXT  sing N N 8   
ALA CB  HB1  sing N N 9   
ALA CB  HB2  sing N N 10  
ALA CB  HB3  sing N N 11  
ALA OXT HXT  sing N N 12  
ARG N   CA   sing N N 13  
ARG N   H    sing N N 14  
ARG N   H2   sing N N 15  
ARG CA  C    sing N N 16  
ARG CA  CB   sing N N 17  
ARG CA  HA   sing N N 18  
ARG C   O    doub N N 19  
ARG C   OXT  sing N N 20  
ARG CB  CG   sing N N 21  
ARG CB  HB2  sing N N 22  
ARG CB  HB3  sing N N 23  
ARG CG  CD   sing N N 24  
ARG CG  HG2  sing N N 25  
ARG CG  HG3  sing N N 26  
ARG CD  NE   sing N N 27  
ARG CD  HD2  sing N N 28  
ARG CD  HD3  sing N N 29  
ARG NE  CZ   sing N N 30  
ARG NE  HE   sing N N 31  
ARG CZ  NH1  sing N N 32  
ARG CZ  NH2  doub N N 33  
ARG NH1 HH11 sing N N 34  
ARG NH1 HH12 sing N N 35  
ARG NH2 HH21 sing N N 36  
ARG NH2 HH22 sing N N 37  
ARG OXT HXT  sing N N 38  
ASN N   CA   sing N N 39  
ASN N   H    sing N N 40  
ASN N   H2   sing N N 41  
ASN CA  C    sing N N 42  
ASN CA  CB   sing N N 43  
ASN CA  HA   sing N N 44  
ASN C   O    doub N N 45  
ASN C   OXT  sing N N 46  
ASN CB  CG   sing N N 47  
ASN CB  HB2  sing N N 48  
ASN CB  HB3  sing N N 49  
ASN CG  OD1  doub N N 50  
ASN CG  ND2  sing N N 51  
ASN ND2 HD21 sing N N 52  
ASN ND2 HD22 sing N N 53  
ASN OXT HXT  sing N N 54  
ASP N   CA   sing N N 55  
ASP N   H    sing N N 56  
ASP N   H2   sing N N 57  
ASP CA  C    sing N N 58  
ASP CA  CB   sing N N 59  
ASP CA  HA   sing N N 60  
ASP C   O    doub N N 61  
ASP C   OXT  sing N N 62  
ASP CB  CG   sing N N 63  
ASP CB  HB2  sing N N 64  
ASP CB  HB3  sing N N 65  
ASP CG  OD1  doub N N 66  
ASP CG  OD2  sing N N 67  
ASP OD2 HD2  sing N N 68  
ASP OXT HXT  sing N N 69  
CYS N   CA   sing N N 70  
CYS N   H    sing N N 71  
CYS N   H2   sing N N 72  
CYS CA  C    sing N N 73  
CYS CA  CB   sing N N 74  
CYS CA  HA   sing N N 75  
CYS C   O    doub N N 76  
CYS C   OXT  sing N N 77  
CYS CB  SG   sing N N 78  
CYS CB  HB2  sing N N 79  
CYS CB  HB3  sing N N 80  
CYS SG  HG   sing N N 81  
CYS OXT HXT  sing N N 82  
GLN N   CA   sing N N 83  
GLN N   H    sing N N 84  
GLN N   H2   sing N N 85  
GLN CA  C    sing N N 86  
GLN CA  CB   sing N N 87  
GLN CA  HA   sing N N 88  
GLN C   O    doub N N 89  
GLN C   OXT  sing N N 90  
GLN CB  CG   sing N N 91  
GLN CB  HB2  sing N N 92  
GLN CB  HB3  sing N N 93  
GLN CG  CD   sing N N 94  
GLN CG  HG2  sing N N 95  
GLN CG  HG3  sing N N 96  
GLN CD  OE1  doub N N 97  
GLN CD  NE2  sing N N 98  
GLN NE2 HE21 sing N N 99  
GLN NE2 HE22 sing N N 100 
GLN OXT HXT  sing N N 101 
GLU N   CA   sing N N 102 
GLU N   H    sing N N 103 
GLU N   H2   sing N N 104 
GLU CA  C    sing N N 105 
GLU CA  CB   sing N N 106 
GLU CA  HA   sing N N 107 
GLU C   O    doub N N 108 
GLU C   OXT  sing N N 109 
GLU CB  CG   sing N N 110 
GLU CB  HB2  sing N N 111 
GLU CB  HB3  sing N N 112 
GLU CG  CD   sing N N 113 
GLU CG  HG2  sing N N 114 
GLU CG  HG3  sing N N 115 
GLU CD  OE1  doub N N 116 
GLU CD  OE2  sing N N 117 
GLU OE2 HE2  sing N N 118 
GLU OXT HXT  sing N N 119 
GLY N   CA   sing N N 120 
GLY N   H    sing N N 121 
GLY N   H2   sing N N 122 
GLY CA  C    sing N N 123 
GLY CA  HA2  sing N N 124 
GLY CA  HA3  sing N N 125 
GLY C   O    doub N N 126 
GLY C   OXT  sing N N 127 
GLY OXT HXT  sing N N 128 
HIS N   CA   sing N N 129 
HIS N   H    sing N N 130 
HIS N   H2   sing N N 131 
HIS CA  C    sing N N 132 
HIS CA  CB   sing N N 133 
HIS CA  HA   sing N N 134 
HIS C   O    doub N N 135 
HIS C   OXT  sing N N 136 
HIS CB  CG   sing N N 137 
HIS CB  HB2  sing N N 138 
HIS CB  HB3  sing N N 139 
HIS CG  ND1  sing Y N 140 
HIS CG  CD2  doub Y N 141 
HIS ND1 CE1  doub Y N 142 
HIS ND1 HD1  sing N N 143 
HIS CD2 NE2  sing Y N 144 
HIS CD2 HD2  sing N N 145 
HIS CE1 NE2  sing Y N 146 
HIS CE1 HE1  sing N N 147 
HIS NE2 HE2  sing N N 148 
HIS OXT HXT  sing N N 149 
HOH O   H1   sing N N 150 
HOH O   H2   sing N N 151 
ILE N   CA   sing N N 152 
ILE N   H    sing N N 153 
ILE N   H2   sing N N 154 
ILE CA  C    sing N N 155 
ILE CA  CB   sing N N 156 
ILE CA  HA   sing N N 157 
ILE C   O    doub N N 158 
ILE C   OXT  sing N N 159 
ILE CB  CG1  sing N N 160 
ILE CB  CG2  sing N N 161 
ILE CB  HB   sing N N 162 
ILE CG1 CD1  sing N N 163 
ILE CG1 HG12 sing N N 164 
ILE CG1 HG13 sing N N 165 
ILE CG2 HG21 sing N N 166 
ILE CG2 HG22 sing N N 167 
ILE CG2 HG23 sing N N 168 
ILE CD1 HD11 sing N N 169 
ILE CD1 HD12 sing N N 170 
ILE CD1 HD13 sing N N 171 
ILE OXT HXT  sing N N 172 
LEU N   CA   sing N N 173 
LEU N   H    sing N N 174 
LEU N   H2   sing N N 175 
LEU CA  C    sing N N 176 
LEU CA  CB   sing N N 177 
LEU CA  HA   sing N N 178 
LEU C   O    doub N N 179 
LEU C   OXT  sing N N 180 
LEU CB  CG   sing N N 181 
LEU CB  HB2  sing N N 182 
LEU CB  HB3  sing N N 183 
LEU CG  CD1  sing N N 184 
LEU CG  CD2  sing N N 185 
LEU CG  HG   sing N N 186 
LEU CD1 HD11 sing N N 187 
LEU CD1 HD12 sing N N 188 
LEU CD1 HD13 sing N N 189 
LEU CD2 HD21 sing N N 190 
LEU CD2 HD22 sing N N 191 
LEU CD2 HD23 sing N N 192 
LEU OXT HXT  sing N N 193 
LYS N   CA   sing N N 194 
LYS N   H    sing N N 195 
LYS N   H2   sing N N 196 
LYS CA  C    sing N N 197 
LYS CA  CB   sing N N 198 
LYS CA  HA   sing N N 199 
LYS C   O    doub N N 200 
LYS C   OXT  sing N N 201 
LYS CB  CG   sing N N 202 
LYS CB  HB2  sing N N 203 
LYS CB  HB3  sing N N 204 
LYS CG  CD   sing N N 205 
LYS CG  HG2  sing N N 206 
LYS CG  HG3  sing N N 207 
LYS CD  CE   sing N N 208 
LYS CD  HD2  sing N N 209 
LYS CD  HD3  sing N N 210 
LYS CE  NZ   sing N N 211 
LYS CE  HE2  sing N N 212 
LYS CE  HE3  sing N N 213 
LYS NZ  HZ1  sing N N 214 
LYS NZ  HZ2  sing N N 215 
LYS NZ  HZ3  sing N N 216 
LYS OXT HXT  sing N N 217 
MET N   CA   sing N N 218 
MET N   H    sing N N 219 
MET N   H2   sing N N 220 
MET CA  C    sing N N 221 
MET CA  CB   sing N N 222 
MET CA  HA   sing N N 223 
MET C   O    doub N N 224 
MET C   OXT  sing N N 225 
MET CB  CG   sing N N 226 
MET CB  HB2  sing N N 227 
MET CB  HB3  sing N N 228 
MET CG  SD   sing N N 229 
MET CG  HG2  sing N N 230 
MET CG  HG3  sing N N 231 
MET SD  CE   sing N N 232 
MET CE  HE1  sing N N 233 
MET CE  HE2  sing N N 234 
MET CE  HE3  sing N N 235 
MET OXT HXT  sing N N 236 
PHE N   CA   sing N N 237 
PHE N   H    sing N N 238 
PHE N   H2   sing N N 239 
PHE CA  C    sing N N 240 
PHE CA  CB   sing N N 241 
PHE CA  HA   sing N N 242 
PHE C   O    doub N N 243 
PHE C   OXT  sing N N 244 
PHE CB  CG   sing N N 245 
PHE CB  HB2  sing N N 246 
PHE CB  HB3  sing N N 247 
PHE CG  CD1  doub Y N 248 
PHE CG  CD2  sing Y N 249 
PHE CD1 CE1  sing Y N 250 
PHE CD1 HD1  sing N N 251 
PHE CD2 CE2  doub Y N 252 
PHE CD2 HD2  sing N N 253 
PHE CE1 CZ   doub Y N 254 
PHE CE1 HE1  sing N N 255 
PHE CE2 CZ   sing Y N 256 
PHE CE2 HE2  sing N N 257 
PHE CZ  HZ   sing N N 258 
PHE OXT HXT  sing N N 259 
PO4 P   O1   doub N N 260 
PO4 P   O2   sing N N 261 
PO4 P   O3   sing N N 262 
PO4 P   O4   sing N N 263 
PRO N   CA   sing N N 264 
PRO N   CD   sing N N 265 
PRO N   H    sing N N 266 
PRO CA  C    sing N N 267 
PRO CA  CB   sing N N 268 
PRO CA  HA   sing N N 269 
PRO C   O    doub N N 270 
PRO C   OXT  sing N N 271 
PRO CB  CG   sing N N 272 
PRO CB  HB2  sing N N 273 
PRO CB  HB3  sing N N 274 
PRO CG  CD   sing N N 275 
PRO CG  HG2  sing N N 276 
PRO CG  HG3  sing N N 277 
PRO CD  HD2  sing N N 278 
PRO CD  HD3  sing N N 279 
PRO OXT HXT  sing N N 280 
SER N   CA   sing N N 281 
SER N   H    sing N N 282 
SER N   H2   sing N N 283 
SER CA  C    sing N N 284 
SER CA  CB   sing N N 285 
SER CA  HA   sing N N 286 
SER C   O    doub N N 287 
SER C   OXT  sing N N 288 
SER CB  OG   sing N N 289 
SER CB  HB2  sing N N 290 
SER CB  HB3  sing N N 291 
SER OG  HG   sing N N 292 
SER OXT HXT  sing N N 293 
THR N   CA   sing N N 294 
THR N   H    sing N N 295 
THR N   H2   sing N N 296 
THR CA  C    sing N N 297 
THR CA  CB   sing N N 298 
THR CA  HA   sing N N 299 
THR C   O    doub N N 300 
THR C   OXT  sing N N 301 
THR CB  OG1  sing N N 302 
THR CB  CG2  sing N N 303 
THR CB  HB   sing N N 304 
THR OG1 HG1  sing N N 305 
THR CG2 HG21 sing N N 306 
THR CG2 HG22 sing N N 307 
THR CG2 HG23 sing N N 308 
THR OXT HXT  sing N N 309 
TRP N   CA   sing N N 310 
TRP N   H    sing N N 311 
TRP N   H2   sing N N 312 
TRP CA  C    sing N N 313 
TRP CA  CB   sing N N 314 
TRP CA  HA   sing N N 315 
TRP C   O    doub N N 316 
TRP C   OXT  sing N N 317 
TRP CB  CG   sing N N 318 
TRP CB  HB2  sing N N 319 
TRP CB  HB3  sing N N 320 
TRP CG  CD1  doub Y N 321 
TRP CG  CD2  sing Y N 322 
TRP CD1 NE1  sing Y N 323 
TRP CD1 HD1  sing N N 324 
TRP CD2 CE2  doub Y N 325 
TRP CD2 CE3  sing Y N 326 
TRP NE1 CE2  sing Y N 327 
TRP NE1 HE1  sing N N 328 
TRP CE2 CZ2  sing Y N 329 
TRP CE3 CZ3  doub Y N 330 
TRP CE3 HE3  sing N N 331 
TRP CZ2 CH2  doub Y N 332 
TRP CZ2 HZ2  sing N N 333 
TRP CZ3 CH2  sing Y N 334 
TRP CZ3 HZ3  sing N N 335 
TRP CH2 HH2  sing N N 336 
TRP OXT HXT  sing N N 337 
TYR N   CA   sing N N 338 
TYR N   H    sing N N 339 
TYR N   H2   sing N N 340 
TYR CA  C    sing N N 341 
TYR CA  CB   sing N N 342 
TYR CA  HA   sing N N 343 
TYR C   O    doub N N 344 
TYR C   OXT  sing N N 345 
TYR CB  CG   sing N N 346 
TYR CB  HB2  sing N N 347 
TYR CB  HB3  sing N N 348 
TYR CG  CD1  doub Y N 349 
TYR CG  CD2  sing Y N 350 
TYR CD1 CE1  sing Y N 351 
TYR CD1 HD1  sing N N 352 
TYR CD2 CE2  doub Y N 353 
TYR CD2 HD2  sing N N 354 
TYR CE1 CZ   doub Y N 355 
TYR CE1 HE1  sing N N 356 
TYR CE2 CZ   sing Y N 357 
TYR CE2 HE2  sing N N 358 
TYR CZ  OH   sing N N 359 
TYR OH  HH   sing N N 360 
TYR OXT HXT  sing N N 361 
VAL N   CA   sing N N 362 
VAL N   H    sing N N 363 
VAL N   H2   sing N N 364 
VAL CA  C    sing N N 365 
VAL CA  CB   sing N N 366 
VAL CA  HA   sing N N 367 
VAL C   O    doub N N 368 
VAL C   OXT  sing N N 369 
VAL CB  CG1  sing N N 370 
VAL CB  CG2  sing N N 371 
VAL CB  HB   sing N N 372 
VAL CG1 HG11 sing N N 373 
VAL CG1 HG12 sing N N 374 
VAL CG1 HG13 sing N N 375 
VAL CG2 HG21 sing N N 376 
VAL CG2 HG22 sing N N 377 
VAL CG2 HG23 sing N N 378 
VAL OXT HXT  sing N N 379 
# 
_atom_sites.entry_id                    1YSQ 
_atom_sites.fract_transf_matrix[1][1]   0.01083391 
_atom_sites.fract_transf_matrix[1][2]   -0.00635137 
_atom_sites.fract_transf_matrix[1][3]   -0.01236834 
_atom_sites.fract_transf_matrix[2][1]   -0.00057657 
_atom_sites.fract_transf_matrix[2][2]   0.00646848 
_atom_sites.fract_transf_matrix[2][3]   -0.01638604 
_atom_sites.fract_transf_matrix[3][1]   0.00769258 
_atom_sites.fract_transf_matrix[3][2]   0.00771674 
_atom_sites.fract_transf_matrix[3][3]   0.00277555 
_atom_sites.fract_transf_vector[1]      0.793956 
_atom_sites.fract_transf_vector[2]      0.352137 
_atom_sites.fract_transf_vector[3]      0.049298 
# 
loop_
_atom_type.symbol 
C 
N 
O 
P 
S 
# 
loop_
_atom_site.group_PDB 
_atom_site.id 
_atom_site.type_symbol 
_atom_site.label_atom_id 
_atom_site.label_alt_id 
_atom_site.label_comp_id 
_atom_site.label_asym_id 
_atom_site.label_entity_id 
_atom_site.label_seq_id 
_atom_site.pdbx_PDB_ins_code 
_atom_site.Cartn_x 
_atom_site.Cartn_y 
_atom_site.Cartn_z 
_atom_site.occupancy 
_atom_site.B_iso_or_equiv 
_atom_site.pdbx_formal_charge 
_atom_site.auth_seq_id 
_atom_site.auth_comp_id 
_atom_site.auth_asym_id 
_atom_site.auth_atom_id 
_atom_site.pdbx_PDB_model_num 
ATOM   1    N N   . SER A 1 7   ? -0.268  9.015   -15.009 1.00 45.42 ? 5   SER A N   1 
ATOM   2    C CA  . SER A 1 7   ? -0.393  9.282   -13.541 1.00 45.28 ? 5   SER A CA  1 
ATOM   3    C C   . SER A 1 7   ? -0.971  10.665  -13.248 1.00 45.00 ? 5   SER A C   1 
ATOM   4    O O   . SER A 1 7   ? -1.514  10.900  -12.165 1.00 44.70 ? 5   SER A O   1 
ATOM   5    C CB  . SER A 1 7   ? 0.958   9.129   -12.852 1.00 45.22 ? 5   SER A CB  1 
ATOM   6    O OG  . SER A 1 7   ? 1.485   7.840   -13.098 1.00 46.39 ? 5   SER A OG  1 
ATOM   7    N N   . LEU A 1 8   ? -0.842  11.569  -14.218 1.00 44.70 ? 6   LEU A N   1 
ATOM   8    C CA  . LEU A 1 8   ? -1.356  12.937  -14.110 1.00 44.04 ? 6   LEU A CA  1 
ATOM   9    C C   . LEU A 1 8   ? -2.846  12.990  -13.768 1.00 42.73 ? 6   LEU A C   1 
ATOM   10   O O   . LEU A 1 8   ? -3.245  13.659  -12.803 1.00 42.37 ? 6   LEU A O   1 
ATOM   11   C CB  . LEU A 1 8   ? -1.101  13.709  -15.413 1.00 44.67 ? 6   LEU A CB  1 
ATOM   12   C CG  . LEU A 1 8   ? 0.346   13.886  -15.877 1.00 46.46 ? 6   LEU A CG  1 
ATOM   13   C CD1 . LEU A 1 8   ? 0.370   14.295  -17.357 1.00 48.07 ? 6   LEU A CD1 1 
ATOM   14   C CD2 . LEU A 1 8   ? 1.101   14.898  -15.002 1.00 47.99 ? 6   LEU A CD2 1 
ATOM   15   N N   . ASN A 1 9   ? -3.654  12.302  -14.577 1.00 41.04 ? 7   ASN A N   1 
ATOM   16   C CA  . ASN A 1 9   ? -5.101  12.264  -14.387 1.00 39.53 ? 7   ASN A CA  1 
ATOM   17   C C   . ASN A 1 9   ? -5.488  11.700  -13.021 1.00 37.33 ? 7   ASN A C   1 
ATOM   18   O O   . ASN A 1 9   ? -6.304  12.293  -12.325 1.00 36.72 ? 7   ASN A O   1 
ATOM   19   C CB  . ASN A 1 9   ? -5.794  11.468  -15.507 1.00 40.32 ? 7   ASN A CB  1 
ATOM   20   C CG  . ASN A 1 9   ? -5.544  12.054  -16.891 1.00 43.25 ? 7   ASN A CG  1 
ATOM   21   O OD1 . ASN A 1 9   ? -5.095  13.205  -17.031 1.00 46.20 ? 7   ASN A OD1 1 
ATOM   22   N ND2 . ASN A 1 9   ? -5.831  11.261  -17.931 1.00 45.88 ? 7   ASN A ND2 1 
ATOM   23   N N   . ILE A 1 10  ? -4.900  10.566  -12.640 1.00 34.74 ? 8   ILE A N   1 
ATOM   24   C CA  . ILE A 1 10  ? -5.208  9.977   -11.334 1.00 32.77 ? 8   ILE A CA  1 
ATOM   25   C C   . ILE A 1 10  ? -4.709  10.850  -10.161 1.00 32.02 ? 8   ILE A C   1 
ATOM   26   O O   . ILE A 1 10  ? -5.397  10.977  -9.146  1.00 31.50 ? 8   ILE A O   1 
ATOM   27   C CB  . ILE A 1 10  ? -4.753  8.480   -11.219 1.00 32.44 ? 8   ILE A CB  1 
ATOM   28   C CG1 . ILE A 1 10  ? -5.349  7.820   -9.965  1.00 31.56 ? 8   ILE A CG1 1 
ATOM   29   C CG2 . ILE A 1 10  ? -3.215  8.344   -11.223 1.00 32.36 ? 8   ILE A CG2 1 
ATOM   30   C CD1 . ILE A 1 10  ? -6.857  7.594   -10.018 1.00 31.65 ? 8   ILE A CD1 1 
ATOM   31   N N   . ILE A 1 11  ? -3.546  11.471  -10.302 1.00 31.23 ? 9   ILE A N   1 
ATOM   32   C CA  . ILE A 1 11  ? -3.069  12.351  -9.225  1.00 31.03 ? 9   ILE A CA  1 
ATOM   33   C C   . ILE A 1 11  ? -3.997  13.570  -9.070  1.00 31.41 ? 9   ILE A C   1 
ATOM   34   O O   . ILE A 1 11  ? -4.325  13.973  -7.949  1.00 30.88 ? 9   ILE A O   1 
ATOM   35   C CB  . ILE A 1 11  ? -1.571  12.709  -9.394  1.00 31.37 ? 9   ILE A CB  1 
ATOM   36   C CG1 . ILE A 1 11  ? -0.724  11.468  -9.067  1.00 30.44 ? 9   ILE A CG1 1 
ATOM   37   C CG2 . ILE A 1 11  ? -1.165  13.833  -8.439  1.00 30.02 ? 9   ILE A CG2 1 
ATOM   38   C CD1 . ILE A 1 11  ? 0.670   11.471  -9.671  1.00 31.42 ? 9   ILE A CD1 1 
ATOM   39   N N   . HIS A 1 12  ? -4.483  14.099  -10.197 1.00 31.50 ? 10  HIS A N   1 
ATOM   40   C CA  . HIS A 1 12  ? -5.461  15.190  -10.161 1.00 32.00 ? 10  HIS A CA  1 
ATOM   41   C C   . HIS A 1 12  ? -6.740  14.839  -9.386  1.00 31.06 ? 10  HIS A C   1 
ATOM   42   O O   . HIS A 1 12  ? -7.226  15.633  -8.574  1.00 30.89 ? 10  HIS A O   1 
ATOM   43   C CB  . HIS A 1 12  ? -5.811  15.694  -11.571 1.00 32.70 ? 10  HIS A CB  1 
ATOM   44   C CG  . HIS A 1 12  ? -6.598  16.968  -11.553 1.00 36.80 ? 10  HIS A CG  1 
ATOM   45   N ND1 . HIS A 1 12  ? -6.034  18.184  -11.226 1.00 39.30 ? 10  HIS A ND1 1 
ATOM   46   C CD2 . HIS A 1 12  ? -7.917  17.206  -11.760 1.00 40.33 ? 10  HIS A CD2 1 
ATOM   47   C CE1 . HIS A 1 12  ? -6.968  19.120  -11.255 1.00 41.95 ? 10  HIS A CE1 1 
ATOM   48   N NE2 . HIS A 1 12  ? -8.119  18.553  -11.578 1.00 41.07 ? 10  HIS A NE2 1 
ATOM   49   N N   . ILE A 1 13  ? -7.276  13.654  -9.647  1.00 30.10 ? 11  ILE A N   1 
ATOM   50   C CA  . ILE A 1 13  ? -8.405  13.113  -8.898  1.00 29.13 ? 11  ILE A CA  1 
ATOM   51   C C   . ILE A 1 13  ? -8.045  12.887  -7.425  1.00 28.06 ? 11  ILE A C   1 
ATOM   52   O O   . ILE A 1 13  ? -8.798  13.283  -6.525  1.00 27.33 ? 11  ILE A O   1 
ATOM   53   C CB  . ILE A 1 13  ? -8.853  11.760  -9.526  1.00 29.57 ? 11  ILE A CB  1 
ATOM   54   C CG1 . ILE A 1 13  ? -9.425  11.970  -10.932 1.00 31.04 ? 11  ILE A CG1 1 
ATOM   55   C CG2 . ILE A 1 13  ? -9.863  10.999  -8.593  1.00 29.69 ? 11  ILE A CG2 1 
ATOM   56   C CD1 . ILE A 1 13  ? -9.985  10.693  -11.562 1.00 30.73 ? 11  ILE A CD1 1 
ATOM   57   N N   . ALA A 1 14  ? -6.907  12.233  -7.185  1.00 26.68 ? 12  ALA A N   1 
ATOM   58   C CA  . ALA A 1 14  ? -6.594  11.732  -5.845  1.00 25.97 ? 12  ALA A CA  1 
ATOM   59   C C   . ALA A 1 14  ? -6.049  12.773  -4.865  1.00 25.51 ? 12  ALA A C   1 
ATOM   60   O O   . ALA A 1 14  ? -6.356  12.707  -3.665  1.00 25.25 ? 12  ALA A O   1 
ATOM   61   C CB  . ALA A 1 14  ? -5.659  10.536  -5.926  1.00 25.33 ? 12  ALA A CB  1 
ATOM   62   N N   . ALA A 1 15  ? -5.254  13.726  -5.364  1.00 25.09 ? 13  ALA A N   1 
ATOM   63   C CA  . ALA A 1 15  ? -4.502  14.646  -4.493  1.00 24.65 ? 13  ALA A CA  1 
ATOM   64   C C   . ALA A 1 15  ? -5.289  15.338  -3.356  1.00 24.56 ? 13  ALA A C   1 
ATOM   65   O O   . ALA A 1 15  ? -4.819  15.333  -2.231  1.00 24.25 ? 13  ALA A O   1 
ATOM   66   C CB  . ALA A 1 15  ? -3.697  15.679  -5.319  1.00 24.64 ? 13  ALA A CB  1 
ATOM   67   N N   . PRO A 1 16  ? -6.479  15.901  -3.604  1.00 25.49 ? 14  PRO A N   1 
ATOM   68   C CA  . PRO A 1 16  ? -7.224  16.555  -2.516  1.00 25.47 ? 14  PRO A CA  1 
ATOM   69   C C   . PRO A 1 16  ? -7.550  15.575  -1.389  1.00 25.33 ? 14  PRO A C   1 
ATOM   70   O O   . PRO A 1 16  ? -7.541  15.937  -0.203  1.00 24.77 ? 14  PRO A O   1 
ATOM   71   C CB  . PRO A 1 16  ? -8.528  16.994  -3.188  1.00 26.17 ? 14  PRO A CB  1 
ATOM   72   C CG  . PRO A 1 16  ? -8.261  16.980  -4.636  1.00 27.17 ? 14  PRO A CG  1 
ATOM   73   C CD  . PRO A 1 16  ? -7.228  15.928  -4.874  1.00 25.48 ? 14  PRO A CD  1 
ATOM   74   N N   . HIS A 1 17  ? -7.853  14.334  -1.781  1.00 24.74 ? 15  HIS A N   1 
ATOM   75   C CA  . HIS A 1 17  ? -8.224  13.285  -0.844  1.00 24.06 ? 15  HIS A CA  1 
ATOM   76   C C   . HIS A 1 17  ? -7.014  12.793  -0.053  1.00 22.88 ? 15  HIS A C   1 
ATOM   77   O O   . HIS A 1 17  ? -7.113  12.569  1.150   1.00 22.37 ? 15  HIS A O   1 
ATOM   78   C CB  . HIS A 1 17  ? -8.875  12.113  -1.588  1.00 24.07 ? 15  HIS A CB  1 
ATOM   79   C CG  . HIS A 1 17  ? -10.128 12.487  -2.307  1.00 25.77 ? 15  HIS A CG  1 
ATOM   80   N ND1 . HIS A 1 17  ? -11.302 12.770  -1.646  1.00 27.01 ? 15  HIS A ND1 1 
ATOM   81   C CD2 . HIS A 1 17  ? -10.385 12.656  -3.627  1.00 28.36 ? 15  HIS A CD2 1 
ATOM   82   C CE1 . HIS A 1 17  ? -12.237 13.077  -2.529  1.00 28.48 ? 15  HIS A CE1 1 
ATOM   83   N NE2 . HIS A 1 17  ? -11.705 13.017  -3.739  1.00 28.35 ? 15  HIS A NE2 1 
ATOM   84   N N   . LEU A 1 18  ? -5.886  12.612  -0.738  1.00 21.92 ? 16  LEU A N   1 
ATOM   85   C CA  . LEU A 1 18  ? -4.664  12.178  -0.070  1.00 20.98 ? 16  LEU A CA  1 
ATOM   86   C C   . LEU A 1 18  ? -4.160  13.262  0.888   1.00 20.77 ? 16  LEU A C   1 
ATOM   87   O O   . LEU A 1 18  ? -3.758  12.965  2.014   1.00 19.76 ? 16  LEU A O   1 
ATOM   88   C CB  . LEU A 1 18  ? -3.597  11.773  -1.100  1.00 20.79 ? 16  LEU A CB  1 
ATOM   89   C CG  . LEU A 1 18  ? -4.021  10.612  -2.012  1.00 21.05 ? 16  LEU A CG  1 
ATOM   90   C CD1 . LEU A 1 18  ? -3.085  10.496  -3.205  1.00 20.52 ? 16  LEU A CD1 1 
ATOM   91   C CD2 . LEU A 1 18  ? -4.076  9.303   -1.245  1.00 20.80 ? 16  LEU A CD2 1 
ATOM   92   N N   . GLU A 1 19  ? -4.203  14.523  0.451   1.00 20.27 ? 17  GLU A N   1 
ATOM   93   C CA  . GLU A 1 19  ? -3.837  15.636  1.343   1.00 20.56 ? 17  GLU A CA  1 
ATOM   94   C C   . GLU A 1 19  ? -4.713  15.687  2.596   1.00 20.26 ? 17  GLU A C   1 
ATOM   95   O O   . GLU A 1 19  ? -4.225  15.872  3.711   1.00 21.01 ? 17  GLU A O   1 
ATOM   96   C CB  . GLU A 1 19  ? -3.950  16.971  0.600   1.00 20.80 ? 17  GLU A CB  1 
ATOM   97   C CG  . GLU A 1 19  ? -2.834  17.209  -0.402  1.00 22.68 ? 17  GLU A CG  1 
ATOM   98   C CD  . GLU A 1 19  ? -2.940  18.580  -1.054  1.00 25.68 ? 17  GLU A CD  1 
ATOM   99   O OE1 . GLU A 1 19  ? -3.612  19.467  -0.481  1.00 29.28 ? 17  GLU A OE1 1 
ATOM   100  O OE2 . GLU A 1 19  ? -2.359  18.765  -2.127  1.00 26.01 ? 17  GLU A OE2 1 
ATOM   101  N N   . ALA A 1 20  ? -6.016  15.544  2.396   1.00 20.90 ? 18  ALA A N   1 
ATOM   102  C CA  . ALA A 1 20  ? -6.962  15.475  3.508   1.00 20.71 ? 18  ALA A CA  1 
ATOM   103  C C   . ALA A 1 20  ? -6.579  14.389  4.505   1.00 20.75 ? 18  ALA A C   1 
ATOM   104  O O   . ALA A 1 20  ? -6.611  14.611  5.716   1.00 21.15 ? 18  ALA A O   1 
ATOM   105  C CB  . ALA A 1 20  ? -8.390  15.244  2.982   1.00 20.74 ? 18  ALA A CB  1 
ATOM   106  N N   . LEU A 1 21  ? -6.234  13.207  4.008   1.00 20.59 ? 19  LEU A N   1 
ATOM   107  C CA  . LEU A 1 21  ? -5.891  12.094  4.902   1.00 20.47 ? 19  LEU A CA  1 
ATOM   108  C C   . LEU A 1 21  ? -4.573  12.363  5.637   1.00 20.31 ? 19  LEU A C   1 
ATOM   109  O O   . LEU A 1 21  ? -4.424  12.024  6.816   1.00 19.81 ? 19  LEU A O   1 
ATOM   110  C CB  . LEU A 1 21  ? -5.833  10.782  4.122   1.00 20.75 ? 19  LEU A CB  1 
ATOM   111  C CG  . LEU A 1 21  ? -5.420  9.500   4.859   1.00 20.78 ? 19  LEU A CG  1 
ATOM   112  C CD1 . LEU A 1 21  ? -6.505  9.089   5.867   1.00 22.02 ? 19  LEU A CD1 1 
ATOM   113  C CD2 . LEU A 1 21  ? -5.166  8.394   3.829   1.00 21.00 ? 19  LEU A CD2 1 
ATOM   114  N N   . ASN A 1 22  ? -3.628  12.977  4.921   1.00 20.19 ? 20  ASN A N   1 
ATOM   115  C CA  . ASN A 1 22  ? -2.351  13.414  5.488   1.00 20.39 ? 20  ASN A CA  1 
ATOM   116  C C   . ASN A 1 22  ? -2.591  14.367  6.671   1.00 20.11 ? 20  ASN A C   1 
ATOM   117  O O   . ASN A 1 22  ? -2.013  14.193  7.747   1.00 20.69 ? 20  ASN A O   1 
ATOM   118  C CB  . ASN A 1 22  ? -1.517  14.053  4.364   1.00 20.32 ? 20  ASN A CB  1 
ATOM   119  C CG  . ASN A 1 22  ? -0.189  14.647  4.837   1.00 21.44 ? 20  ASN A CG  1 
ATOM   120  O OD1 . ASN A 1 22  ? 0.084   15.812  4.560   1.00 21.91 ? 20  ASN A OD1 1 
ATOM   121  N ND2 . ASN A 1 22  ? 0.652   13.844  5.496   1.00 19.47 ? 20  ASN A ND2 1 
ATOM   122  N N   . ILE A 1 23  ? -3.447  15.364  6.473   1.00 21.00 ? 21  ILE A N   1 
ATOM   123  C CA  . ILE A 1 23  ? -3.793  16.301  7.553   1.00 21.94 ? 21  ILE A CA  1 
ATOM   124  C C   . ILE A 1 23  ? -4.521  15.616  8.707   1.00 22.00 ? 21  ILE A C   1 
ATOM   125  O O   . ILE A 1 23  ? -4.206  15.856  9.877   1.00 22.21 ? 21  ILE A O   1 
ATOM   126  C CB  . ILE A 1 23  ? -4.623  17.510  7.005   1.00 22.55 ? 21  ILE A CB  1 
ATOM   127  C CG1 . ILE A 1 23  ? -3.840  18.294  5.933   1.00 22.65 ? 21  ILE A CG1 1 
ATOM   128  C CG2 . ILE A 1 23  ? -5.118  18.437  8.155   1.00 22.41 ? 21  ILE A CG2 1 
ATOM   129  C CD1 . ILE A 1 23  ? -2.463  18.796  6.365   1.00 25.01 ? 21  ILE A CD1 1 
ATOM   130  N N   . ALA A 1 24  ? -5.478  14.750  8.379   1.00 22.52 ? 22  ALA A N   1 
ATOM   131  C CA  . ALA A 1 24  ? -6.293  14.091  9.409   1.00 22.72 ? 22  ALA A CA  1 
ATOM   132  C C   . ALA A 1 24  ? -5.475  13.167  10.310  1.00 22.81 ? 22  ALA A C   1 
ATOM   133  O O   . ALA A 1 24  ? -5.640  13.192  11.530  1.00 22.97 ? 22  ALA A O   1 
ATOM   134  C CB  . ALA A 1 24  ? -7.443  13.327  8.760   1.00 23.47 ? 22  ALA A CB  1 
ATOM   135  N N   . THR A 1 25  ? -4.579  12.371  9.721   1.00 21.53 ? 23  THR A N   1 
ATOM   136  C CA  . THR A 1 25  ? -3.771  11.426  10.496  1.00 20.67 ? 23  THR A CA  1 
ATOM   137  C C   . THR A 1 25  ? -2.428  11.978  10.982  1.00 21.07 ? 23  THR A C   1 
ATOM   138  O O   . THR A 1 25  ? -1.844  11.435  11.926  1.00 21.06 ? 23  THR A O   1 
ATOM   139  C CB  . THR A 1 25  ? -3.483  10.149  9.681   1.00 20.30 ? 23  THR A CB  1 
ATOM   140  O OG1 . THR A 1 25  ? -2.660  10.486  8.538   1.00 18.67 ? 23  THR A OG1 1 
ATOM   141  C CG2 . THR A 1 25  ? -4.793  9.558   9.111   1.00 19.91 ? 23  THR A CG2 1 
ATOM   142  N N   . GLY A 1 26  ? -1.903  12.990  10.294  1.00 20.94 ? 24  GLY A N   1 
ATOM   143  C CA  . GLY A 1 26  ? -0.558  13.484  10.588  1.00 19.89 ? 24  GLY A CA  1 
ATOM   144  C C   . GLY A 1 26  ? 0.580   12.636  10.012  1.00 20.04 ? 24  GLY A C   1 
ATOM   145  O O   . GLY A 1 26  ? 1.759   12.956  10.184  1.00 19.70 ? 24  GLY A O   1 
ATOM   146  N N   . GLU A 1 27  ? 0.235   11.546  9.331   1.00 19.78 ? 25  GLU A N   1 
ATOM   147  C CA  . GLU A 1 27  ? 1.209   10.530  8.913   1.00 19.82 ? 25  GLU A CA  1 
ATOM   148  C C   . GLU A 1 27  ? 1.553   10.587  7.428   1.00 18.95 ? 25  GLU A C   1 
ATOM   149  O O   . GLU A 1 27  ? 0.837   11.199  6.640   1.00 19.65 ? 25  GLU A O   1 
ATOM   150  C CB  . GLU A 1 27  ? 0.652   9.120   9.204   1.00 19.71 ? 25  GLU A CB  1 
ATOM   151  C CG  . GLU A 1 27  ? 0.274   8.838   10.662  1.00 21.27 ? 25  GLU A CG  1 
ATOM   152  C CD  . GLU A 1 27  ? 1.465   8.851   11.609  1.00 22.63 ? 25  GLU A CD  1 
ATOM   153  O OE1 . GLU A 1 27  ? 2.612   9.067   11.157  1.00 21.65 ? 25  GLU A OE1 1 
ATOM   154  O OE2 . GLU A 1 27  ? 1.253   8.652   12.832  1.00 24.53 ? 25  GLU A OE2 1 
ATOM   155  N N   . THR A 1 28  ? 2.629   9.887   7.067   1.00 19.26 ? 26  THR A N   1 
ATOM   156  C CA  . THR A 1 28  ? 3.037   9.655   5.670   1.00 19.01 ? 26  THR A CA  1 
ATOM   157  C C   . THR A 1 28  ? 1.914   9.017   4.860   1.00 19.09 ? 26  THR A C   1 
ATOM   158  O O   . THR A 1 28  ? 1.377   7.965   5.275   1.00 19.10 ? 26  THR A O   1 
ATOM   159  C CB  . THR A 1 28  ? 4.213   8.680   5.636   1.00 19.25 ? 26  THR A CB  1 
ATOM   160  O OG1 . THR A 1 28  ? 5.348   9.239   6.327   1.00 18.44 ? 26  THR A OG1 1 
ATOM   161  C CG2 . THR A 1 28  ? 4.695   8.440   4.158   1.00 19.64 ? 26  THR A CG2 1 
ATOM   162  N N   . ILE A 1 29  ? 1.583   9.621   3.716   1.00 18.15 ? 27  ILE A N   1 
ATOM   163  C CA  . ILE A 1 29  ? 0.601   9.042   2.805   1.00 18.46 ? 27  ILE A CA  1 
ATOM   164  C C   . ILE A 1 29  ? 1.309   8.658   1.520   1.00 19.02 ? 27  ILE A C   1 
ATOM   165  O O   . ILE A 1 29  ? 1.993   9.483   0.922   1.00 19.03 ? 27  ILE A O   1 
ATOM   166  C CB  . ILE A 1 29  ? -0.582  10.029  2.516   1.00 18.62 ? 27  ILE A CB  1 
ATOM   167  C CG1 . ILE A 1 29  ? -1.217  10.569  3.815   1.00 17.57 ? 27  ILE A CG1 1 
ATOM   168  C CG2 . ILE A 1 29  ? -1.640  9.391   1.574   1.00 18.45 ? 27  ILE A CG2 1 
ATOM   169  C CD1 . ILE A 1 29  ? -1.688  9.525   4.848   1.00 20.11 ? 27  ILE A CD1 1 
ATOM   170  N N   . ASN A 1 30  ? 1.145   7.397   1.108   1.00 19.33 ? 28  ASN A N   1 
ATOM   171  C CA  . ASN A 1 30  ? 1.743   6.858   -0.122  1.00 19.69 ? 28  ASN A CA  1 
ATOM   172  C C   . ASN A 1 30  ? 0.642   6.501   -1.095  1.00 19.96 ? 28  ASN A C   1 
ATOM   173  O O   . ASN A 1 30  ? -0.416  5.998   -0.695  1.00 19.12 ? 28  ASN A O   1 
ATOM   174  C CB  . ASN A 1 30  ? 2.517   5.558   0.166   1.00 20.10 ? 28  ASN A CB  1 
ATOM   175  C CG  . ASN A 1 30  ? 3.450   5.682   1.356   1.00 20.92 ? 28  ASN A CG  1 
ATOM   176  O OD1 . ASN A 1 30  ? 3.206   5.124   2.433   1.00 24.63 ? 28  ASN A OD1 1 
ATOM   177  N ND2 . ASN A 1 30  ? 4.517   6.422   1.172   1.00 18.15 ? 28  ASN A ND2 1 
ATOM   178  N N   . PHE A 1 31  ? 0.914   6.720   -2.376  1.00 19.62 ? 29  PHE A N   1 
ATOM   179  C CA  . PHE A 1 31  ? -0.047  6.372   -3.424  1.00 19.25 ? 29  PHE A CA  1 
ATOM   180  C C   . PHE A 1 31  ? 0.724   5.754   -4.577  1.00 19.37 ? 29  PHE A C   1 
ATOM   181  O O   . PHE A 1 31  ? 1.620   6.385   -5.146  1.00 18.64 ? 29  PHE A O   1 
ATOM   182  C CB  . PHE A 1 31  ? -0.792  7.631   -3.874  1.00 19.02 ? 29  PHE A CB  1 
ATOM   183  C CG  . PHE A 1 31  ? -1.897  7.376   -4.857  1.00 21.02 ? 29  PHE A CG  1 
ATOM   184  C CD1 . PHE A 1 31  ? -2.992  6.581   -4.519  1.00 22.91 ? 29  PHE A CD1 1 
ATOM   185  C CD2 . PHE A 1 31  ? -1.871  7.965   -6.110  1.00 23.79 ? 29  PHE A CD2 1 
ATOM   186  C CE1 . PHE A 1 31  ? -4.034  6.349   -5.442  1.00 24.28 ? 29  PHE A CE1 1 
ATOM   187  C CE2 . PHE A 1 31  ? -2.923  7.738   -7.031  1.00 25.71 ? 29  PHE A CE2 1 
ATOM   188  C CZ  . PHE A 1 31  ? -3.990  6.928   -6.690  1.00 22.35 ? 29  PHE A CZ  1 
ATOM   189  N N   . SER A 1 32  ? 0.392   4.507   -4.894  1.00 19.07 ? 30  SER A N   1 
ATOM   190  C CA  . SER A 1 32  ? 1.109   3.784   -5.930  1.00 19.30 ? 30  SER A CA  1 
ATOM   191  C C   . SER A 1 32  ? 0.200   3.324   -7.062  1.00 19.29 ? 30  SER A C   1 
ATOM   192  O O   . SER A 1 32  ? -1.032  3.297   -6.908  1.00 18.88 ? 30  SER A O   1 
ATOM   193  C CB  . SER A 1 32  ? 1.833   2.574   -5.325  1.00 18.98 ? 30  SER A CB  1 
ATOM   194  O OG  . SER A 1 32  ? 0.891   1.532   -5.057  1.00 18.90 ? 30  SER A OG  1 
ATOM   195  N N   . SER A 1 33  ? 0.827   2.983   -8.193  1.00 19.81 ? 31  SER A N   1 
ATOM   196  C CA  . SER A 1 33  ? 0.189   2.236   -9.273  1.00 20.23 ? 31  SER A CA  1 
ATOM   197  C C   . SER A 1 33  ? 0.901   0.892   -9.354  1.00 20.44 ? 31  SER A C   1 
ATOM   198  O O   . SER A 1 33  ? 1.988   0.713   -8.787  1.00 20.99 ? 31  SER A O   1 
ATOM   199  C CB  . SER A 1 33  ? 0.305   2.981   -10.611 1.00 21.01 ? 31  SER A CB  1 
ATOM   200  O OG  . SER A 1 33  ? 1.683   3.149   -10.956 1.00 23.19 ? 31  SER A OG  1 
ATOM   201  N N   . ARG A 1 34  ? 0.273   -0.072  -10.013 1.00 20.55 ? 32  ARG A N   1 
ATOM   202  C CA  . ARG A 1 34  ? 0.934   -1.331  -10.298 1.00 20.92 ? 32  ARG A CA  1 
ATOM   203  C C   . ARG A 1 34  ? 1.618   -1.294  -11.656 1.00 21.68 ? 32  ARG A C   1 
ATOM   204  O O   . ARG A 1 34  ? 1.033   -0.863  -12.638 1.00 21.90 ? 32  ARG A O   1 
ATOM   205  C CB  . ARG A 1 34  ? -0.058  -2.501  -10.259 1.00 20.30 ? 32  ARG A CB  1 
ATOM   206  C CG  . ARG A 1 34  ? 0.657   -3.844  -10.124 1.00 19.97 ? 32  ARG A CG  1 
ATOM   207  C CD  . ARG A 1 34  ? -0.149  -5.034  -10.581 1.00 18.98 ? 32  ARG A CD  1 
ATOM   208  N NE  . ARG A 1 34  ? 0.666   -6.239  -10.462 1.00 20.67 ? 32  ARG A NE  1 
ATOM   209  C CZ  . ARG A 1 34  ? 0.196   -7.451  -10.193 1.00 21.99 ? 32  ARG A CZ  1 
ATOM   210  N NH1 . ARG A 1 34  ? -1.108  -7.647  -10.006 1.00 21.15 ? 32  ARG A NH1 1 
ATOM   211  N NH2 . ARG A 1 34  ? 1.038   -8.470  -10.096 1.00 20.79 ? 32  ARG A NH2 1 
ATOM   212  N N   . GLU A 1 35  ? 2.867   -1.744  -11.703 1.00 23.02 ? 33  GLU A N   1 
ATOM   213  C CA  . GLU A 1 35  ? 3.528   -1.980  -12.981 1.00 24.53 ? 33  GLU A CA  1 
ATOM   214  C C   . GLU A 1 35  ? 4.048   -3.407  -12.986 1.00 24.23 ? 33  GLU A C   1 
ATOM   215  O O   . GLU A 1 35  ? 5.227   -3.646  -12.716 1.00 24.21 ? 33  GLU A O   1 
ATOM   216  C CB  . GLU A 1 35  ? 4.657   -0.970  -13.202 1.00 25.47 ? 33  GLU A CB  1 
ATOM   217  C CG  . GLU A 1 35  ? 5.406   -1.109  -14.510 1.00 29.26 ? 33  GLU A CG  1 
ATOM   218  C CD  . GLU A 1 35  ? 6.364   0.047   -14.721 1.00 34.46 ? 33  GLU A CD  1 
ATOM   219  O OE1 . GLU A 1 35  ? 7.472   0.047   -14.126 1.00 34.77 ? 33  GLU A OE1 1 
ATOM   220  O OE2 . GLU A 1 35  ? 5.990   0.970   -15.463 1.00 36.17 ? 33  GLU A OE2 1 
ATOM   221  N N   . ASP A 1 36  ? 3.147   -4.357  -13.251 1.00 23.80 ? 34  ASP A N   1 
ATOM   222  C CA  . ASP A 1 36  ? 3.510   -5.786  -13.262 1.00 23.73 ? 34  ASP A CA  1 
ATOM   223  C C   . ASP A 1 36  ? 4.105   -6.285  -11.915 1.00 23.01 ? 34  ASP A C   1 
ATOM   224  O O   . ASP A 1 36  ? 3.369   -6.441  -10.944 1.00 22.78 ? 34  ASP A O   1 
ATOM   225  C CB  . ASP A 1 36  ? 4.453   -6.059  -14.443 1.00 24.15 ? 34  ASP A CB  1 
ATOM   226  C CG  . ASP A 1 36  ? 4.682   -7.536  -14.705 1.00 25.63 ? 34  ASP A CG  1 
ATOM   227  O OD1 . ASP A 1 36  ? 4.073   -8.405  -14.025 1.00 27.66 ? 34  ASP A OD1 1 
ATOM   228  O OD2 . ASP A 1 36  ? 5.493   -7.911  -15.581 1.00 24.97 ? 34  ASP A OD2 1 
ATOM   229  N N   . ASP A 1 37  ? 5.417   -6.526  -11.862 1.00 21.90 ? 35  ASP A N   1 
ATOM   230  C CA  . ASP A 1 37  ? 6.072   -7.137  -10.696 1.00 21.77 ? 35  ASP A CA  1 
ATOM   231  C C   . ASP A 1 37  ? 6.620   -6.161  -9.644  1.00 21.44 ? 35  ASP A C   1 
ATOM   232  O O   . ASP A 1 37  ? 7.406   -6.552  -8.779  1.00 21.63 ? 35  ASP A O   1 
ATOM   233  C CB  . ASP A 1 37  ? 7.168   -8.119  -11.157 1.00 22.04 ? 35  ASP A CB  1 
ATOM   234  C CG  . ASP A 1 37  ? 8.392   -7.416  -11.725 1.00 24.54 ? 35  ASP A CG  1 
ATOM   235  O OD1 . ASP A 1 37  ? 8.261   -6.276  -12.221 1.00 25.70 ? 35  ASP A OD1 1 
ATOM   236  O OD2 . ASP A 1 37  ? 9.529   -7.935  -11.711 1.00 25.55 ? 35  ASP A OD2 1 
ATOM   237  N N   . HIS A 1 38  ? 6.180   -4.903  -9.707  1.00 21.21 ? 36  HIS A N   1 
ATOM   238  C CA  . HIS A 1 38  ? 6.504   -3.896  -8.699  1.00 22.05 ? 36  HIS A CA  1 
ATOM   239  C C   . HIS A 1 38  ? 5.352   -2.894  -8.559  1.00 21.41 ? 36  HIS A C   1 
ATOM   240  O O   . HIS A 1 38  ? 4.539   -2.735  -9.476  1.00 22.10 ? 36  HIS A O   1 
ATOM   241  C CB  . HIS A 1 38  ? 7.836   -3.175  -9.019  1.00 22.17 ? 36  HIS A CB  1 
ATOM   242  C CG  . HIS A 1 38  ? 7.939   -2.712  -10.435 1.00 26.64 ? 36  HIS A CG  1 
ATOM   243  N ND1 . HIS A 1 38  ? 8.122   -3.583  -11.493 1.00 28.93 ? 36  HIS A ND1 1 
ATOM   244  C CD2 . HIS A 1 38  ? 7.830   -1.477  -10.980 1.00 28.69 ? 36  HIS A CD2 1 
ATOM   245  C CE1 . HIS A 1 38  ? 8.130   -2.903  -12.624 1.00 26.60 ? 36  HIS A CE1 1 
ATOM   246  N NE2 . HIS A 1 38  ? 7.967   -1.625  -12.341 1.00 28.70 ? 36  HIS A NE2 1 
ATOM   247  N N   . ALA A 1 39  ? 5.284   -2.239  -7.405  1.00 21.26 ? 37  ALA A N   1 
ATOM   248  C CA  . ALA A 1 39  ? 4.453   -1.052  -7.232  1.00 21.34 ? 37  ALA A CA  1 
ATOM   249  C C   . ALA A 1 39  ? 5.333   0.157   -7.591  1.00 22.28 ? 37  ALA A C   1 
ATOM   250  O O   . ALA A 1 39  ? 6.544   0.130   -7.351  1.00 23.32 ? 37  ALA A O   1 
ATOM   251  C CB  . ALA A 1 39  ? 3.943   -0.949  -5.764  1.00 21.21 ? 37  ALA A CB  1 
ATOM   252  N N   . ILE A 1 40  ? 4.744   1.184   -8.201  1.00 21.98 ? 38  ILE A N   1 
ATOM   253  C CA  . ILE A 1 40  ? 5.461   2.439   -8.439  1.00 21.24 ? 38  ILE A CA  1 
ATOM   254  C C   . ILE A 1 40  ? 4.883   3.490   -7.525  1.00 20.44 ? 38  ILE A C   1 
ATOM   255  O O   . ILE A 1 40  ? 3.675   3.758   -7.558  1.00 19.83 ? 38  ILE A O   1 
ATOM   256  C CB  . ILE A 1 40  ? 5.356   2.933   -9.897  1.00 21.19 ? 38  ILE A CB  1 
ATOM   257  C CG1 . ILE A 1 40  ? 5.756   1.833   -10.883 1.00 23.36 ? 38  ILE A CG1 1 
ATOM   258  C CG2 . ILE A 1 40  ? 6.256   4.204   -10.093 1.00 21.87 ? 38  ILE A CG2 1 
ATOM   259  C CD1 . ILE A 1 40  ? 5.643   2.293   -12.355 1.00 27.15 ? 38  ILE A CD1 1 
ATOM   260  N N   . LEU A 1 41  ? 5.748   4.104   -6.723  1.00 19.99 ? 39  LEU A N   1 
ATOM   261  C CA  . LEU A 1 41  ? 5.309   5.207   -5.873  1.00 20.04 ? 39  LEU A CA  1 
ATOM   262  C C   . LEU A 1 41  ? 5.138   6.467   -6.703  1.00 20.76 ? 39  LEU A C   1 
ATOM   263  O O   . LEU A 1 41  ? 6.124   7.131   -7.019  1.00 21.82 ? 39  LEU A O   1 
ATOM   264  C CB  . LEU A 1 41  ? 6.282   5.438   -4.706  1.00 19.14 ? 39  LEU A CB  1 
ATOM   265  C CG  . LEU A 1 41  ? 5.759   6.367   -3.606  1.00 18.48 ? 39  LEU A CG  1 
ATOM   266  C CD1 . LEU A 1 41  ? 4.402   5.849   -3.082  1.00 15.96 ? 39  LEU A CD1 1 
ATOM   267  C CD2 . LEU A 1 41  ? 6.760   6.451   -2.464  1.00 18.07 ? 39  LEU A CD2 1 
ATOM   268  N N   . ILE A 1 42  ? 3.896   6.793   -7.062  1.00 20.01 ? 40  ILE A N   1 
ATOM   269  C CA  . ILE A 1 42  ? 3.665   7.956   -7.932  1.00 20.04 ? 40  ILE A CA  1 
ATOM   270  C C   . ILE A 1 42  ? 3.400   9.248   -7.181  1.00 19.67 ? 40  ILE A C   1 
ATOM   271  O O   . ILE A 1 42  ? 3.434   10.329  -7.771  1.00 19.83 ? 40  ILE A O   1 
ATOM   272  C CB  . ILE A 1 42  ? 2.567   7.663   -8.988  1.00 19.88 ? 40  ILE A CB  1 
ATOM   273  C CG1 . ILE A 1 42  ? 1.205   7.384   -8.316  1.00 19.60 ? 40  ILE A CG1 1 
ATOM   274  C CG2 . ILE A 1 42  ? 3.026   6.501   -9.904  1.00 20.47 ? 40  ILE A CG2 1 
ATOM   275  C CD1 . ILE A 1 42  ? 0.031   7.281   -9.306  1.00 20.58 ? 40  ILE A CD1 1 
ATOM   276  N N   . TYR A 1 43  ? 3.155   9.148   -5.879  1.00 19.17 ? 41  TYR A N   1 
ATOM   277  C CA  . TYR A 1 43  ? 2.781   10.310  -5.099  1.00 20.18 ? 41  TYR A CA  1 
ATOM   278  C C   . TYR A 1 43  ? 3.047   9.993   -3.635  1.00 19.73 ? 41  TYR A C   1 
ATOM   279  O O   . TYR A 1 43  ? 2.765   8.881   -3.161  1.00 20.28 ? 41  TYR A O   1 
ATOM   280  C CB  . TYR A 1 43  ? 1.308   10.601  -5.375  1.00 20.10 ? 41  TYR A CB  1 
ATOM   281  C CG  . TYR A 1 43  ? 0.666   11.728  -4.625  1.00 22.99 ? 41  TYR A CG  1 
ATOM   282  C CD1 . TYR A 1 43  ? 0.371   12.923  -5.263  1.00 25.91 ? 41  TYR A CD1 1 
ATOM   283  C CD2 . TYR A 1 43  ? 0.277   11.576  -3.293  1.00 22.13 ? 41  TYR A CD2 1 
ATOM   284  C CE1 . TYR A 1 43  ? -0.269  13.958  -4.589  1.00 25.44 ? 41  TYR A CE1 1 
ATOM   285  C CE2 . TYR A 1 43  ? -0.359  12.598  -2.619  1.00 24.78 ? 41  TYR A CE2 1 
ATOM   286  C CZ  . TYR A 1 43  ? -0.633  13.782  -3.273  1.00 25.19 ? 41  TYR A CZ  1 
ATOM   287  O OH  . TYR A 1 43  ? -1.285  14.797  -2.607  1.00 27.06 ? 41  TYR A OH  1 
ATOM   288  N N   . LYS A 1 44  ? 3.633   10.949  -2.932  1.00 18.76 ? 42  LYS A N   1 
ATOM   289  C CA  . LYS A 1 44  ? 3.941   10.776  -1.510  1.00 19.30 ? 42  LYS A CA  1 
ATOM   290  C C   . LYS A 1 44  ? 3.828   12.101  -0.748  1.00 19.52 ? 42  LYS A C   1 
ATOM   291  O O   . LYS A 1 44  ? 4.307   13.126  -1.218  1.00 19.28 ? 42  LYS A O   1 
ATOM   292  C CB  . LYS A 1 44  ? 5.348   10.172  -1.310  1.00 18.74 ? 42  LYS A CB  1 
ATOM   293  C CG  . LYS A 1 44  ? 5.650   9.797   0.144   1.00 18.21 ? 42  LYS A CG  1 
ATOM   294  C CD  . LYS A 1 44  ? 7.138   9.569   0.396   1.00 18.81 ? 42  LYS A CD  1 
ATOM   295  C CE  . LYS A 1 44  ? 7.377   9.144   1.864   1.00 17.86 ? 42  LYS A CE  1 
ATOM   296  N NZ  . LYS A 1 44  ? 8.844   9.279   2.289   1.00 17.98 ? 42  LYS A NZ  1 
ATOM   297  N N   . LEU A 1 45  ? 3.192   12.055  0.423   1.00 19.02 ? 43  LEU A N   1 
ATOM   298  C CA  . LEU A 1 45  ? 3.176   13.182  1.359   1.00 19.50 ? 43  LEU A CA  1 
ATOM   299  C C   . LEU A 1 45  ? 3.909   12.806  2.627   1.00 19.27 ? 43  LEU A C   1 
ATOM   300  O O   . LEU A 1 45  ? 3.611   11.795  3.264   1.00 19.40 ? 43  LEU A O   1 
ATOM   301  C CB  . LEU A 1 45  ? 1.732   13.622  1.702   1.00 19.46 ? 43  LEU A CB  1 
ATOM   302  C CG  . LEU A 1 45  ? 0.887   14.021  0.483   1.00 20.61 ? 43  LEU A CG  1 
ATOM   303  C CD1 . LEU A 1 45  ? -0.573  14.141  0.834   1.00 20.35 ? 43  LEU A CD1 1 
ATOM   304  C CD2 . LEU A 1 45  ? 1.399   15.327  -0.173  1.00 18.37 ? 43  LEU A CD2 1 
ATOM   305  N N   . GLU A 1 46  ? 4.872   13.638  3.004   1.00 19.17 ? 44  GLU A N   1 
ATOM   306  C CA  . GLU A 1 46  ? 5.585   13.465  4.256   1.00 19.07 ? 44  GLU A CA  1 
ATOM   307  C C   . GLU A 1 46  ? 4.644   13.708  5.439   1.00 19.24 ? 44  GLU A C   1 
ATOM   308  O O   . GLU A 1 46  ? 3.628   14.377  5.270   1.00 19.43 ? 44  GLU A O   1 
ATOM   309  C CB  . GLU A 1 46  ? 6.782   14.431  4.301   1.00 19.21 ? 44  GLU A CB  1 
ATOM   310  C CG  . GLU A 1 46  ? 7.898   14.103  3.305   1.00 19.29 ? 44  GLU A CG  1 
ATOM   311  C CD  . GLU A 1 46  ? 8.481   12.694  3.479   1.00 21.73 ? 44  GLU A CD  1 
ATOM   312  O OE1 . GLU A 1 46  ? 8.559   12.202  4.621   1.00 22.01 ? 44  GLU A OE1 1 
ATOM   313  O OE2 . GLU A 1 46  ? 8.882   12.076  2.467   1.00 21.85 ? 44  GLU A OE2 1 
ATOM   314  N N   . PRO A 1 47  ? 4.960   13.183  6.623   1.00 20.14 ? 45  PRO A N   1 
ATOM   315  C CA  . PRO A 1 47  ? 4.107   13.403  7.797   1.00 20.49 ? 45  PRO A CA  1 
ATOM   316  C C   . PRO A 1 47  ? 4.062   14.891  8.197   1.00 21.34 ? 45  PRO A C   1 
ATOM   317  O O   . PRO A 1 47  ? 4.985   15.649  7.852   1.00 21.50 ? 45  PRO A O   1 
ATOM   318  C CB  . PRO A 1 47  ? 4.786   12.565  8.888   1.00 20.48 ? 45  PRO A CB  1 
ATOM   319  C CG  . PRO A 1 47  ? 6.242   12.496  8.465   1.00 20.50 ? 45  PRO A CG  1 
ATOM   320  C CD  . PRO A 1 47  ? 6.154   12.367  6.955   1.00 19.94 ? 45  PRO A CD  1 
ATOM   321  N N   . THR A 1 48  ? 2.994   15.298  8.879   1.00 21.37 ? 46  THR A N   1 
ATOM   322  C CA  . THR A 1 48  ? 2.933   16.645  9.447   1.00 22.48 ? 46  THR A CA  1 
ATOM   323  C C   . THR A 1 48  ? 3.388   16.550  10.895  1.00 23.20 ? 46  THR A C   1 
ATOM   324  O O   . THR A 1 48  ? 4.542   16.830  11.197  1.00 23.67 ? 46  THR A O   1 
ATOM   325  C CB  . THR A 1 48  ? 1.520   17.265  9.348   1.00 22.38 ? 46  THR A CB  1 
ATOM   326  O OG1 . THR A 1 48  ? 0.554   16.367  9.904   1.00 22.94 ? 46  THR A OG1 1 
ATOM   327  C CG2 . THR A 1 48  ? 1.077   17.401  7.902   1.00 22.92 ? 46  THR A CG2 1 
ATOM   328  N N   . THR A 1 49  ? 2.497   16.114  11.780  1.00 23.87 ? 47  THR A N   1 
ATOM   329  C CA  . THR A 1 49  ? 2.843   15.973  13.191  1.00 24.45 ? 47  THR A CA  1 
ATOM   330  C C   . THR A 1 49  ? 3.484   14.620  13.469  1.00 24.86 ? 47  THR A C   1 
ATOM   331  O O   . THR A 1 49  ? 4.168   14.454  14.484  1.00 25.12 ? 47  THR A O   1 
ATOM   332  C CB  . THR A 1 49  ? 1.613   16.170  14.076  1.00 25.12 ? 47  THR A CB  1 
ATOM   333  O OG1 . THR A 1 49  ? 0.566   15.305  13.629  1.00 24.96 ? 47  THR A OG1 1 
ATOM   334  C CG2 . THR A 1 49  ? 1.031   17.580  13.890  1.00 25.22 ? 47  THR A CG2 1 
ATOM   335  N N   . GLY A 1 50  ? 3.291   13.659  12.563  1.00 24.86 ? 48  GLY A N   1 
ATOM   336  C CA  . GLY A 1 50  ? 3.933   12.359  12.695  1.00 24.44 ? 48  GLY A CA  1 
ATOM   337  C C   . GLY A 1 50  ? 5.440   12.503  12.640  1.00 25.11 ? 48  GLY A C   1 
ATOM   338  O O   . GLY A 1 50  ? 5.963   13.368  11.928  1.00 25.67 ? 48  GLY A O   1 
ATOM   339  N N   . MET A 1 51  ? 6.144   11.657  13.380  1.00 24.69 ? 49  MET A N   1 
ATOM   340  C CA  . MET A 1 51  ? 7.597   11.730  13.439  1.00 25.13 ? 49  MET A CA  1 
ATOM   341  C C   . MET A 1 51  ? 8.366   10.693  12.609  1.00 24.91 ? 49  MET A C   1 
ATOM   342  O O   . MET A 1 51  ? 9.560   10.882  12.349  1.00 25.15 ? 49  MET A O   1 
ATOM   343  C CB  . MET A 1 51  ? 8.054   11.699  14.897  1.00 25.12 ? 49  MET A CB  1 
ATOM   344  C CG  . MET A 1 51  ? 7.328   12.769  15.721  1.00 26.02 ? 49  MET A CG  1 
ATOM   345  S SD  . MET A 1 51  ? 8.213   14.304  15.656  1.00 21.37 ? 49  MET A SD  1 
ATOM   346  C CE  . MET A 1 51  ? 9.076   13.929  17.010  1.00 23.39 ? 49  MET A CE  1 
ATOM   347  N N   . LEU A 1 52  ? 7.694   9.625   12.174  1.00 24.40 ? 50  LEU A N   1 
ATOM   348  C CA  . LEU A 1 52  ? 8.357   8.627   11.356  1.00 24.25 ? 50  LEU A CA  1 
ATOM   349  C C   . LEU A 1 52  ? 8.420   9.111   9.912   1.00 23.65 ? 50  LEU A C   1 
ATOM   350  O O   . LEU A 1 52  ? 7.393   9.416   9.305   1.00 22.80 ? 50  LEU A O   1 
ATOM   351  C CB  . LEU A 1 52  ? 7.643   7.264   11.433  1.00 24.91 ? 50  LEU A CB  1 
ATOM   352  C CG  . LEU A 1 52  ? 8.436   6.267   10.575  1.00 27.57 ? 50  LEU A CG  1 
ATOM   353  C CD1 . LEU A 1 52  ? 9.566   5.621   11.418  1.00 29.21 ? 50  LEU A CD1 1 
ATOM   354  C CD2 . LEU A 1 52  ? 7.571   5.261   9.885   1.00 28.70 ? 50  LEU A CD2 1 
ATOM   355  N N   . ARG A 1 53  ? 9.629   9.197   9.365   1.00 23.27 ? 51  ARG A N   1 
ATOM   356  C CA  . ARG A 1 53  ? 9.794   9.604   7.976   1.00 23.19 ? 51  ARG A CA  1 
ATOM   357  C C   . ARG A 1 53  ? 10.504  8.474   7.281   1.00 23.58 ? 51  ARG A C   1 
ATOM   358  O O   . ARG A 1 53  ? 11.553  8.018   7.746   1.00 24.21 ? 51  ARG A O   1 
ATOM   359  C CB  . ARG A 1 53  ? 10.590  10.907  7.858   1.00 23.61 ? 51  ARG A CB  1 
ATOM   360  C CG  . ARG A 1 53  ? 9.995   12.036  8.667   1.00 23.20 ? 51  ARG A CG  1 
ATOM   361  C CD  . ARG A 1 53  ? 10.826  13.321  8.688   1.00 24.80 ? 51  ARG A CD  1 
ATOM   362  N NE  . ARG A 1 53  ? 10.797  13.988  7.385   1.00 24.52 ? 51  ARG A NE  1 
ATOM   363  C CZ  . ARG A 1 53  ? 9.830   14.820  6.969   1.00 25.02 ? 51  ARG A CZ  1 
ATOM   364  N NH1 . ARG A 1 53  ? 8.790   15.111  7.754   1.00 23.67 ? 51  ARG A NH1 1 
ATOM   365  N NH2 . ARG A 1 53  ? 9.913   15.374  5.762   1.00 23.84 ? 51  ARG A NH2 1 
ATOM   366  N N   . THR A 1 54  ? 9.910   7.982   6.203   1.00 23.01 ? 52  THR A N   1 
ATOM   367  C CA  . THR A 1 54  ? 10.493  6.867   5.470   1.00 22.84 ? 52  THR A CA  1 
ATOM   368  C C   . THR A 1 54  ? 11.386  7.409   4.357   1.00 23.09 ? 52  THR A C   1 
ATOM   369  O O   . THR A 1 54  ? 11.294  8.590   3.990   1.00 22.68 ? 52  THR A O   1 
ATOM   370  C CB  . THR A 1 54  ? 9.403   5.985   4.853   1.00 22.73 ? 52  THR A CB  1 
ATOM   371  O OG1 . THR A 1 54  ? 8.807   6.670   3.728   1.00 22.12 ? 52  THR A OG1 1 
ATOM   372  C CG2 . THR A 1 54  ? 8.246   5.749   5.865   1.00 22.30 ? 52  THR A CG2 1 
ATOM   373  N N   . ARG A 1 55  ? 12.224  6.532   3.818   1.00 24.09 ? 53  ARG A N   1 
ATOM   374  C CA  . ARG A 1 55  ? 13.115  6.879   2.706   1.00 25.44 ? 53  ARG A CA  1 
ATOM   375  C C   . ARG A 1 55  ? 12.430  6.726   1.354   1.00 24.47 ? 53  ARG A C   1 
ATOM   376  O O   . ARG A 1 55  ? 13.041  6.980   0.306   1.00 24.50 ? 53  ARG A O   1 
ATOM   377  C CB  . ARG A 1 55  ? 14.363  6.000   2.741   1.00 26.65 ? 53  ARG A CB  1 
ATOM   378  C CG  . ARG A 1 55  ? 15.277  6.274   3.938   1.00 32.55 ? 53  ARG A CG  1 
ATOM   379  C CD  . ARG A 1 55  ? 16.660  5.613   3.840   1.00 40.15 ? 53  ARG A CD  1 
ATOM   380  N NE  . ARG A 1 55  ? 16.740  4.315   4.523   1.00 46.43 ? 53  ARG A NE  1 
ATOM   381  C CZ  . ARG A 1 55  ? 16.460  4.093   5.811   1.00 49.47 ? 53  ARG A CZ  1 
ATOM   382  N NH1 . ARG A 1 55  ? 16.063  5.084   6.607   1.00 51.16 ? 53  ARG A NH1 1 
ATOM   383  N NH2 . ARG A 1 55  ? 16.585  2.865   6.306   1.00 50.95 ? 53  ARG A NH2 1 
ATOM   384  N N   . ALA A 1 56  ? 11.160  6.313   1.365   1.00 23.48 ? 54  ALA A N   1 
ATOM   385  C CA  . ALA A 1 56  ? 10.388  6.242   0.114   1.00 22.53 ? 54  ALA A CA  1 
ATOM   386  C C   . ALA A 1 56  ? 10.336  7.594   -0.618  1.00 21.59 ? 54  ALA A C   1 
ATOM   387  O O   . ALA A 1 56  ? 10.333  8.653   0.007   1.00 21.82 ? 54  ALA A O   1 
ATOM   388  C CB  . ALA A 1 56  ? 8.973   5.732   0.385   1.00 22.60 ? 54  ALA A CB  1 
ATOM   389  N N   . TYR A 1 57  ? 10.275  7.539   -1.948  1.00 21.09 ? 55  TYR A N   1 
ATOM   390  C CA  . TYR A 1 57  ? 10.298  8.733   -2.791  1.00 21.15 ? 55  TYR A CA  1 
ATOM   391  C C   . TYR A 1 57  ? 9.496   8.482   -4.058  1.00 20.82 ? 55  TYR A C   1 
ATOM   392  O O   . TYR A 1 57  ? 9.359   7.342   -4.497  1.00 20.24 ? 55  TYR A O   1 
ATOM   393  C CB  . TYR A 1 57  ? 11.744  9.102   -3.168  1.00 20.48 ? 55  TYR A CB  1 
ATOM   394  C CG  . TYR A 1 57  ? 12.507  7.945   -3.795  1.00 20.48 ? 55  TYR A CG  1 
ATOM   395  C CD1 . TYR A 1 57  ? 12.560  7.782   -5.185  1.00 19.86 ? 55  TYR A CD1 1 
ATOM   396  C CD2 . TYR A 1 57  ? 13.189  7.028   -2.997  1.00 20.04 ? 55  TYR A CD2 1 
ATOM   397  C CE1 . TYR A 1 57  ? 13.256  6.723   -5.767  1.00 18.92 ? 55  TYR A CE1 1 
ATOM   398  C CE2 . TYR A 1 57  ? 13.878  5.937   -3.565  1.00 19.80 ? 55  TYR A CE2 1 
ATOM   399  C CZ  . TYR A 1 57  ? 13.907  5.804   -4.945  1.00 19.62 ? 55  TYR A CZ  1 
ATOM   400  O OH  . TYR A 1 57  ? 14.605  4.763   -5.494  1.00 20.64 ? 55  TYR A OH  1 
ATOM   401  N N   . ILE A 1 58  ? 8.990   9.562   -4.642  1.00 20.81 ? 56  ILE A N   1 
ATOM   402  C CA  . ILE A 1 58  ? 8.235   9.492   -5.883  1.00 21.72 ? 56  ILE A CA  1 
ATOM   403  C C   . ILE A 1 58  ? 9.126   8.923   -6.987  1.00 21.63 ? 56  ILE A C   1 
ATOM   404  O O   . ILE A 1 58  ? 10.255  9.388   -7.196  1.00 20.70 ? 56  ILE A O   1 
ATOM   405  C CB  . ILE A 1 58  ? 7.645   10.889  -6.251  1.00 21.40 ? 56  ILE A CB  1 
ATOM   406  C CG1 . ILE A 1 58  ? 6.589   11.295  -5.213  1.00 22.14 ? 56  ILE A CG1 1 
ATOM   407  C CG2 . ILE A 1 58  ? 7.111   10.916  -7.711  1.00 21.72 ? 56  ILE A CG2 1 
ATOM   408  C CD1 . ILE A 1 58  ? 6.154   12.791  -5.290  1.00 23.84 ? 56  ILE A CD1 1 
ATOM   409  N N   . GLY A 1 59  ? 8.620   7.893   -7.655  1.00 21.66 ? 57  GLY A N   1 
ATOM   410  C CA  . GLY A 1 59  ? 9.361   7.211   -8.703  1.00 21.56 ? 57  GLY A CA  1 
ATOM   411  C C   . GLY A 1 59  ? 9.983   5.913   -8.223  1.00 21.33 ? 57  GLY A C   1 
ATOM   412  O O   . GLY A 1 59  ? 10.456  5.109   -9.030  1.00 21.51 ? 57  GLY A O   1 
ATOM   413  N N   . GLN A 1 60  ? 9.956   5.673   -6.912  1.00 20.84 ? 58  GLN A N   1 
ATOM   414  C CA  . GLN A 1 60  ? 10.510  4.430   -6.378  1.00 20.79 ? 58  GLN A CA  1 
ATOM   415  C C   . GLN A 1 60  ? 9.741   3.203   -6.904  1.00 20.26 ? 58  GLN A C   1 
ATOM   416  O O   . GLN A 1 60  ? 8.507   3.247   -7.011  1.00 20.00 ? 58  GLN A O   1 
ATOM   417  C CB  . GLN A 1 60  ? 10.462  4.433   -4.858  1.00 20.79 ? 58  GLN A CB  1 
ATOM   418  C CG  . GLN A 1 60  ? 11.127  3.220   -4.200  1.00 22.71 ? 58  GLN A CG  1 
ATOM   419  C CD  . GLN A 1 60  ? 11.142  3.343   -2.689  1.00 26.23 ? 58  GLN A CD  1 
ATOM   420  O OE1 . GLN A 1 60  ? 10.269  3.985   -2.113  1.00 24.62 ? 58  GLN A OE1 1 
ATOM   421  N NE2 . GLN A 1 60  ? 12.129  2.735   -2.048  1.00 28.09 ? 58  GLN A NE2 1 
ATOM   422  N N   . HIS A 1 61  ? 10.473  2.128   -7.198  1.00 19.17 ? 59  HIS A N   1 
ATOM   423  C CA  . HIS A 1 61  ? 9.870   0.829   -7.524  1.00 19.94 ? 59  HIS A CA  1 
ATOM   424  C C   . HIS A 1 61  ? 9.969   -0.075  -6.310  1.00 20.35 ? 59  HIS A C   1 
ATOM   425  O O   . HIS A 1 61  ? 11.052  -0.335  -5.795  1.00 20.69 ? 59  HIS A O   1 
ATOM   426  C CB  . HIS A 1 61  ? 10.562  0.167   -8.711  1.00 20.81 ? 59  HIS A CB  1 
ATOM   427  C CG  . HIS A 1 61  ? 10.354  0.876   -10.016 1.00 20.94 ? 59  HIS A CG  1 
ATOM   428  N ND1 . HIS A 1 61  ? 10.679  0.298   -11.225 1.00 20.75 ? 59  HIS A ND1 1 
ATOM   429  C CD2 . HIS A 1 61  ? 9.838   2.095   -10.307 1.00 21.61 ? 59  HIS A CD2 1 
ATOM   430  C CE1 . HIS A 1 61  ? 10.377  1.134   -12.206 1.00 21.65 ? 59  HIS A CE1 1 
ATOM   431  N NE2 . HIS A 1 61  ? 9.852   2.225   -11.677 1.00 21.07 ? 59  HIS A NE2 1 
ATOM   432  N N   . MET A 1 62  ? 8.808   -0.531  -5.853  1.00 19.99 ? 60  MET A N   1 
ATOM   433  C CA  . MET A 1 62  ? 8.683   -1.242  -4.615  1.00 19.08 ? 60  MET A CA  1 
ATOM   434  C C   . MET A 1 62  ? 8.370   -2.755  -4.984  1.00 20.97 ? 60  MET A C   1 
ATOM   435  O O   . MET A 1 62  ? 7.412   -3.008  -5.732  1.00 20.37 ? 60  MET A O   1 
ATOM   436  C CB  . MET A 1 62  ? 7.641   -0.415  -3.752  1.00 20.41 ? 60  MET A CB  1 
ATOM   437  C CG  . MET A 1 62  ? 7.345   1.359   -4.141  1.00 3.96  ? 60  MET A CG  1 
ATOM   438  S SD  . MET A 1 62  ? 6.461   1.767   -2.725  1.00 35.59 ? 60  MET A SD  1 
ATOM   439  C CE  . MET A 1 62  ? 4.987   2.058   -3.446  1.00 25.32 ? 60  MET A CE  1 
ATOM   440  N N   . PRO A 1 63  ? 9.185   -3.757  -4.565  1.00 21.35 ? 61  PRO A N   1 
ATOM   441  C CA  . PRO A 1 63  ? 8.870   -5.167  -4.917  1.00 21.81 ? 61  PRO A CA  1 
ATOM   442  C C   . PRO A 1 63  ? 7.537   -5.622  -4.306  1.00 21.17 ? 61  PRO A C   1 
ATOM   443  O O   . PRO A 1 63  ? 7.187   -5.206  -3.194  1.00 21.62 ? 61  PRO A O   1 
ATOM   444  C CB  . PRO A 1 63  ? 10.011  -5.981  -4.290  1.00 22.30 ? 61  PRO A CB  1 
ATOM   445  C CG  . PRO A 1 63  ? 11.112  -4.990  -4.029  1.00 22.86 ? 61  PRO A CG  1 
ATOM   446  C CD  . PRO A 1 63  ? 10.405  -3.677  -3.735  1.00 21.79 ? 61  PRO A CD  1 
ATOM   447  N N   . LEU A 1 64  ? 6.792   -6.442  -5.031  1.00 20.97 ? 62  LEU A N   1 
ATOM   448  C CA  . LEU A 1 64  ? 5.455   -6.840  -4.569  1.00 21.11 ? 62  LEU A CA  1 
ATOM   449  C C   . LEU A 1 64  ? 5.452   -7.553  -3.213  1.00 21.47 ? 62  LEU A C   1 
ATOM   450  O O   . LEU A 1 64  ? 4.550   -7.322  -2.404  1.00 21.27 ? 62  LEU A O   1 
ATOM   451  C CB  . LEU A 1 64  ? 4.752   -7.718  -5.612  1.00 20.45 ? 62  LEU A CB  1 
ATOM   452  C CG  . LEU A 1 64  ? 4.461   -7.080  -6.995  1.00 21.60 ? 62  LEU A CG  1 
ATOM   453  C CD1 . LEU A 1 64  ? 3.688   -8.065  -7.865  1.00 22.61 ? 62  LEU A CD1 1 
ATOM   454  C CD2 . LEU A 1 64  ? 3.735   -5.755  -6.916  1.00 20.62 ? 62  LEU A CD2 1 
ATOM   455  N N   . TYR A 1 65  ? 6.456   -8.404  -2.971  1.00 22.20 ? 63  TYR A N   1 
ATOM   456  C CA  . TYR A 1 65  ? 6.424   -9.333  -1.830  1.00 22.86 ? 63  TYR A CA  1 
ATOM   457  C C   . TYR A 1 65  ? 6.618   -8.665  -0.460  1.00 23.44 ? 63  TYR A C   1 
ATOM   458  O O   . TYR A 1 65  ? 6.234   -9.232  0.555   1.00 22.97 ? 63  TYR A O   1 
ATOM   459  C CB  . TYR A 1 65  ? 7.452   -10.466 -2.013  1.00 22.76 ? 63  TYR A CB  1 
ATOM   460  C CG  . TYR A 1 65  ? 8.852   -10.072 -1.595  1.00 22.94 ? 63  TYR A CG  1 
ATOM   461  C CD1 . TYR A 1 65  ? 9.372   -10.464 -0.353  1.00 22.16 ? 63  TYR A CD1 1 
ATOM   462  C CD2 . TYR A 1 65  ? 9.649   -9.286  -2.433  1.00 23.42 ? 63  TYR A CD2 1 
ATOM   463  C CE1 . TYR A 1 65  ? 10.653  -10.075 0.055   1.00 24.49 ? 63  TYR A CE1 1 
ATOM   464  C CE2 . TYR A 1 65  ? 10.936  -8.899  -2.053  1.00 25.11 ? 63  TYR A CE2 1 
ATOM   465  C CZ  . TYR A 1 65  ? 11.427  -9.294  -0.799  1.00 26.40 ? 63  TYR A CZ  1 
ATOM   466  O OH  . TYR A 1 65  ? 12.705  -8.924  -0.431  1.00 27.36 ? 63  TYR A OH  1 
ATOM   467  N N   . CYS A 1 66  ? 7.229   -7.474  -0.440  1.00 23.83 ? 64  CYS A N   1 
ATOM   468  C CA  . CYS A 1 66  ? 7.565   -6.794  0.824   1.00 24.05 ? 64  CYS A CA  1 
ATOM   469  C C   . CYS A 1 66  ? 6.880   -5.421  0.958   1.00 24.13 ? 64  CYS A C   1 
ATOM   470  O O   . CYS A 1 66  ? 7.147   -4.682  1.897   1.00 24.86 ? 64  CYS A O   1 
ATOM   471  C CB  . CYS A 1 66  ? 9.103   -6.672  0.985   1.00 23.69 ? 64  CYS A CB  1 
ATOM   472  S SG  . CYS A 1 66  ? 9.891   -5.799  -0.386  1.00 25.70 ? 64  CYS A SG  1 
ATOM   473  N N   . SER A 1 67  ? 5.993   -5.105  0.013   1.00 24.05 ? 65  SER A N   1 
ATOM   474  C CA  . SER A 1 67  ? 5.231   -3.854  -0.012  1.00 23.57 ? 65  SER A CA  1 
ATOM   475  C C   . SER A 1 67  ? 3.789   -4.183  0.337   1.00 23.05 ? 65  SER A C   1 
ATOM   476  O O   . SER A 1 67  ? 3.188   -5.066  -0.287  1.00 23.33 ? 65  SER A O   1 
ATOM   477  C CB  . SER A 1 67  ? 5.299   -3.218  -1.408  1.00 23.33 ? 65  SER A CB  1 
ATOM   478  O OG  . SER A 1 67  ? 4.308   -2.222  -1.622  1.00 25.28 ? 65  SER A OG  1 
ATOM   479  N N   . ALA A 1 68  ? 3.223   -3.474  1.313   1.00 22.63 ? 66  ALA A N   1 
ATOM   480  C CA  . ALA A 1 68  ? 1.802   -3.680  1.650   1.00 21.17 ? 66  ALA A CA  1 
ATOM   481  C C   . ALA A 1 68  ? 0.889   -3.450  0.433   1.00 21.06 ? 66  ALA A C   1 
ATOM   482  O O   . ALA A 1 68  ? -0.006  -4.261  0.146   1.00 20.20 ? 66  ALA A O   1 
ATOM   483  C CB  . ALA A 1 68  ? 1.378   -2.804  2.842   1.00 21.81 ? 66  ALA A CB  1 
ATOM   484  N N   . MET A 1 69  ? 1.109   -2.345  -0.278  1.00 20.49 ? 67  MET A N   1 
ATOM   485  C CA  . MET A 1 69  ? 0.395   -2.075  -1.535  1.00 19.98 ? 67  MET A CA  1 
ATOM   486  C C   . MET A 1 69  ? 0.657   -3.173  -2.586  1.00 20.26 ? 67  MET A C   1 
ATOM   487  O O   . MET A 1 69  ? -0.279  -3.629  -3.261  1.00 20.39 ? 67  MET A O   1 
ATOM   488  C CB  . MET A 1 69  ? 0.760   -0.684  -2.067  1.00 19.40 ? 67  MET A CB  1 
ATOM   489  C CG  . MET A 1 69  ? 0.177   0.497   -1.214  1.00 18.04 ? 67  MET A CG  1 
ATOM   490  S SD  . MET A 1 69  ? 0.507   2.172   -1.883  1.00 4.88  ? 67  MET A SD  1 
ATOM   491  C CE  . MET A 1 69  ? 2.139   2.225   -1.627  1.00 15.42 ? 67  MET A CE  1 
ATOM   492  N N   . GLY A 1 70  ? 1.916   -3.614  -2.697  1.00 20.09 ? 68  GLY A N   1 
ATOM   493  C CA  . GLY A 1 70  ? 2.278   -4.702  -3.606  1.00 20.23 ? 68  GLY A CA  1 
ATOM   494  C C   . GLY A 1 70  ? 1.547   -6.004  -3.281  1.00 20.34 ? 68  GLY A C   1 
ATOM   495  O O   . GLY A 1 70  ? 1.098   -6.715  -4.181  1.00 19.75 ? 68  GLY A O   1 
ATOM   496  N N   . LYS A 1 71  ? 1.403   -6.309  -1.988  1.00 20.04 ? 69  LYS A N   1 
ATOM   497  C CA  . LYS A 1 71  ? 0.666   -7.504  -1.572  1.00 20.24 ? 69  LYS A CA  1 
ATOM   498  C C   . LYS A 1 71  ? -0.815  -7.399  -1.944  1.00 20.54 ? 69  LYS A C   1 
ATOM   499  O O   . LYS A 1 71  ? -1.431  -8.389  -2.362  1.00 20.82 ? 69  LYS A O   1 
ATOM   500  C CB  . LYS A 1 71  ? 0.861   -7.778  -0.078  1.00 20.09 ? 69  LYS A CB  1 
ATOM   501  C CG  . LYS A 1 71  ? 2.281   -8.263  0.241   1.00 20.87 ? 69  LYS A CG  1 
ATOM   502  C CD  . LYS A 1 71  ? 2.415   -8.735  1.708   1.00 19.08 ? 69  LYS A CD  1 
ATOM   503  C CE  . LYS A 1 71  ? 2.225   -7.560  2.675   1.00 21.29 ? 69  LYS A CE  1 
ATOM   504  N NZ  . LYS A 1 71  ? 2.424   -7.935  4.108   1.00 19.84 ? 69  LYS A NZ  1 
ATOM   505  N N   . ILE A 1 72  ? -1.373  -6.194  -1.848  1.00 19.64 ? 70  ILE A N   1 
ATOM   506  C CA  . ILE A 1 72  ? -2.748  -5.957  -2.312  1.00 19.05 ? 70  ILE A CA  1 
ATOM   507  C C   . ILE A 1 72  ? -2.875  -6.285  -3.801  1.00 19.23 ? 70  ILE A C   1 
ATOM   508  O O   . ILE A 1 72  ? -3.794  -6.987  -4.208  1.00 18.64 ? 70  ILE A O   1 
ATOM   509  C CB  . ILE A 1 72  ? -3.159  -4.501  -2.013  1.00 18.82 ? 70  ILE A CB  1 
ATOM   510  C CG1 . ILE A 1 72  ? -3.441  -4.353  -0.521  1.00 19.25 ? 70  ILE A CG1 1 
ATOM   511  C CG2 . ILE A 1 72  ? -4.390  -4.059  -2.846  1.00 18.84 ? 70  ILE A CG2 1 
ATOM   512  C CD1 . ILE A 1 72  ? -3.524  -2.924  -0.074  1.00 19.94 ? 70  ILE A CD1 1 
ATOM   513  N N   . TYR A 1 73  ? -1.934  -5.798  -4.613  1.00 18.45 ? 71  TYR A N   1 
ATOM   514  C CA  . TYR A 1 73  ? -1.975  -6.108  -6.047  1.00 18.69 ? 71  TYR A CA  1 
ATOM   515  C C   . TYR A 1 73  ? -1.967  -7.611  -6.282  1.00 19.08 ? 71  TYR A C   1 
ATOM   516  O O   . TYR A 1 73  ? -2.762  -8.110  -7.060  1.00 18.80 ? 71  TYR A O   1 
ATOM   517  C CB  . TYR A 1 73  ? -0.803  -5.449  -6.781  1.00 18.37 ? 71  TYR A CB  1 
ATOM   518  C CG  . TYR A 1 73  ? -0.846  -3.930  -6.751  1.00 18.68 ? 71  TYR A CG  1 
ATOM   519  C CD1 . TYR A 1 73  ? -2.034  -3.242  -6.995  1.00 18.19 ? 71  TYR A CD1 1 
ATOM   520  C CD2 . TYR A 1 73  ? 0.315   -3.184  -6.501  1.00 19.23 ? 71  TYR A CD2 1 
ATOM   521  C CE1 . TYR A 1 73  ? -2.082  -1.834  -6.987  1.00 20.50 ? 71  TYR A CE1 1 
ATOM   522  C CE2 . TYR A 1 73  ? 0.279   -1.769  -6.478  1.00 20.17 ? 71  TYR A CE2 1 
ATOM   523  C CZ  . TYR A 1 73  ? -0.918  -1.108  -6.727  1.00 19.88 ? 71  TYR A CZ  1 
ATOM   524  O OH  . TYR A 1 73  ? -0.954  0.272   -6.725  1.00 19.41 ? 71  TYR A OH  1 
ATOM   525  N N   . MET A 1 74  ? -1.079  -8.339  -5.602  1.00 19.14 ? 72  MET A N   1 
ATOM   526  C CA  . MET A 1 74  ? -1.070  -9.808  -5.764  1.00 19.20 ? 72  MET A CA  1 
ATOM   527  C C   . MET A 1 74  ? -2.356  -10.472 -5.233  1.00 19.27 ? 72  MET A C   1 
ATOM   528  O O   . MET A 1 74  ? -2.860  -11.428 -5.841  1.00 19.82 ? 72  MET A O   1 
ATOM   529  C CB  . MET A 1 74  ? 0.161   -10.445 -5.122  1.00 19.09 ? 72  MET A CB  1 
ATOM   530  C CG  . MET A 1 74  ? 1.473   -10.193 -5.925  1.00 20.03 ? 72  MET A CG  1 
ATOM   531  S SD  . MET A 1 74  ? 2.923   -11.246 -5.507  1.00 8.59  ? 72  MET A SD  1 
ATOM   532  C CE  . MET A 1 74  ? 3.060   -10.887 -3.906  1.00 13.40 ? 72  MET A CE  1 
ATOM   533  N N   . ALA A 1 75  ? -2.882  -9.965  -4.115  1.00 19.12 ? 73  ALA A N   1 
ATOM   534  C CA  . ALA A 1 75  ? -4.072  -10.553 -3.492  1.00 20.15 ? 73  ALA A CA  1 
ATOM   535  C C   . ALA A 1 75  ? -5.288  -10.483 -4.404  1.00 20.15 ? 73  ALA A C   1 
ATOM   536  O O   . ALA A 1 75  ? -6.150  -11.362 -4.361  1.00 20.62 ? 73  ALA A O   1 
ATOM   537  C CB  . ALA A 1 75  ? -4.371  -9.878  -2.150  1.00 19.47 ? 73  ALA A CB  1 
ATOM   538  N N   . PHE A 1 76  ? -5.366  -9.434  -5.218  1.00 20.44 ? 74  PHE A N   1 
ATOM   539  C CA  . PHE A 1 76  ? -6.468  -9.292  -6.176  1.00 20.97 ? 74  PHE A CA  1 
ATOM   540  C C   . PHE A 1 76  ? -6.154  -9.780  -7.598  1.00 21.95 ? 74  PHE A C   1 
ATOM   541  O O   . PHE A 1 76  ? -7.012  -9.709  -8.496  1.00 21.55 ? 74  PHE A O   1 
ATOM   542  C CB  . PHE A 1 76  ? -6.966  -7.853  -6.160  1.00 21.25 ? 74  PHE A CB  1 
ATOM   543  C CG  . PHE A 1 76  ? -7.808  -7.547  -4.956  1.00 20.63 ? 74  PHE A CG  1 
ATOM   544  C CD1 . PHE A 1 76  ? -9.200  -7.564  -5.046  1.00 19.70 ? 74  PHE A CD1 1 
ATOM   545  C CD2 . PHE A 1 76  ? -7.202  -7.263  -3.724  1.00 20.28 ? 74  PHE A CD2 1 
ATOM   546  C CE1 . PHE A 1 76  ? -9.997  -7.291  -3.912  1.00 18.24 ? 74  PHE A CE1 1 
ATOM   547  C CE2 . PHE A 1 76  ? -7.965  -6.994  -2.597  1.00 20.27 ? 74  PHE A CE2 1 
ATOM   548  C CZ  . PHE A 1 76  ? -9.375  -7.019  -2.688  1.00 18.53 ? 74  PHE A CZ  1 
ATOM   549  N N   . GLY A 1 77  ? -4.935  -10.296 -7.777  1.00 22.34 ? 75  GLY A N   1 
ATOM   550  C CA  . GLY A 1 77  ? -4.524  -10.930 -9.018  1.00 22.65 ? 75  GLY A CA  1 
ATOM   551  C C   . GLY A 1 77  ? -4.823  -12.428 -9.051  1.00 23.41 ? 75  GLY A C   1 
ATOM   552  O O   . GLY A 1 77  ? -5.518  -12.968 -8.176  1.00 22.56 ? 75  GLY A O   1 
ATOM   553  N N   . HIS A 1 78  ? -4.302  -13.100 -10.076 1.00 23.45 ? 76  HIS A N   1 
ATOM   554  C CA  . HIS A 1 78  ? -4.453  -14.549 -10.225 1.00 24.04 ? 76  HIS A CA  1 
ATOM   555  C C   . HIS A 1 78  ? -3.426  -15.305 -9.371  1.00 24.19 ? 76  HIS A C   1 
ATOM   556  O O   . HIS A 1 78  ? -2.280  -14.856 -9.266  1.00 24.14 ? 76  HIS A O   1 
ATOM   557  C CB  . HIS A 1 78  ? -4.301  -14.930 -11.696 1.00 23.36 ? 76  HIS A CB  1 
ATOM   558  C CG  . HIS A 1 78  ? -4.894  -16.258 -12.030 1.00 24.10 ? 76  HIS A CG  1 
ATOM   559  N ND1 . HIS A 1 78  ? -4.215  -17.442 -11.843 1.00 24.29 ? 76  HIS A ND1 1 
ATOM   560  C CD2 . HIS A 1 78  ? -6.119  -16.593 -12.506 1.00 25.32 ? 76  HIS A CD2 1 
ATOM   561  C CE1 . HIS A 1 78  ? -4.991  -18.454 -12.206 1.00 25.45 ? 76  HIS A CE1 1 
ATOM   562  N NE2 . HIS A 1 78  ? -6.147  -17.965 -12.621 1.00 25.98 ? 76  HIS A NE2 1 
ATOM   563  N N   . PRO A 1 79  ? -3.796  -16.443 -8.760  1.00 25.02 ? 77  PRO A N   1 
ATOM   564  C CA  . PRO A 1 79  ? -2.818  -17.202 -7.960  1.00 25.17 ? 77  PRO A CA  1 
ATOM   565  C C   . PRO A 1 79  ? -1.645  -17.738 -8.766  1.00 25.08 ? 77  PRO A C   1 
ATOM   566  O O   . PRO A 1 79  ? -0.566  -17.923 -8.184  1.00 25.55 ? 77  PRO A O   1 
ATOM   567  C CB  . PRO A 1 79  ? -3.631  -18.343 -7.333  1.00 25.78 ? 77  PRO A CB  1 
ATOM   568  C CG  . PRO A 1 79  ? -4.958  -18.347 -8.041  1.00 25.73 ? 77  PRO A CG  1 
ATOM   569  C CD  . PRO A 1 79  ? -5.139  -17.057 -8.743  1.00 24.74 ? 77  PRO A CD  1 
ATOM   570  N N   . ASP A 1 80  ? -1.827  -17.977 -10.069 1.00 24.79 ? 78  ASP A N   1 
ATOM   571  C CA  . ASP A 1 80  ? -0.712  -18.429 -10.908 1.00 24.83 ? 78  ASP A CA  1 
ATOM   572  C C   . ASP A 1 80  ? 0.382   -17.360 -10.952 1.00 23.88 ? 78  ASP A C   1 
ATOM   573  O O   . ASP A 1 80  ? 1.557   -17.679 -11.103 1.00 24.00 ? 78  ASP A O   1 
ATOM   574  C CB  . ASP A 1 80  ? -1.166  -18.738 -12.339 1.00 25.09 ? 78  ASP A CB  1 
ATOM   575  C CG  . ASP A 1 80  ? -2.008  -20.011 -12.437 1.00 26.95 ? 78  ASP A CG  1 
ATOM   576  O OD1 . ASP A 1 80  ? -2.150  -20.745 -11.433 1.00 25.41 ? 78  ASP A OD1 1 
ATOM   577  O OD2 . ASP A 1 80  ? -2.582  -20.340 -13.496 1.00 28.03 ? 78  ASP A OD2 1 
ATOM   578  N N   . TYR A 1 81  ? -0.009  -16.092 -10.812 1.00 23.20 ? 79  TYR A N   1 
ATOM   579  C CA  . TYR A 1 81  ? 0.980   -15.017 -10.807 1.00 23.55 ? 79  TYR A CA  1 
ATOM   580  C C   . TYR A 1 81  ? 1.986   -15.211 -9.670  1.00 23.45 ? 79  TYR A C   1 
ATOM   581  O O   . TYR A 1 81  ? 3.204   -15.061 -9.867  1.00 23.32 ? 79  TYR A O   1 
ATOM   582  C CB  . TYR A 1 81  ? 0.318   -13.628 -10.717 1.00 22.84 ? 79  TYR A CB  1 
ATOM   583  C CG  . TYR A 1 81  ? 1.314   -12.492 -10.884 1.00 23.31 ? 79  TYR A CG  1 
ATOM   584  C CD1 . TYR A 1 81  ? 1.407   -11.795 -12.096 1.00 23.82 ? 79  TYR A CD1 1 
ATOM   585  C CD2 . TYR A 1 81  ? 2.190   -12.142 -9.844  1.00 22.56 ? 79  TYR A CD2 1 
ATOM   586  C CE1 . TYR A 1 81  ? 2.342   -10.764 -12.262 1.00 23.43 ? 79  TYR A CE1 1 
ATOM   587  C CE2 . TYR A 1 81  ? 3.138   -11.126 -10.000 1.00 23.23 ? 79  TYR A CE2 1 
ATOM   588  C CZ  . TYR A 1 81  ? 3.200   -10.438 -11.214 1.00 24.41 ? 79  TYR A CZ  1 
ATOM   589  O OH  . TYR A 1 81  ? 4.116   -9.424  -11.391 1.00 22.91 ? 79  TYR A OH  1 
ATOM   590  N N   . VAL A 1 82  ? 1.463   -15.551 -8.485  1.00 23.85 ? 80  VAL A N   1 
ATOM   591  C CA  . VAL A 1 82  ? 2.253   -15.628 -7.256  1.00 23.95 ? 80  VAL A CA  1 
ATOM   592  C C   . VAL A 1 82  ? 3.254   -16.783 -7.342  1.00 24.56 ? 80  VAL A C   1 
ATOM   593  O O   . VAL A 1 82  ? 4.432   -16.617 -7.026  1.00 23.26 ? 80  VAL A O   1 
ATOM   594  C CB  . VAL A 1 82  ? 1.361   -15.804 -5.987  1.00 24.38 ? 80  VAL A CB  1 
ATOM   595  C CG1 . VAL A 1 82  ? 2.173   -15.622 -4.707  1.00 23.96 ? 80  VAL A CG1 1 
ATOM   596  C CG2 . VAL A 1 82  ? 0.156   -14.861 -6.020  1.00 23.72 ? 80  VAL A CG2 1 
ATOM   597  N N   . LYS A 1 83  ? 2.771   -17.939 -7.786  1.00 25.49 ? 81  LYS A N   1 
ATOM   598  C CA  . LYS A 1 83  ? 3.642   -19.085 -8.057  1.00 27.15 ? 81  LYS A CA  1 
ATOM   599  C C   . LYS A 1 83  ? 4.771   -18.741 -9.040  1.00 26.70 ? 81  LYS A C   1 
ATOM   600  O O   . LYS A 1 83  ? 5.938   -18.972 -8.726  1.00 27.25 ? 81  LYS A O   1 
ATOM   601  C CB  . LYS A 1 83  ? 2.831   -20.304 -8.544  1.00 28.10 ? 81  LYS A CB  1 
ATOM   602  C CG  . LYS A 1 83  ? 3.677   -21.572 -8.647  1.00 31.61 ? 81  LYS A CG  1 
ATOM   603  C CD  . LYS A 1 83  ? 2.923   -22.834 -8.245  1.00 37.72 ? 81  LYS A CD  1 
ATOM   604  C CE  . LYS A 1 83  ? 3.498   -24.062 -8.959  1.00 41.09 ? 81  LYS A CE  1 
ATOM   605  N NZ  . LYS A 1 83  ? 2.573   -24.567 -10.020 1.00 43.13 ? 81  LYS A NZ  1 
ATOM   606  N N   . SER A 1 84  ? 4.432   -18.159 -10.195 1.00 26.55 ? 82  SER A N   1 
ATOM   607  C CA  . SER A 1 84  ? 5.445   -17.814 -11.202 1.00 27.04 ? 82  SER A CA  1 
ATOM   608  C C   . SER A 1 84  ? 6.364   -16.699 -10.702 1.00 26.67 ? 82  SER A C   1 
ATOM   609  O O   . SER A 1 84  ? 7.551   -16.695 -10.998 1.00 26.75 ? 82  SER A O   1 
ATOM   610  C CB  . SER A 1 84  ? 4.808   -17.406 -12.541 1.00 27.39 ? 82  SER A CB  1 
ATOM   611  O OG  . SER A 1 84  ? 3.886   -18.395 -12.977 1.00 30.27 ? 82  SER A OG  1 
ATOM   612  N N   . TYR A 1 85  ? 5.802   -15.758 -9.944  1.00 26.12 ? 83  TYR A N   1 
ATOM   613  C CA  . TYR A 1 85  ? 6.581   -14.691 -9.320  1.00 25.64 ? 83  TYR A CA  1 
ATOM   614  C C   . TYR A 1 85  ? 7.652   -15.288 -8.412  1.00 26.13 ? 83  TYR A C   1 
ATOM   615  O O   . TYR A 1 85  ? 8.813   -14.904 -8.497  1.00 26.01 ? 83  TYR A O   1 
ATOM   616  C CB  . TYR A 1 85  ? 5.650   -13.735 -8.552  1.00 25.88 ? 83  TYR A CB  1 
ATOM   617  C CG  . TYR A 1 85  ? 6.344   -12.617 -7.797  1.00 25.13 ? 83  TYR A CG  1 
ATOM   618  C CD1 . TYR A 1 85  ? 6.551   -11.370 -8.389  1.00 24.21 ? 83  TYR A CD1 1 
ATOM   619  C CD2 . TYR A 1 85  ? 6.761   -12.797 -6.474  1.00 25.93 ? 83  TYR A CD2 1 
ATOM   620  C CE1 . TYR A 1 85  ? 7.183   -10.330 -7.691  1.00 23.70 ? 83  TYR A CE1 1 
ATOM   621  C CE2 . TYR A 1 85  ? 7.400   -11.773 -5.770  1.00 24.24 ? 83  TYR A CE2 1 
ATOM   622  C CZ  . TYR A 1 85  ? 7.597   -10.546 -6.372  1.00 25.36 ? 83  TYR A CZ  1 
ATOM   623  O OH  . TYR A 1 85  ? 8.211   -9.538  -5.654  1.00 25.10 ? 83  TYR A OH  1 
ATOM   624  N N   . TRP A 1 86  ? 7.263   -16.224 -7.545  1.00 26.47 ? 84  TRP A N   1 
ATOM   625  C CA  . TRP A 1 86  ? 8.224   -16.886 -6.652  1.00 27.35 ? 84  TRP A CA  1 
ATOM   626  C C   . TRP A 1 86  ? 9.303   -17.633 -7.444  1.00 28.71 ? 84  TRP A C   1 
ATOM   627  O O   . TRP A 1 86  ? 10.480  -17.611 -7.078  1.00 29.16 ? 84  TRP A O   1 
ATOM   628  C CB  . TRP A 1 86  ? 7.524   -17.830 -5.651  1.00 26.56 ? 84  TRP A CB  1 
ATOM   629  C CG  . TRP A 1 86  ? 7.774   -17.419 -4.230  1.00 26.35 ? 84  TRP A CG  1 
ATOM   630  C CD1 . TRP A 1 86  ? 8.642   -17.992 -3.345  1.00 26.55 ? 84  TRP A CD1 1 
ATOM   631  C CD2 . TRP A 1 86  ? 7.172   -16.316 -3.542  1.00 26.21 ? 84  TRP A CD2 1 
ATOM   632  N NE1 . TRP A 1 86  ? 8.619   -17.318 -2.145  1.00 27.00 ? 84  TRP A NE1 1 
ATOM   633  C CE2 . TRP A 1 86  ? 7.718   -16.286 -2.234  1.00 26.48 ? 84  TRP A CE2 1 
ATOM   634  C CE3 . TRP A 1 86  ? 6.205   -15.354 -3.894  1.00 26.32 ? 84  TRP A CE3 1 
ATOM   635  C CZ2 . TRP A 1 86  ? 7.344   -15.328 -1.280  1.00 26.37 ? 84  TRP A CZ2 1 
ATOM   636  C CZ3 . TRP A 1 86  ? 5.835   -14.398 -2.943  1.00 24.06 ? 84  TRP A CZ3 1 
ATOM   637  C CH2 . TRP A 1 86  ? 6.403   -14.393 -1.657  1.00 26.37 ? 84  TRP A CH2 1 
ATOM   638  N N   . GLU A 1 87  ? 8.898   -18.281 -8.531  1.00 29.81 ? 85  GLU A N   1 
ATOM   639  C CA  . GLU A 1 87  ? 9.843   -19.042 -9.351  1.00 31.46 ? 85  GLU A CA  1 
ATOM   640  C C   . GLU A 1 87  ? 10.877  -18.120 -9.995  1.00 31.34 ? 85  GLU A C   1 
ATOM   641  O O   . GLU A 1 87  ? 12.082  -18.423 -9.999  1.00 31.75 ? 85  GLU A O   1 
ATOM   642  C CB  . GLU A 1 87  ? 9.100   -19.861 -10.406 1.00 32.11 ? 85  GLU A CB  1 
ATOM   643  C CG  . GLU A 1 87  ? 8.487   -21.135 -9.847  1.00 36.48 ? 85  GLU A CG  1 
ATOM   644  C CD  . GLU A 1 87  ? 7.385   -21.716 -10.723 1.00 41.47 ? 85  GLU A CD  1 
ATOM   645  O OE1 . GLU A 1 87  ? 7.329   -21.406 -11.936 1.00 42.90 ? 85  GLU A OE1 1 
ATOM   646  O OE2 . GLU A 1 87  ? 6.565   -22.497 -10.189 1.00 43.52 ? 85  GLU A OE2 1 
ATOM   647  N N   . SER A 1 88  ? 10.404  -16.977 -10.491 1.00 30.87 ? 86  SER A N   1 
ATOM   648  C CA  . SER A 1 88  ? 11.213  -16.055 -11.291 1.00 30.40 ? 86  SER A CA  1 
ATOM   649  C C   . SER A 1 88  ? 11.907  -14.937 -10.491 1.00 30.62 ? 86  SER A C   1 
ATOM   650  O O   . SER A 1 88  ? 12.738  -14.222 -11.048 1.00 29.89 ? 86  SER A O   1 
ATOM   651  C CB  . SER A 1 88  ? 10.330  -15.413 -12.370 1.00 30.21 ? 86  SER A CB  1 
ATOM   652  O OG  . SER A 1 88  ? 9.344   -14.601 -11.749 1.00 29.86 ? 86  SER A OG  1 
ATOM   653  N N   . HIS A 1 89  ? 11.559  -14.773 -9.214  1.00 30.30 ? 87  HIS A N   1 
ATOM   654  C CA  . HIS A 1 89  ? 12.151  -13.723 -8.369  1.00 31.45 ? 87  HIS A CA  1 
ATOM   655  C C   . HIS A 1 89  ? 12.931  -14.294 -7.177  1.00 32.81 ? 87  HIS A C   1 
ATOM   656  O O   . HIS A 1 89  ? 13.075  -13.636 -6.134  1.00 32.42 ? 87  HIS A O   1 
ATOM   657  C CB  . HIS A 1 89  ? 11.081  -12.715 -7.883  1.00 30.58 ? 87  HIS A CB  1 
ATOM   658  C CG  . HIS A 1 89  ? 10.480  -11.892 -8.980  1.00 29.82 ? 87  HIS A CG  1 
ATOM   659  N ND1 . HIS A 1 89  ? 9.615   -12.416 -9.920  1.00 30.48 ? 87  HIS A ND1 1 
ATOM   660  C CD2 . HIS A 1 89  ? 10.619  -10.582 -9.290  1.00 28.35 ? 87  HIS A CD2 1 
ATOM   661  C CE1 . HIS A 1 89  ? 9.258   -11.468 -10.767 1.00 31.27 ? 87  HIS A CE1 1 
ATOM   662  N NE2 . HIS A 1 89  ? 9.851   -10.344 -10.407 1.00 30.67 ? 87  HIS A NE2 1 
ATOM   663  N N   . GLN A 1 90  ? 13.453  -15.507 -7.349  1.00 34.58 ? 88  GLN A N   1 
ATOM   664  C CA  . GLN A 1 90  ? 14.135  -16.226 -6.264  1.00 36.74 ? 88  GLN A CA  1 
ATOM   665  C C   . GLN A 1 90  ? 15.270  -15.416 -5.652  1.00 37.37 ? 88  GLN A C   1 
ATOM   666  O O   . GLN A 1 90  ? 15.460  -15.423 -4.438  1.00 37.98 ? 88  GLN A O   1 
ATOM   667  C CB  . GLN A 1 90  ? 14.645  -17.596 -6.730  1.00 36.93 ? 88  GLN A CB  1 
ATOM   668  C CG  . GLN A 1 90  ? 13.657  -18.731 -6.516  1.00 39.73 ? 88  GLN A CG  1 
ATOM   669  C CD  . GLN A 1 90  ? 13.168  -18.829 -5.068  1.00 44.42 ? 88  GLN A CD  1 
ATOM   670  O OE1 . GLN A 1 90  ? 13.878  -19.360 -4.204  1.00 46.33 ? 88  GLN A OE1 1 
ATOM   671  N NE2 . GLN A 1 90  ? 11.962  -18.312 -4.799  1.00 44.59 ? 88  GLN A NE2 1 
ATOM   672  N N   . HIS A 1 91  ? 15.991  -14.688 -6.494  1.00 38.35 ? 89  HIS A N   1 
ATOM   673  C CA  . HIS A 1 91  ? 17.119  -13.889 -6.046  1.00 39.16 ? 89  HIS A CA  1 
ATOM   674  C C   . HIS A 1 91  ? 16.665  -12.617 -5.329  1.00 38.81 ? 89  HIS A C   1 
ATOM   675  O O   . HIS A 1 91  ? 17.277  -12.183 -4.351  1.00 39.08 ? 89  HIS A O   1 
ATOM   676  C CB  . HIS A 1 91  ? 17.994  -13.545 -7.248  1.00 40.10 ? 89  HIS A CB  1 
ATOM   677  C CG  . HIS A 1 91  ? 19.201  -12.740 -6.901  1.00 42.37 ? 89  HIS A CG  1 
ATOM   678  N ND1 . HIS A 1 91  ? 19.298  -11.396 -7.184  1.00 44.97 ? 89  HIS A ND1 1 
ATOM   679  C CD2 . HIS A 1 91  ? 20.358  -13.085 -6.284  1.00 45.45 ? 89  HIS A CD2 1 
ATOM   680  C CE1 . HIS A 1 91  ? 20.467  -10.946 -6.761  1.00 46.64 ? 89  HIS A CE1 1 
ATOM   681  N NE2 . HIS A 1 91  ? 21.129  -11.951 -6.210  1.00 45.21 ? 89  HIS A NE2 1 
ATOM   682  N N   . GLU A 1 92  ? 15.580  -12.032 -5.821  1.00 38.25 ? 90  GLU A N   1 
ATOM   683  C CA  . GLU A 1 92  ? 15.061  -10.769 -5.304  1.00 37.47 ? 90  GLU A CA  1 
ATOM   684  C C   . GLU A 1 92  ? 14.282  -10.929 -3.991  1.00 36.11 ? 90  GLU A C   1 
ATOM   685  O O   . GLU A 1 92  ? 14.240  -9.996  -3.187  1.00 35.74 ? 90  GLU A O   1 
ATOM   686  C CB  . GLU A 1 92  ? 14.198  -10.083 -6.367  1.00 37.81 ? 90  GLU A CB  1 
ATOM   687  C CG  . GLU A 1 92  ? 14.955  -9.794  -7.661  1.00 41.15 ? 90  GLU A CG  1 
ATOM   688  C CD  . GLU A 1 92  ? 14.703  -10.812 -8.764  1.00 43.95 ? 90  GLU A CD  1 
ATOM   689  O OE1 . GLU A 1 92  ? 15.027  -12.009 -8.586  1.00 43.51 ? 90  GLU A OE1 1 
ATOM   690  O OE2 . GLU A 1 92  ? 14.179  -10.401 -9.826  1.00 47.68 ? 90  GLU A OE2 1 
ATOM   691  N N   . ILE A 1 93  ? 13.666  -12.096 -3.780  1.00 34.88 ? 91  ILE A N   1 
ATOM   692  C CA  . ILE A 1 93  ? 12.941  -12.360 -2.529  1.00 33.50 ? 91  ILE A CA  1 
ATOM   693  C C   . ILE A 1 93  ? 13.922  -12.697 -1.399  1.00 34.07 ? 91  ILE A C   1 
ATOM   694  O O   . ILE A 1 93  ? 14.477  -13.788 -1.338  1.00 34.35 ? 91  ILE A O   1 
ATOM   695  C CB  . ILE A 1 93  ? 11.856  -13.469 -2.695  1.00 33.00 ? 91  ILE A CB  1 
ATOM   696  C CG1 . ILE A 1 93  ? 10.785  -13.045 -3.718  1.00 31.55 ? 91  ILE A CG1 1 
ATOM   697  C CG2 . ILE A 1 93  ? 11.210  -13.807 -1.341  1.00 30.69 ? 91  ILE A CG2 1 
ATOM   698  C CD1 . ILE A 1 93  ? 10.118  -14.202 -4.452  1.00 28.04 ? 91  ILE A CD1 1 
ATOM   699  N N   . GLN A 1 94  ? 14.121  -11.745 -0.501  1.00 34.63 ? 92  GLN A N   1 
ATOM   700  C CA  . GLN A 1 94  ? 15.148  -11.852 0.532   1.00 35.26 ? 92  GLN A CA  1 
ATOM   701  C C   . GLN A 1 94  ? 14.588  -11.456 1.893   1.00 34.88 ? 92  GLN A C   1 
ATOM   702  O O   . GLN A 1 94  ? 13.704  -10.592 1.972   1.00 34.98 ? 92  GLN A O   1 
ATOM   703  C CB  . GLN A 1 94  ? 16.355  -10.968 0.172   1.00 35.71 ? 92  GLN A CB  1 
ATOM   704  C CG  . GLN A 1 94  ? 17.137  -11.424 -1.080  1.00 37.98 ? 92  GLN A CG  1 
ATOM   705  C CD  . GLN A 1 94  ? 17.856  -12.757 -0.891  1.00 40.78 ? 92  GLN A CD  1 
ATOM   706  O OE1 . GLN A 1 94  ? 18.338  -13.057 0.197   1.00 43.56 ? 92  GLN A OE1 1 
ATOM   707  N NE2 . GLN A 1 94  ? 17.925  -13.556 -1.953  1.00 41.74 ? 92  GLN A NE2 1 
ATOM   708  N N   . PRO A 1 95  ? 15.099  -12.073 2.957   1.00 34.72 ? 93  PRO A N   1 
ATOM   709  C CA  . PRO A 1 95  ? 14.624  -11.787 4.316   1.00 34.50 ? 93  PRO A CA  1 
ATOM   710  C C   . PRO A 1 95  ? 15.150  -10.461 4.836   1.00 34.13 ? 93  PRO A C   1 
ATOM   711  O O   . PRO A 1 95  ? 16.158  -10.433 5.556   1.00 35.13 ? 93  PRO A O   1 
ATOM   712  C CB  . PRO A 1 95  ? 15.186  -12.953 5.136   1.00 34.77 ? 93  PRO A CB  1 
ATOM   713  C CG  . PRO A 1 95  ? 16.447  -13.356 4.402   1.00 34.54 ? 93  PRO A CG  1 
ATOM   714  C CD  . PRO A 1 95  ? 16.166  -13.095 2.947   1.00 35.17 ? 93  PRO A CD  1 
ATOM   715  N N   . LEU A 1 96  ? 14.457  -9.380  4.500   1.00 32.74 ? 94  LEU A N   1 
ATOM   716  C CA  . LEU A 1 96  ? 14.856  -8.040  4.920   1.00 31.59 ? 94  LEU A CA  1 
ATOM   717  C C   . LEU A 1 96  ? 14.827  -7.892  6.438   1.00 30.99 ? 94  LEU A C   1 
ATOM   718  O O   . LEU A 1 96  ? 15.720  -7.269  7.034   1.00 31.14 ? 94  LEU A O   1 
ATOM   719  C CB  . LEU A 1 96  ? 13.972  -6.977  4.246   1.00 31.71 ? 94  LEU A CB  1 
ATOM   720  C CG  . LEU A 1 96  ? 13.855  -7.037  2.714   1.00 31.95 ? 94  LEU A CG  1 
ATOM   721  C CD1 . LEU A 1 96  ? 12.954  -5.917  2.223   1.00 32.84 ? 94  LEU A CD1 1 
ATOM   722  C CD2 . LEU A 1 96  ? 15.215  -6.979  2.023   1.00 34.29 ? 94  LEU A CD2 1 
ATOM   723  N N   . THR A 1 97  ? 13.790  -8.448  7.058   1.00 29.70 ? 95  THR A N   1 
ATOM   724  C CA  . THR A 1 97  ? 13.738  -8.609  8.516   1.00 28.66 ? 95  THR A CA  1 
ATOM   725  C C   . THR A 1 97  ? 13.292  -10.015 8.815   1.00 28.94 ? 95  THR A C   1 
ATOM   726  O O   . THR A 1 97  ? 12.958  -10.780 7.895   1.00 28.46 ? 95  THR A O   1 
ATOM   727  C CB  . THR A 1 97  ? 12.734  -7.621  9.185   1.00 28.22 ? 95  THR A CB  1 
ATOM   728  O OG1 . THR A 1 97  ? 11.389  -7.978  8.824   1.00 26.41 ? 95  THR A OG1 1 
ATOM   729  C CG2 . THR A 1 97  ? 12.916  -6.215  8.676   1.00 28.19 ? 95  THR A CG2 1 
ATOM   730  N N   . ARG A 1 98  ? 13.245  -10.343 10.107  1.00 28.74 ? 96  ARG A N   1 
ATOM   731  C CA  . ARG A 1 98  ? 12.732  -11.633 10.554  1.00 29.17 ? 96  ARG A CA  1 
ATOM   732  C C   . ARG A 1 98  ? 11.243  -11.838 10.203  1.00 28.46 ? 96  ARG A C   1 
ATOM   733  O O   . ARG A 1 98  ? 10.726  -12.951 10.296  1.00 27.97 ? 96  ARG A O   1 
ATOM   734  C CB  . ARG A 1 98  ? 12.938  -11.767 12.068  1.00 29.61 ? 96  ARG A CB  1 
ATOM   735  C CG  . ARG A 1 98  ? 12.172  -10.734 12.885  1.00 32.07 ? 96  ARG A CG  1 
ATOM   736  C CD  . ARG A 1 98  ? 12.306  -10.898 14.394  1.00 37.68 ? 96  ARG A CD  1 
ATOM   737  N NE  . ARG A 1 98  ? 11.583  -9.852  15.122  1.00 40.85 ? 96  ARG A NE  1 
ATOM   738  C CZ  . ARG A 1 98  ? 12.164  -8.898  15.862  1.00 44.92 ? 96  ARG A CZ  1 
ATOM   739  N NH1 . ARG A 1 98  ? 13.488  -8.842  15.986  1.00 45.71 ? 96  ARG A NH1 1 
ATOM   740  N NH2 . ARG A 1 98  ? 11.417  -7.988  16.485  1.00 44.85 ? 96  ARG A NH2 1 
ATOM   741  N N   . ASN A 1 99  ? 10.565  -10.758 9.810   1.00 27.80 ? 97  ASN A N   1 
ATOM   742  C CA  . ASN A 1 99  ? 9.131   -10.781 9.514   1.00 27.46 ? 97  ASN A CA  1 
ATOM   743  C C   . ASN A 1 99  ? 8.783   -10.831 8.032   1.00 26.99 ? 97  ASN A C   1 
ATOM   744  O O   . ASN A 1 99  ? 7.632   -11.088 7.688   1.00 26.24 ? 97  ASN A O   1 
ATOM   745  C CB  . ASN A 1 99  ? 8.434   -9.566  10.137  1.00 27.17 ? 97  ASN A CB  1 
ATOM   746  C CG  . ASN A 1 99  ? 8.707   -9.449  11.626  1.00 28.65 ? 97  ASN A CG  1 
ATOM   747  O OD1 . ASN A 1 99  ? 8.438   -10.386 12.383  1.00 28.75 ? 97  ASN A OD1 1 
ATOM   748  N ND2 . ASN A 1 99  ? 9.252   -8.308  12.051  1.00 25.73 ? 97  ASN A ND2 1 
ATOM   749  N N   . THR A 1 100 ? 9.769   -10.594 7.172   1.00 26.84 ? 98  THR A N   1 
ATOM   750  C CA  . THR A 1 100 ? 9.543   -10.579 5.724   1.00 27.14 ? 98  THR A CA  1 
ATOM   751  C C   . THR A 1 100 ? 8.978   -11.919 5.287   1.00 27.54 ? 98  THR A C   1 
ATOM   752  O O   . THR A 1 100 ? 9.430   -12.966 5.762   1.00 27.35 ? 98  THR A O   1 
ATOM   753  C CB  . THR A 1 100 ? 10.853  -10.310 4.979   1.00 26.87 ? 98  THR A CB  1 
ATOM   754  O OG1 . THR A 1 100 ? 11.488  -9.156  5.542   1.00 27.44 ? 98  THR A OG1 1 
ATOM   755  C CG2 . THR A 1 100 ? 10.570  -9.930  3.510   1.00 25.95 ? 98  THR A CG2 1 
ATOM   756  N N   . ILE A 1 101 ? 7.998   -11.882 4.379   1.00 27.44 ? 99  ILE A N   1 
ATOM   757  C CA  . ILE A 1 101 ? 7.367   -13.095 3.911   1.00 27.56 ? 99  ILE A CA  1 
ATOM   758  C C   . ILE A 1 101 ? 8.158   -13.600 2.710   1.00 28.02 ? 99  ILE A C   1 
ATOM   759  O O   . ILE A 1 101 ? 8.079   -13.023 1.617   1.00 28.28 ? 99  ILE A O   1 
ATOM   760  C CB  . ILE A 1 101 ? 5.874   -12.856 3.561   1.00 27.70 ? 99  ILE A CB  1 
ATOM   761  C CG1 . ILE A 1 101 ? 5.113   -12.278 4.770   1.00 26.45 ? 99  ILE A CG1 1 
ATOM   762  C CG2 . ILE A 1 101 ? 5.225   -14.161 3.098   1.00 27.36 ? 99  ILE A CG2 1 
ATOM   763  C CD1 . ILE A 1 101 ? 3.745   -11.692 4.419   1.00 27.03 ? 99  ILE A CD1 1 
ATOM   764  N N   . THR A 1 102 ? 8.931   -14.666 2.927   1.00 28.33 ? 100 THR A N   1 
ATOM   765  C CA  . THR A 1 102 ? 9.814   -15.221 1.894   1.00 28.99 ? 100 THR A CA  1 
ATOM   766  C C   . THR A 1 102 ? 9.397   -16.600 1.368   1.00 29.58 ? 100 THR A C   1 
ATOM   767  O O   . THR A 1 102 ? 9.945   -17.062 0.358   1.00 29.07 ? 100 THR A O   1 
ATOM   768  C CB  . THR A 1 102 ? 11.286  -15.287 2.375   1.00 29.01 ? 100 THR A CB  1 
ATOM   769  O OG1 . THR A 1 102 ? 11.372  -16.070 3.573   1.00 28.68 ? 100 THR A OG1 1 
ATOM   770  C CG2 . THR A 1 102 ? 11.786  -13.906 2.793   1.00 29.51 ? 100 THR A CG2 1 
ATOM   771  N N   . GLU A 1 103 ? 8.444   -17.239 2.051   1.00 30.06 ? 101 GLU A N   1 
ATOM   772  C CA  . GLU A 1 103 ? 7.951   -18.563 1.687   1.00 30.90 ? 101 GLU A CA  1 
ATOM   773  C C   . GLU A 1 103 ? 6.590   -18.467 1.014   1.00 30.31 ? 101 GLU A C   1 
ATOM   774  O O   . GLU A 1 103 ? 5.688   -17.765 1.495   1.00 29.99 ? 101 GLU A O   1 
ATOM   775  C CB  . GLU A 1 103 ? 7.852   -19.474 2.924   1.00 31.59 ? 101 GLU A CB  1 
ATOM   776  C CG  . GLU A 1 103 ? 9.093   -19.479 3.807   1.00 35.93 ? 101 GLU A CG  1 
ATOM   777  C CD  . GLU A 1 103 ? 8.890   -20.246 5.118   1.00 43.22 ? 101 GLU A CD  1 
ATOM   778  O OE1 . GLU A 1 103 ? 7.815   -20.098 5.773   1.00 46.43 ? 101 GLU A OE1 1 
ATOM   779  O OE2 . GLU A 1 103 ? 9.815   -21.005 5.500   1.00 45.00 ? 101 GLU A OE2 1 
ATOM   780  N N   . LEU A 1 104 ? 6.444   -19.186 -0.096  1.00 29.65 ? 102 LEU A N   1 
ATOM   781  C CA  . LEU A 1 104 ? 5.205   -19.158 -0.876  1.00 29.04 ? 102 LEU A CA  1 
ATOM   782  C C   . LEU A 1 104 ? 3.925   -19.548 -0.114  1.00 28.26 ? 102 LEU A C   1 
ATOM   783  O O   . LEU A 1 104 ? 2.897   -18.863 -0.247  1.00 28.15 ? 102 LEU A O   1 
ATOM   784  C CB  . LEU A 1 104 ? 5.362   -19.993 -2.155  1.00 29.31 ? 102 LEU A CB  1 
ATOM   785  C CG  . LEU A 1 104 ? 4.238   -19.940 -3.188  1.00 29.52 ? 102 LEU A CG  1 
ATOM   786  C CD1 . LEU A 1 104 ? 3.918   -18.476 -3.561  1.00 28.58 ? 102 LEU A CD1 1 
ATOM   787  C CD2 . LEU A 1 104 ? 4.616   -20.756 -4.415  1.00 29.02 ? 102 LEU A CD2 1 
ATOM   788  N N   . PRO A 1 105 ? 3.936   -20.653 0.640   1.00 28.04 ? 103 PRO A N   1 
ATOM   789  C CA  . PRO A 1 105 ? 2.730   -21.030 1.398   1.00 27.14 ? 103 PRO A CA  1 
ATOM   790  C C   . PRO A 1 105 ? 2.288   -19.926 2.361   1.00 26.26 ? 103 PRO A C   1 
ATOM   791  O O   . PRO A 1 105 ? 1.100   -19.626 2.405   1.00 25.01 ? 103 PRO A O   1 
ATOM   792  C CB  . PRO A 1 105 ? 3.159   -22.301 2.138   1.00 27.57 ? 103 PRO A CB  1 
ATOM   793  C CG  . PRO A 1 105 ? 4.263   -22.869 1.248   1.00 28.42 ? 103 PRO A CG  1 
ATOM   794  C CD  . PRO A 1 105 ? 5.015   -21.659 0.789   1.00 27.55 ? 103 PRO A CD  1 
ATOM   795  N N   . ALA A 1 106 ? 3.238   -19.349 3.101   1.00 25.52 ? 104 ALA A N   1 
ATOM   796  C CA  . ALA A 1 106 ? 2.976   -18.221 3.986   1.00 24.56 ? 104 ALA A CA  1 
ATOM   797  C C   . ALA A 1 106 ? 2.402   -17.034 3.216   1.00 23.88 ? 104 ALA A C   1 
ATOM   798  O O   . ALA A 1 106 ? 1.487   -16.370 3.705   1.00 23.71 ? 104 ALA A O   1 
ATOM   799  C CB  . ALA A 1 106 ? 4.246   -17.813 4.736   1.00 24.86 ? 104 ALA A CB  1 
ATOM   800  N N   . MET A 1 107 ? 2.920   -16.777 2.011   1.00 22.98 ? 105 MET A N   1 
ATOM   801  C CA  . MET A 1 107 ? 2.398   -15.665 1.225   1.00 22.18 ? 105 MET A CA  1 
ATOM   802  C C   . MET A 1 107 ? 0.942   -15.899 0.800   1.00 22.26 ? 105 MET A C   1 
ATOM   803  O O   . MET A 1 107 ? 0.110   -14.984 0.882   1.00 21.38 ? 105 MET A O   1 
ATOM   804  C CB  . MET A 1 107 ? 3.266   -15.338 0.007   1.00 21.82 ? 105 MET A CB  1 
ATOM   805  C CG  . MET A 1 107 ? 2.740   -14.101 -0.789  1.00 19.46 ? 105 MET A CG  1 
ATOM   806  S SD  . MET A 1 107 ? 2.510   -12.515 0.110   1.00 7.25  ? 105 MET A SD  1 
ATOM   807  C CE  . MET A 1 107 ? 4.188   -11.950 0.097   1.00 19.90 ? 105 MET A CE  1 
ATOM   808  N N   . PHE A 1 108 ? 0.626   -17.118 0.372   1.00 22.16 ? 106 PHE A N   1 
ATOM   809  C CA  . PHE A 1 108 ? -0.748  -17.427 -0.032  1.00 22.91 ? 106 PHE A CA  1 
ATOM   810  C C   . PHE A 1 108 ? -1.722  -17.229 1.137   1.00 23.13 ? 106 PHE A C   1 
ATOM   811  O O   . PHE A 1 108 ? -2.837  -16.738 0.947   1.00 23.19 ? 106 PHE A O   1 
ATOM   812  C CB  . PHE A 1 108 ? -0.854  -18.858 -0.591  1.00 23.48 ? 106 PHE A CB  1 
ATOM   813  C CG  . PHE A 1 108 ? -0.617  -18.946 -2.072  1.00 24.79 ? 106 PHE A CG  1 
ATOM   814  C CD1 . PHE A 1 108 ? -1.361  -18.184 -2.955  1.00 26.20 ? 106 PHE A CD1 1 
ATOM   815  C CD2 . PHE A 1 108 ? 0.368   -19.792 -2.582  1.00 28.19 ? 106 PHE A CD2 1 
ATOM   816  C CE1 . PHE A 1 108 ? -1.138  -18.271 -4.331  1.00 27.89 ? 106 PHE A CE1 1 
ATOM   817  C CE2 . PHE A 1 108 ? 0.600   -19.880 -3.952  1.00 28.69 ? 106 PHE A CE2 1 
ATOM   818  C CZ  . PHE A 1 108 ? -0.159  -19.124 -4.825  1.00 27.67 ? 106 PHE A CZ  1 
ATOM   819  N N   . ASP A 1 109 ? -1.291  -17.616 2.338   1.00 23.02 ? 107 ASP A N   1 
ATOM   820  C CA  . ASP A 1 109 ? -2.114  -17.449 3.538   1.00 23.84 ? 107 ASP A CA  1 
ATOM   821  C C   . ASP A 1 109 ? -2.377  -15.971 3.764   1.00 22.80 ? 107 ASP A C   1 
ATOM   822  O O   . ASP A 1 109 ? -3.504  -15.554 4.005   1.00 22.46 ? 107 ASP A O   1 
ATOM   823  C CB  . ASP A 1 109 ? -1.395  -18.026 4.753   1.00 24.69 ? 107 ASP A CB  1 
ATOM   824  C CG  . ASP A 1 109 ? -1.502  -19.540 4.839   1.00 30.23 ? 107 ASP A CG  1 
ATOM   825  O OD1 . ASP A 1 109 ? -2.269  -20.155 4.048   1.00 35.00 ? 107 ASP A OD1 1 
ATOM   826  O OD2 . ASP A 1 109 ? -0.855  -20.200 5.687   1.00 34.21 ? 107 ASP A OD2 1 
ATOM   827  N N   . GLU A 1 110 ? -1.307  -15.184 3.674   1.00 22.06 ? 108 GLU A N   1 
ATOM   828  C CA  . GLU A 1 110 ? -1.396  -13.732 3.795   1.00 21.45 ? 108 GLU A CA  1 
ATOM   829  C C   . GLU A 1 110 ? -2.321  -13.139 2.730   1.00 20.94 ? 108 GLU A C   1 
ATOM   830  O O   . GLU A 1 110 ? -3.167  -12.294 3.028   1.00 20.96 ? 108 GLU A O   1 
ATOM   831  C CB  . GLU A 1 110 ? 0.005   -13.121 3.657   1.00 22.20 ? 108 GLU A CB  1 
ATOM   832  C CG  . GLU A 1 110 ? 0.008   -11.599 3.520   1.00 22.90 ? 108 GLU A CG  1 
ATOM   833  C CD  . GLU A 1 110 ? 0.122   -10.877 4.852   1.00 27.39 ? 108 GLU A CD  1 
ATOM   834  O OE1 . GLU A 1 110 ? -0.068  -11.520 5.904   1.00 32.04 ? 108 GLU A OE1 1 
ATOM   835  O OE2 . GLU A 1 110 ? 0.403   -9.651  4.860   1.00 25.94 ? 108 GLU A OE2 1 
ATOM   836  N N   . LEU A 1 111 ? -2.145  -13.574 1.488   1.00 20.39 ? 109 LEU A N   1 
ATOM   837  C CA  . LEU A 1 111 ? -2.898  -13.021 0.377   1.00 20.38 ? 109 LEU A CA  1 
ATOM   838  C C   . LEU A 1 111 ? -4.383  -13.338 0.476   1.00 19.93 ? 109 LEU A C   1 
ATOM   839  O O   . LEU A 1 111 ? -5.200  -12.523 0.088   1.00 19.75 ? 109 LEU A O   1 
ATOM   840  C CB  . LEU A 1 111 ? -2.331  -13.497 -0.968  1.00 19.87 ? 109 LEU A CB  1 
ATOM   841  C CG  . LEU A 1 111 ? -0.945  -12.966 -1.358  1.00 20.79 ? 109 LEU A CG  1 
ATOM   842  C CD1 . LEU A 1 111 ? -0.564  -13.525 -2.729  1.00 20.50 ? 109 LEU A CD1 1 
ATOM   843  C CD2 . LEU A 1 111 ? -0.905  -11.437 -1.348  1.00 19.46 ? 109 LEU A CD2 1 
ATOM   844  N N   . ALA A 1 112 ? -4.721  -14.523 0.987   1.00 20.12 ? 110 ALA A N   1 
ATOM   845  C CA  . ALA A 1 112 ? -6.125  -14.859 1.233   1.00 20.43 ? 110 ALA A CA  1 
ATOM   846  C C   . ALA A 1 112 ? -6.773  -13.890 2.225   1.00 20.69 ? 110 ALA A C   1 
ATOM   847  O O   . ALA A 1 112 ? -7.874  -13.430 1.984   1.00 20.61 ? 110 ALA A O   1 
ATOM   848  C CB  . ALA A 1 112 ? -6.252  -16.302 1.712   1.00 20.25 ? 110 ALA A CB  1 
ATOM   849  N N   . HIS A 1 113 ? -6.088  -13.568 3.330   1.00 20.91 ? 111 HIS A N   1 
ATOM   850  C CA  . HIS A 1 113 ? -6.597  -12.594 4.285   1.00 21.45 ? 111 HIS A CA  1 
ATOM   851  C C   . HIS A 1 113 ? -6.789  -11.216 3.660   1.00 20.47 ? 111 HIS A C   1 
ATOM   852  O O   . HIS A 1 113 ? -7.784  -10.542 3.952   1.00 20.44 ? 111 HIS A O   1 
ATOM   853  C CB  . HIS A 1 113 ? -5.700  -12.463 5.533   1.00 22.40 ? 111 HIS A CB  1 
ATOM   854  C CG  . HIS A 1 113 ? -5.610  -13.710 6.362   1.00 27.88 ? 111 HIS A CG  1 
ATOM   855  N ND1 . HIS A 1 113 ? -6.711  -14.472 6.697   1.00 33.55 ? 111 HIS A ND1 1 
ATOM   856  C CD2 . HIS A 1 113 ? -4.545  -14.321 6.935   1.00 32.49 ? 111 HIS A CD2 1 
ATOM   857  C CE1 . HIS A 1 113 ? -6.328  -15.499 7.434   1.00 33.56 ? 111 HIS A CE1 1 
ATOM   858  N NE2 . HIS A 1 113 ? -5.018  -15.433 7.593   1.00 34.57 ? 111 HIS A NE2 1 
ATOM   859  N N   . ILE A 1 114 ? -5.814  -10.763 2.861   1.00 19.38 ? 112 ILE A N   1 
ATOM   860  C CA  . ILE A 1 114 ? -5.940  -9.462  2.175   1.00 18.75 ? 112 ILE A CA  1 
ATOM   861  C C   . ILE A 1 114 ? -7.115  -9.419  1.188   1.00 18.43 ? 112 ILE A C   1 
ATOM   862  O O   . ILE A 1 114 ? -7.859  -8.435  1.133   1.00 18.69 ? 112 ILE A O   1 
ATOM   863  C CB  . ILE A 1 114 ? -4.603  -9.095  1.437   1.00 18.89 ? 112 ILE A CB  1 
ATOM   864  C CG1 . ILE A 1 114 ? -3.484  -8.879  2.470   1.00 19.60 ? 112 ILE A CG1 1 
ATOM   865  C CG2 . ILE A 1 114 ? -4.787  -7.838  0.597   1.00 17.47 ? 112 ILE A CG2 1 
ATOM   866  C CD1 . ILE A 1 114 ? -2.049  -9.005  1.870   1.00 22.32 ? 112 ILE A CD1 1 
ATOM   867  N N   . ARG A 1 115 ? -7.253  -10.477 0.389   1.00 17.90 ? 113 ARG A N   1 
ATOM   868  C CA  . ARG A 1 115 ? -8.333  -10.562 -0.605  1.00 18.24 ? 113 ARG A CA  1 
ATOM   869  C C   . ARG A 1 115 ? -9.716  -10.545 0.066   1.00 18.72 ? 113 ARG A C   1 
ATOM   870  O O   . ARG A 1 115 ? -10.647 -9.870  -0.392  1.00 18.26 ? 113 ARG A O   1 
ATOM   871  C CB  . ARG A 1 115 ? -8.153  -11.808 -1.486  1.00 17.96 ? 113 ARG A CB  1 
ATOM   872  C CG  . ARG A 1 115 ? -9.258  -12.006 -2.565  1.00 16.99 ? 113 ARG A CG  1 
ATOM   873  C CD  . ARG A 1 115 ? -9.383  -10.841 -3.575  1.00 16.07 ? 113 ARG A CD  1 
ATOM   874  N NE  . ARG A 1 115 ? -10.519 -11.047 -4.489  1.00 19.30 ? 113 ARG A NE  1 
ATOM   875  C CZ  . ARG A 1 115 ? -11.772 -10.671 -4.239  1.00 21.16 ? 113 ARG A CZ  1 
ATOM   876  N NH1 . ARG A 1 115 ? -12.061 -10.044 -3.106  1.00 18.62 ? 113 ARG A NH1 1 
ATOM   877  N NH2 . ARG A 1 115 ? -12.742 -10.897 -5.134  1.00 20.16 ? 113 ARG A NH2 1 
ATOM   878  N N   . GLU A 1 116 ? -9.825  -11.247 1.185   1.00 19.42 ? 114 GLU A N   1 
ATOM   879  C CA  . GLU A 1 116 ? -11.079 -11.288 1.937   1.00 20.04 ? 114 GLU A CA  1 
ATOM   880  C C   . GLU A 1 116 ? -11.426 -9.937  2.574   1.00 20.21 ? 114 GLU A C   1 
ATOM   881  O O   . GLU A 1 116 ? -12.551 -9.451  2.449   1.00 20.08 ? 114 GLU A O   1 
ATOM   882  C CB  . GLU A 1 116 ? -10.998 -12.378 3.015   1.00 20.46 ? 114 GLU A CB  1 
ATOM   883  C CG  . GLU A 1 116 ? -11.094 -13.783 2.442   1.00 21.89 ? 114 GLU A CG  1 
ATOM   884  C CD  . GLU A 1 116 ? -10.353 -14.798 3.277   1.00 24.44 ? 114 GLU A CD  1 
ATOM   885  O OE1 . GLU A 1 116 ? -10.050 -14.508 4.453   1.00 26.86 ? 114 GLU A OE1 1 
ATOM   886  O OE2 . GLU A 1 116 ? -10.076 -15.887 2.744   1.00 25.61 ? 114 GLU A OE2 1 
ATOM   887  N N   . SER A 1 117 ? -10.456 -9.336  3.268   1.00 20.11 ? 115 SER A N   1 
ATOM   888  C CA  . SER A 1 117 ? -10.705 -8.126  4.049   1.00 20.31 ? 115 SER A CA  1 
ATOM   889  C C   . SER A 1 117 ? -10.574 -6.835  3.254   1.00 20.51 ? 115 SER A C   1 
ATOM   890  O O   . SER A 1 117 ? -11.123 -5.801  3.657   1.00 19.88 ? 115 SER A O   1 
ATOM   891  C CB  . SER A 1 117 ? -9.740  -8.056  5.245   1.00 20.49 ? 115 SER A CB  1 
ATOM   892  O OG  . SER A 1 117 ? -8.435  -7.766  4.775   1.00 20.86 ? 115 SER A OG  1 
ATOM   893  N N   . GLY A 1 118 ? -9.832  -6.876  2.152   1.00 20.17 ? 116 GLY A N   1 
ATOM   894  C CA  . GLY A 1 118 ? -9.587  -5.666  1.373   1.00 20.82 ? 116 GLY A CA  1 
ATOM   895  C C   . GLY A 1 118 ? -8.579  -4.706  2.008   1.00 21.00 ? 116 GLY A C   1 
ATOM   896  O O   . GLY A 1 118 ? -8.631  -3.489  1.778   1.00 21.85 ? 116 GLY A O   1 
ATOM   897  N N   . ALA A 1 119 ? -7.684  -5.245  2.829   1.00 20.67 ? 117 ALA A N   1 
ATOM   898  C CA  . ALA A 1 119 ? -6.634  -4.449  3.491   1.00 20.29 ? 117 ALA A CA  1 
ATOM   899  C C   . ALA A 1 119 ? -5.390  -5.273  3.735   1.00 19.82 ? 117 ALA A C   1 
ATOM   900  O O   . ALA A 1 119 ? -5.470  -6.488  3.939   1.00 19.49 ? 117 ALA A O   1 
ATOM   901  C CB  . ALA A 1 119 ? -7.140  -3.863  4.821   1.00 20.28 ? 117 ALA A CB  1 
ATOM   902  N N   . ALA A 1 120 ? -4.239  -4.602  3.745   1.00 19.35 ? 118 ALA A N   1 
ATOM   903  C CA  . ALA A 1 120 ? -2.973  -5.244  4.019   1.00 19.61 ? 118 ALA A CA  1 
ATOM   904  C C   . ALA A 1 120 ? -2.163  -4.435  5.022   1.00 19.83 ? 118 ALA A C   1 
ATOM   905  O O   . ALA A 1 120 ? -2.379  -3.236  5.187   1.00 20.81 ? 118 ALA A O   1 
ATOM   906  C CB  . ALA A 1 120 ? -2.176  -5.385  2.725   1.00 18.92 ? 118 ALA A CB  1 
ATOM   907  N N   . MET A 1 121 ? -1.209  -5.094  5.662   1.00 20.77 ? 119 MET A N   1 
ATOM   908  C CA  . MET A 1 121 ? -0.256  -4.382  6.494   1.00 20.92 ? 119 MET A CA  1 
ATOM   909  C C   . MET A 1 121 ? 1.151   -4.743  6.094   1.00 21.50 ? 119 MET A C   1 
ATOM   910  O O   . MET A 1 121 ? 1.397   -5.826  5.539   1.00 21.97 ? 119 MET A O   1 
ATOM   911  C CB  . MET A 1 121 ? -0.491  -4.721  7.974   1.00 20.66 ? 119 MET A CB  1 
ATOM   912  C CG  . MET A 1 121 ? -1.564  -3.848  8.642   1.00 22.11 ? 119 MET A CG  1 
ATOM   913  S SD  . MET A 1 121 ? -1.579  -4.115  10.468  1.00 16.82 ? 119 MET A SD  1 
ATOM   914  C CE  . MET A 1 121 ? -0.992  -2.957  10.856  1.00 22.13 ? 119 MET A CE  1 
ATOM   915  N N   . ASP A 1 122 ? 2.069   -3.811  6.337   1.00 21.95 ? 120 ASP A N   1 
ATOM   916  C CA  . ASP A 1 122 ? 3.467   -4.153  6.409   1.00 21.83 ? 120 ASP A CA  1 
ATOM   917  C C   . ASP A 1 122 ? 3.753   -4.226  7.903   1.00 21.90 ? 120 ASP A C   1 
ATOM   918  O O   . ASP A 1 122 ? 3.768   -3.204  8.586   1.00 21.99 ? 120 ASP A O   1 
ATOM   919  C CB  . ASP A 1 122 ? 4.324   -3.092  5.716   1.00 22.26 ? 120 ASP A CB  1 
ATOM   920  C CG  . ASP A 1 122 ? 5.805   -3.216  6.067   1.00 23.22 ? 120 ASP A CG  1 
ATOM   921  O OD1 . ASP A 1 122 ? 6.208   -4.253  6.665   1.00 22.33 ? 120 ASP A OD1 1 
ATOM   922  O OD2 . ASP A 1 122 ? 6.624   -2.308  5.800   1.00 24.34 ? 120 ASP A OD2 1 
ATOM   923  N N   . ARG A 1 123 ? 3.937   -5.445  8.401   1.00 22.60 ? 121 ARG A N   1 
ATOM   924  C CA  . ARG A 1 123 ? 4.169   -5.685  9.824   1.00 23.66 ? 121 ARG A CA  1 
ATOM   925  C C   . ARG A 1 123 ? 5.666   -5.826  10.041  1.00 23.66 ? 121 ARG A C   1 
ATOM   926  O O   . ARG A 1 123 ? 6.185   -6.942  10.254  1.00 23.77 ? 121 ARG A O   1 
ATOM   927  C CB  . ARG A 1 123 ? 3.420   -6.946  10.299  1.00 24.03 ? 121 ARG A CB  1 
ATOM   928  C CG  . ARG A 1 123 ? 1.904   -6.813  10.241  1.00 26.54 ? 121 ARG A CG  1 
ATOM   929  C CD  . ARG A 1 123 ? 1.116   -8.096  10.612  1.00 31.31 ? 121 ARG A CD  1 
ATOM   930  N NE  . ARG A 1 123 ? -0.307  -7.907  10.324  1.00 35.95 ? 121 ARG A NE  1 
ATOM   931  C CZ  . ARG A 1 123 ? -0.890  -8.182  9.150   1.00 38.62 ? 121 ARG A CZ  1 
ATOM   932  N NH1 . ARG A 1 123 ? -0.188  -8.693  8.147   1.00 38.87 ? 121 ARG A NH1 1 
ATOM   933  N NH2 . ARG A 1 123 ? -2.186  -7.949  8.978   1.00 40.79 ? 121 ARG A NH2 1 
ATOM   934  N N   . GLU A 1 124 ? 6.359   -4.686  9.973   1.00 23.69 ? 122 GLU A N   1 
ATOM   935  C CA  . GLU A 1 124 ? 7.830   -4.649  10.101  1.00 23.65 ? 122 GLU A CA  1 
ATOM   936  C C   . GLU A 1 124 ? 8.547   -5.651  9.178   1.00 23.86 ? 122 GLU A C   1 
ATOM   937  O O   . GLU A 1 124 ? 9.501   -6.343  9.590   1.00 22.64 ? 122 GLU A O   1 
ATOM   938  C CB  . GLU A 1 124 ? 8.238   -4.875  11.562  1.00 24.03 ? 122 GLU A CB  1 
ATOM   939  C CG  . GLU A 1 124 ? 7.579   -3.919  12.549  1.00 24.56 ? 122 GLU A CG  1 
ATOM   940  C CD  . GLU A 1 124 ? 7.995   -4.235  13.977  1.00 26.30 ? 122 GLU A CD  1 
ATOM   941  O OE1 . GLU A 1 124 ? 7.281   -5.005  14.641  1.00 28.46 ? 122 GLU A OE1 1 
ATOM   942  O OE2 . GLU A 1 124 ? 9.051   -3.738  14.410  1.00 25.99 ? 122 GLU A OE2 1 
ATOM   943  N N   . GLU A 1 125 ? 8.075   -5.730  7.933   1.00 23.39 ? 123 GLU A N   1 
ATOM   944  C CA  . GLU A 1 125 ? 8.647   -6.627  6.928   1.00 23.60 ? 123 GLU A CA  1 
ATOM   945  C C   . GLU A 1 125 ? 9.769   -5.976  6.115   1.00 24.24 ? 123 GLU A C   1 
ATOM   946  O O   . GLU A 1 125 ? 10.493  -6.664  5.398   1.00 25.04 ? 123 GLU A O   1 
ATOM   947  C CB  . GLU A 1 125 ? 7.551   -7.140  5.981   1.00 23.34 ? 123 GLU A CB  1 
ATOM   948  C CG  . GLU A 1 125 ? 6.503   -7.988  6.688   1.00 22.69 ? 123 GLU A CG  1 
ATOM   949  C CD  . GLU A 1 125 ? 5.160   -7.979  5.969   1.00 22.18 ? 123 GLU A CD  1 
ATOM   950  O OE1 . GLU A 1 125 ? 5.144   -8.150  4.728   1.00 21.37 ? 123 GLU A OE1 1 
ATOM   951  O OE2 . GLU A 1 125 ? 4.137   -7.771  6.652   1.00 22.10 ? 123 GLU A OE2 1 
ATOM   952  N N   . ASN A 1 126 ? 9.906   -4.654  6.217   1.00 25.07 ? 124 ASN A N   1 
ATOM   953  C CA  . ASN A 1 126 ? 11.001  -3.942  5.558   1.00 25.80 ? 124 ASN A CA  1 
ATOM   954  C C   . ASN A 1 126 ? 12.060  -3.475  6.537   1.00 26.45 ? 124 ASN A C   1 
ATOM   955  O O   . ASN A 1 126 ? 13.251  -3.619  6.286   1.00 25.82 ? 124 ASN A O   1 
ATOM   956  C CB  . ASN A 1 126 ? 10.476  -2.737  4.793   1.00 26.18 ? 124 ASN A CB  1 
ATOM   957  C CG  . ASN A 1 126 ? 9.758   -3.137  3.547   1.00 26.95 ? 124 ASN A CG  1 
ATOM   958  O OD1 . ASN A 1 126 ? 10.376  -3.334  2.491   1.00 27.83 ? 124 ASN A OD1 1 
ATOM   959  N ND2 . ASN A 1 126 ? 8.443   -3.279  3.654   1.00 25.60 ? 124 ASN A ND2 1 
ATOM   960  N N   . GLU A 1 127 ? 11.602  -2.912  7.651   1.00 27.01 ? 125 GLU A N   1 
ATOM   961  C CA  . GLU A 1 127 ? 12.482  -2.429  8.701   1.00 27.98 ? 125 GLU A CA  1 
ATOM   962  C C   . GLU A 1 127 ? 11.760  -2.511  10.037  1.00 28.04 ? 125 GLU A C   1 
ATOM   963  O O   . GLU A 1 127 ? 10.580  -2.142  10.148  1.00 27.46 ? 125 GLU A O   1 
ATOM   964  C CB  . GLU A 1 127 ? 12.916  -0.987  8.419   1.00 28.50 ? 125 GLU A CB  1 
ATOM   965  C CG  . GLU A 1 127 ? 13.785  -0.385  9.507   1.00 31.42 ? 125 GLU A CG  1 
ATOM   966  C CD  . GLU A 1 127 ? 14.116  1.072   9.267   1.00 35.06 ? 125 GLU A CD  1 
ATOM   967  O OE1 . GLU A 1 127 ? 14.012  1.550   8.113   1.00 37.12 ? 125 GLU A OE1 1 
ATOM   968  O OE2 . GLU A 1 127 ? 14.498  1.732   10.249  1.00 38.01 ? 125 GLU A OE2 1 
ATOM   969  N N   . LEU A 1 128 ? 12.465  -3.001  11.057  1.00 27.20 ? 126 LEU A N   1 
ATOM   970  C CA  . LEU A 1 128 ? 11.879  -3.053  12.385  1.00 27.40 ? 126 LEU A CA  1 
ATOM   971  C C   . LEU A 1 128 ? 11.523  -1.646  12.797  1.00 26.75 ? 126 LEU A C   1 
ATOM   972  O O   . LEU A 1 128 ? 12.235  -0.694  12.447  1.00 26.39 ? 126 LEU A O   1 
ATOM   973  C CB  . LEU A 1 128 ? 12.828  -3.694  13.409  1.00 27.89 ? 126 LEU A CB  1 
ATOM   974  C CG  . LEU A 1 128 ? 13.190  -5.164  13.174  1.00 29.10 ? 126 LEU A CG  1 
ATOM   975  C CD1 . LEU A 1 128 ? 14.085  -5.657  14.317  1.00 30.90 ? 126 LEU A CD1 1 
ATOM   976  C CD2 . LEU A 1 128 ? 11.957  -6.065  13.032  1.00 28.30 ? 126 LEU A CD2 1 
ATOM   977  N N   . GLY A 1 129 ? 10.401  -1.517  13.503  1.00 25.63 ? 127 GLY A N   1 
ATOM   978  C CA  . GLY A 1 129 ? 9.916   -0.216  13.933  1.00 25.43 ? 127 GLY A CA  1 
ATOM   979  C C   . GLY A 1 129 ? 9.100   0.575   12.919  1.00 24.82 ? 127 GLY A C   1 
ATOM   980  O O   . GLY A 1 129 ? 8.592   1.638   13.247  1.00 24.51 ? 127 GLY A O   1 
ATOM   981  N N   . VAL A 1 130 ? 8.981   0.068   11.694  1.00 24.06 ? 128 VAL A N   1 
ATOM   982  C CA  . VAL A 1 130 ? 8.207   0.723   10.649  1.00 23.31 ? 128 VAL A CA  1 
ATOM   983  C C   . VAL A 1 130 ? 7.083   -0.227  10.232  1.00 22.86 ? 128 VAL A C   1 
ATOM   984  O O   . VAL A 1 130 ? 7.345   -1.394  9.898   1.00 23.18 ? 128 VAL A O   1 
ATOM   985  C CB  . VAL A 1 130 ? 9.078   1.067   9.410   1.00 23.61 ? 128 VAL A CB  1 
ATOM   986  C CG1 . VAL A 1 130 ? 8.236   1.711   8.284   1.00 22.57 ? 128 VAL A CG1 1 
ATOM   987  C CG2 . VAL A 1 130 ? 10.275  1.958   9.807   1.00 23.54 ? 128 VAL A CG2 1 
ATOM   988  N N   . SER A 1 131 ? 5.850   0.281   10.279  1.00 22.13 ? 129 SER A N   1 
ATOM   989  C CA  . SER A 1 131 ? 4.647   -0.455  9.866   1.00 22.15 ? 129 SER A CA  1 
ATOM   990  C C   . SER A 1 131 ? 3.866   0.336   8.826   1.00 22.31 ? 129 SER A C   1 
ATOM   991  O O   . SER A 1 131 ? 4.019   1.558   8.742   1.00 22.13 ? 129 SER A O   1 
ATOM   992  C CB  . SER A 1 131 ? 3.758   -0.701  11.080  1.00 22.23 ? 129 SER A CB  1 
ATOM   993  O OG  . SER A 1 131 ? 4.444   -1.511  12.020  1.00 22.05 ? 129 SER A OG  1 
ATOM   994  N N   . CYS A 1 132 ? 3.034   -0.341  8.028   1.00 21.72 ? 130 CYS A N   1 
ATOM   995  C CA  . CYS A 1 132 ? 2.144   0.366   7.108   1.00 23.49 ? 130 CYS A CA  1 
ATOM   996  C C   . CYS A 1 132 ? 0.777   -0.298  7.070   1.00 21.79 ? 130 CYS A C   1 
ATOM   997  O O   . CYS A 1 132 ? 0.653   -1.492  7.386   1.00 21.11 ? 130 CYS A O   1 
ATOM   998  C CB  . CYS A 1 132 ? 2.732   0.391   5.684   1.00 24.69 ? 130 CYS A CB  1 
ATOM   999  S SG  . CYS A 1 132 ? 4.452   0.949   5.689   1.00 36.30 ? 130 CYS A SG  1 
ATOM   1000 N N   . ILE A 1 133 ? -0.240  0.481   6.690   1.00 20.89 ? 131 ILE A N   1 
ATOM   1001 C CA  . ILE A 1 133 ? -1.592  -0.069  6.427   1.00 19.91 ? 131 ILE A CA  1 
ATOM   1002 C C   . ILE A 1 133 ? -1.946  0.366   5.014   1.00 19.24 ? 131 ILE A C   1 
ATOM   1003 O O   . ILE A 1 133 ? -1.758  1.533   4.676   1.00 18.66 ? 131 ILE A O   1 
ATOM   1004 C CB  . ILE A 1 133 ? -2.646  0.505   7.405   1.00 20.02 ? 131 ILE A CB  1 
ATOM   1005 C CG1 . ILE A 1 133 ? -2.179  0.403   8.855   1.00 21.72 ? 131 ILE A CG1 1 
ATOM   1006 C CG2 . ILE A 1 133 ? -4.011  -0.229  7.247   1.00 19.46 ? 131 ILE A CG2 1 
ATOM   1007 C CD1 . ILE A 1 133 ? -2.910  1.380   9.784   1.00 23.74 ? 131 ILE A CD1 1 
ATOM   1008 N N   . ALA A 1 134 ? -2.466  -0.550  4.196   1.00 17.89 ? 132 ALA A N   1 
ATOM   1009 C CA  . ALA A 1 134 ? -2.720  -0.240  2.788   1.00 17.66 ? 132 ALA A CA  1 
ATOM   1010 C C   . ALA A 1 134 ? -4.104  -0.747  2.365   1.00 17.86 ? 132 ALA A C   1 
ATOM   1011 O O   . ALA A 1 134 ? -4.631  -1.719  2.942   1.00 18.43 ? 132 ALA A O   1 
ATOM   1012 C CB  . ALA A 1 134 ? -1.631  -0.859  1.904   1.00 17.03 ? 132 ALA A CB  1 
ATOM   1013 N N   . VAL A 1 135 ? -4.692  -0.064  1.383   1.00 18.72 ? 133 VAL A N   1 
ATOM   1014 C CA  . VAL A 1 135 ? -5.977  -0.443  0.802   1.00 18.51 ? 133 VAL A CA  1 
ATOM   1015 C C   . VAL A 1 135 ? -5.942  -0.327  -0.736  1.00 19.01 ? 133 VAL A C   1 
ATOM   1016 O O   . VAL A 1 135 ? -5.179  0.463   -1.289  1.00 18.53 ? 133 VAL A O   1 
ATOM   1017 C CB  . VAL A 1 135 ? -7.157  0.434   1.338   1.00 19.05 ? 133 VAL A CB  1 
ATOM   1018 C CG1 . VAL A 1 135 ? -7.434  0.162   2.812   1.00 19.13 ? 133 VAL A CG1 1 
ATOM   1019 C CG2 . VAL A 1 135 ? -6.908  1.931   1.077   1.00 19.15 ? 133 VAL A CG2 1 
ATOM   1020 N N   . PRO A 1 136 ? -6.773  -1.109  -1.425  1.00 19.41 ? 134 PRO A N   1 
ATOM   1021 C CA  . PRO A 1 136 ? -6.928  -0.988  -2.885  1.00 19.42 ? 134 PRO A CA  1 
ATOM   1022 C C   . PRO A 1 136 ? -7.754  0.229   -3.305  1.00 20.01 ? 134 PRO A C   1 
ATOM   1023 O O   . PRO A 1 136 ? -8.592  0.686   -2.531  1.00 20.03 ? 134 PRO A O   1 
ATOM   1024 C CB  . PRO A 1 136 ? -7.683  -2.273  -3.254  1.00 19.99 ? 134 PRO A CB  1 
ATOM   1025 C CG  . PRO A 1 136 ? -8.510  -2.592  -1.999  1.00 18.73 ? 134 PRO A CG  1 
ATOM   1026 C CD  . PRO A 1 136 ? -7.598  -2.203  -0.863  1.00 19.41 ? 134 PRO A CD  1 
ATOM   1027 N N   . VAL A 1 137 ? -7.487  0.757   -4.508  1.00 19.58 ? 135 VAL A N   1 
ATOM   1028 C CA  . VAL A 1 137 ? -8.366  1.715   -5.180  1.00 20.24 ? 135 VAL A CA  1 
ATOM   1029 C C   . VAL A 1 137 ? -8.916  0.928   -6.364  1.00 21.15 ? 135 VAL A C   1 
ATOM   1030 O O   . VAL A 1 137 ? -8.159  0.507   -7.235  1.00 21.06 ? 135 VAL A O   1 
ATOM   1031 C CB  . VAL A 1 137 ? -7.599  2.964   -5.692  1.00 21.44 ? 135 VAL A CB  1 
ATOM   1032 C CG1 . VAL A 1 137 ? -8.510  3.880   -6.560  1.00 20.81 ? 135 VAL A CG1 1 
ATOM   1033 C CG2 . VAL A 1 137 ? -6.992  3.723   -4.521  1.00 20.97 ? 135 VAL A CG2 1 
ATOM   1034 N N   . PHE A 1 138 ? -10.217 0.670   -6.366  1.00 21.76 ? 136 PHE A N   1 
ATOM   1035 C CA  . PHE A 1 138 ? -10.794 -0.188  -7.401  1.00 23.11 ? 136 PHE A CA  1 
ATOM   1036 C C   . PHE A 1 138 ? -11.164 0.622   -8.642  1.00 24.24 ? 136 PHE A C   1 
ATOM   1037 O O   . PHE A 1 138 ? -11.614 1.767   -8.521  1.00 24.19 ? 136 PHE A O   1 
ATOM   1038 C CB  . PHE A 1 138 ? -12.053 -0.892  -6.855  1.00 22.92 ? 136 PHE A CB  1 
ATOM   1039 C CG  . PHE A 1 138 ? -11.761 -1.958  -5.824  1.00 22.65 ? 136 PHE A CG  1 
ATOM   1040 C CD1 . PHE A 1 138 ? -11.222 -3.189  -6.208  1.00 21.42 ? 136 PHE A CD1 1 
ATOM   1041 C CD2 . PHE A 1 138 ? -12.046 -1.731  -4.474  1.00 22.45 ? 136 PHE A CD2 1 
ATOM   1042 C CE1 . PHE A 1 138 ? -10.955 -4.193  -5.253  1.00 21.61 ? 136 PHE A CE1 1 
ATOM   1043 C CE2 . PHE A 1 138 ? -11.785 -2.717  -3.504  1.00 22.81 ? 136 PHE A CE2 1 
ATOM   1044 C CZ  . PHE A 1 138 ? -11.233 -3.960  -3.909  1.00 20.96 ? 136 PHE A CZ  1 
ATOM   1045 N N   . ASP A 1 139 ? -10.997 0.035   -9.823  1.00 26.10 ? 137 ASP A N   1 
ATOM   1046 C CA  . ASP A 1 139 ? -11.634 0.612   -11.014 1.00 28.54 ? 137 ASP A CA  1 
ATOM   1047 C C   . ASP A 1 139 ? -13.094 0.124   -11.114 1.00 29.70 ? 137 ASP A C   1 
ATOM   1048 O O   . ASP A 1 139 ? -13.562 -0.626  -10.247 1.00 29.27 ? 137 ASP A O   1 
ATOM   1049 C CB  . ASP A 1 139 ? -10.825 0.372   -12.298 1.00 28.39 ? 137 ASP A CB  1 
ATOM   1050 C CG  . ASP A 1 139 ? -10.813 -1.096  -12.763 1.00 30.93 ? 137 ASP A CG  1 
ATOM   1051 O OD1 . ASP A 1 139 ? -11.641 -1.937  -12.315 1.00 30.23 ? 137 ASP A OD1 1 
ATOM   1052 O OD2 . ASP A 1 139 ? -9.988  -1.488  -13.617 1.00 31.37 ? 137 ASP A OD2 1 
ATOM   1053 N N   . ILE A 1 140 ? -13.811 0.557   -12.153 1.00 31.68 ? 138 ILE A N   1 
ATOM   1054 C CA  . ILE A 1 140 ? -15.230 0.204   -12.306 1.00 33.38 ? 138 ILE A CA  1 
ATOM   1055 C C   . ILE A 1 140 ? -15.465 -1.306  -12.398 1.00 33.91 ? 138 ILE A C   1 
ATOM   1056 O O   . ILE A 1 140 ? -16.558 -1.785  -12.086 1.00 35.06 ? 138 ILE A O   1 
ATOM   1057 C CB  . ILE A 1 140 ? -15.885 0.941   -13.520 1.00 33.70 ? 138 ILE A CB  1 
ATOM   1058 C CG1 . ILE A 1 140 ? -15.017 0.820   -14.776 1.00 34.62 ? 138 ILE A CG1 1 
ATOM   1059 C CG2 . ILE A 1 140 ? -16.192 2.414   -13.167 1.00 35.02 ? 138 ILE A CG2 1 
ATOM   1060 C CD1 . ILE A 1 140 ? -15.808 0.863   -16.080 1.00 38.35 ? 138 ILE A CD1 1 
ATOM   1061 N N   . HIS A 1 141 ? -14.436 -2.046  -12.808 1.00 34.10 ? 139 HIS A N   1 
ATOM   1062 C CA  . HIS A 1 141 ? -14.534 -3.495  -13.001 1.00 34.54 ? 139 HIS A CA  1 
ATOM   1063 C C   . HIS A 1 141 ? -14.002 -4.307  -11.825 1.00 33.02 ? 139 HIS A C   1 
ATOM   1064 O O   . HIS A 1 141 ? -13.851 -5.516  -11.929 1.00 33.34 ? 139 HIS A O   1 
ATOM   1065 C CB  . HIS A 1 141 ? -13.800 -3.910  -14.283 1.00 35.19 ? 139 HIS A CB  1 
ATOM   1066 C CG  . HIS A 1 141 ? -14.289 -3.214  -15.523 1.00 38.75 ? 139 HIS A CG  1 
ATOM   1067 N ND1 . HIS A 1 141 ? -15.623 -3.167  -15.878 1.00 41.64 ? 139 HIS A ND1 1 
ATOM   1068 C CD2 . HIS A 1 141 ? -13.618 -2.548  -16.492 1.00 40.94 ? 139 HIS A CD2 1 
ATOM   1069 C CE1 . HIS A 1 141 ? -15.750 -2.502  -17.013 1.00 42.26 ? 139 HIS A CE1 1 
ATOM   1070 N NE2 . HIS A 1 141 ? -14.549 -2.114  -17.407 1.00 42.35 ? 139 HIS A NE2 1 
ATOM   1071 N N   . GLY A 1 142 ? -13.698 -3.646  -10.717 1.00 31.87 ? 140 GLY A N   1 
ATOM   1072 C CA  . GLY A 1 142 ? -13.175 -4.338  -9.551  1.00 30.22 ? 140 GLY A CA  1 
ATOM   1073 C C   . GLY A 1 142 ? -11.720 -4.774  -9.657  1.00 29.23 ? 140 GLY A C   1 
ATOM   1074 O O   . GLY A 1 142 ? -11.232 -5.533  -8.817  1.00 28.96 ? 140 GLY A O   1 
ATOM   1075 N N   . ARG A 1 143 ? -11.021 -4.295  -10.681 1.00 27.99 ? 141 ARG A N   1 
ATOM   1076 C CA  . ARG A 1 143 ? -9.573  -4.465  -10.739 1.00 27.12 ? 141 ARG A CA  1 
ATOM   1077 C C   . ARG A 1 143 ? -8.935  -3.406  -9.835  1.00 25.30 ? 141 ARG A C   1 
ATOM   1078 O O   . ARG A 1 143 ? -9.620  -2.486  -9.391  1.00 24.63 ? 141 ARG A O   1 
ATOM   1079 C CB  . ARG A 1 143 ? -9.069  -4.353  -12.182 1.00 28.37 ? 141 ARG A CB  1 
ATOM   1080 C CG  . ARG A 1 143 ? -9.401  -5.592  -13.049 1.00 31.88 ? 141 ARG A CG  1 
ATOM   1081 C CD  . ARG A 1 143 ? -9.177  -5.354  -14.539 1.00 38.74 ? 141 ARG A CD  1 
ATOM   1082 N NE  . ARG A 1 143 ? -9.900  -4.150  -14.974 1.00 43.87 ? 141 ARG A NE  1 
ATOM   1083 C CZ  . ARG A 1 143 ? -9.706  -3.500  -16.121 1.00 46.82 ? 141 ARG A CZ  1 
ATOM   1084 N NH1 . ARG A 1 143 ? -8.800  -3.917  -17.007 1.00 48.90 ? 141 ARG A NH1 1 
ATOM   1085 N NH2 . ARG A 1 143 ? -10.432 -2.421  -16.389 1.00 48.65 ? 141 ARG A NH2 1 
ATOM   1086 N N   . VAL A 1 144 ? -7.645  -3.566  -9.539  1.00 23.66 ? 142 VAL A N   1 
ATOM   1087 C CA  . VAL A 1 144 ? -6.928  -2.698  -8.607  1.00 21.88 ? 142 VAL A CA  1 
ATOM   1088 C C   . VAL A 1 144 ? -5.717  -2.024  -9.304  1.00 21.74 ? 142 VAL A C   1 
ATOM   1089 O O   . VAL A 1 144 ? -4.596  -2.531  -9.260  1.00 21.75 ? 142 VAL A O   1 
ATOM   1090 C CB  . VAL A 1 144 ? -6.455  -3.495  -7.351  1.00 21.83 ? 142 VAL A CB  1 
ATOM   1091 C CG1 . VAL A 1 144 ? -5.792  -2.554  -6.318  1.00 21.78 ? 142 VAL A CG1 1 
ATOM   1092 C CG2 . VAL A 1 144 ? -7.634  -4.270  -6.709  1.00 20.24 ? 142 VAL A CG2 1 
ATOM   1093 N N   . PRO A 1 145 ? -5.958  -0.925  -10.002 1.00 21.66 ? 143 PRO A N   1 
ATOM   1094 C CA  . PRO A 1 145 ? -4.870  -0.209  -10.680 1.00 21.51 ? 143 PRO A CA  1 
ATOM   1095 C C   . PRO A 1 145 ? -3.957  0.595   -9.734  1.00 20.79 ? 143 PRO A C   1 
ATOM   1096 O O   . PRO A 1 145 ? -2.797  0.841   -10.085 1.00 21.44 ? 143 PRO A O   1 
ATOM   1097 C CB  . PRO A 1 145 ? -5.631  0.709   -11.658 1.00 21.24 ? 143 PRO A CB  1 
ATOM   1098 C CG  . PRO A 1 145 ? -6.912  1.000   -10.941 1.00 22.30 ? 143 PRO A CG  1 
ATOM   1099 C CD  . PRO A 1 145 ? -7.277  -0.326  -10.292 1.00 21.70 ? 143 PRO A CD  1 
ATOM   1100 N N   . TYR A 1 146 ? -4.468  0.984   -8.563  1.00 20.44 ? 144 TYR A N   1 
ATOM   1101 C CA  . TYR A 1 146 ? -3.764  1.894   -7.639  1.00 19.88 ? 144 TYR A CA  1 
ATOM   1102 C C   . TYR A 1 146 ? -4.044  1.441   -6.216  1.00 19.57 ? 144 TYR A C   1 
ATOM   1103 O O   . TYR A 1 146 ? -4.982  0.683   -5.972  1.00 18.27 ? 144 TYR A O   1 
ATOM   1104 C CB  . TYR A 1 146 ? -4.228  3.356   -7.778  1.00 19.94 ? 144 TYR A CB  1 
ATOM   1105 C CG  . TYR A 1 146 ? -4.201  3.862   -9.190  1.00 21.91 ? 144 TYR A CG  1 
ATOM   1106 C CD1 . TYR A 1 146 ? -3.000  4.229   -9.798  1.00 24.11 ? 144 TYR A CD1 1 
ATOM   1107 C CD2 . TYR A 1 146 ? -5.371  3.938   -9.936  1.00 24.50 ? 144 TYR A CD2 1 
ATOM   1108 C CE1 . TYR A 1 146 ? -2.972  4.659   -11.114 1.00 24.66 ? 144 TYR A CE1 1 
ATOM   1109 C CE2 . TYR A 1 146 ? -5.347  4.380   -11.251 1.00 24.39 ? 144 TYR A CE2 1 
ATOM   1110 C CZ  . TYR A 1 146 ? -4.154  4.731   -11.823 1.00 25.81 ? 144 TYR A CZ  1 
ATOM   1111 O OH  . TYR A 1 146 ? -4.146  5.164   -13.116 1.00 28.55 ? 144 TYR A OH  1 
ATOM   1112 N N   . ALA A 1 147 ? -3.239  1.932   -5.282  1.00 19.41 ? 145 ALA A N   1 
ATOM   1113 C CA  . ALA A 1 147 ? -3.409  1.589   -3.879  1.00 19.28 ? 145 ALA A CA  1 
ATOM   1114 C C   . ALA A 1 147 ? -2.896  2.747   -3.032  1.00 19.25 ? 145 ALA A C   1 
ATOM   1115 O O   . ALA A 1 147 ? -2.069  3.549   -3.486  1.00 18.40 ? 145 ALA A O   1 
ATOM   1116 C CB  . ALA A 1 147 ? -2.653  0.285   -3.561  1.00 19.68 ? 145 ALA A CB  1 
ATOM   1117 N N   . VAL A 1 148 ? -3.390  2.832   -1.803  1.00 19.22 ? 146 VAL A N   1 
ATOM   1118 C CA  . VAL A 1 148 ? -3.009  3.916   -0.903  1.00 19.34 ? 146 VAL A CA  1 
ATOM   1119 C C   . VAL A 1 148 ? -2.485  3.285   0.379   1.00 19.33 ? 146 VAL A C   1 
ATOM   1120 O O   . VAL A 1 148 ? -3.019  2.273   0.824   1.00 18.71 ? 146 VAL A O   1 
ATOM   1121 C CB  . VAL A 1 148 ? -4.233  4.795   -0.506  1.00 19.12 ? 146 VAL A CB  1 
ATOM   1122 C CG1 . VAL A 1 148 ? -3.806  6.019   0.343   1.00 19.76 ? 146 VAL A CG1 1 
ATOM   1123 C CG2 . VAL A 1 148 ? -5.030  5.244   -1.722  1.00 20.83 ? 146 VAL A CG2 1 
ATOM   1124 N N   . SER A 1 149 ? -1.466  3.893   0.992   1.00 19.00 ? 147 SER A N   1 
ATOM   1125 C CA  . SER A 1 149 ? -1.005  3.398   2.285   1.00 19.59 ? 147 SER A CA  1 
ATOM   1126 C C   . SER A 1 149 ? -0.624  4.503   3.256   1.00 20.17 ? 147 SER A C   1 
ATOM   1127 O O   . SER A 1 149 ? -0.355  5.636   2.843   1.00 20.08 ? 147 SER A O   1 
ATOM   1128 C CB  . SER A 1 149 ? 0.138   2.378   2.097   1.00 20.10 ? 147 SER A CB  1 
ATOM   1129 O OG  . SER A 1 149 ? 1.369   3.012   1.791   1.00 18.51 ? 147 SER A OG  1 
ATOM   1130 N N   . ILE A 1 150 ? -0.660  4.179   4.550   1.00 20.09 ? 148 ILE A N   1 
ATOM   1131 C CA  . ILE A 1 150 ? -0.178  5.072   5.600   1.00 20.39 ? 148 ILE A CA  1 
ATOM   1132 C C   . ILE A 1 150 ? 1.040   4.414   6.232   1.00 20.83 ? 148 ILE A C   1 
ATOM   1133 O O   . ILE A 1 150 ? 0.965   3.245   6.620   1.00 20.87 ? 148 ILE A O   1 
ATOM   1134 C CB  . ILE A 1 150 ? -1.268  5.290   6.698   1.00 20.14 ? 148 ILE A CB  1 
ATOM   1135 C CG1 . ILE A 1 150 ? -2.503  5.999   6.119   1.00 21.30 ? 148 ILE A CG1 1 
ATOM   1136 C CG2 . ILE A 1 150 ? -0.661  6.063   7.890   1.00 21.01 ? 148 ILE A CG2 1 
ATOM   1137 C CD1 . ILE A 1 150 ? -3.719  6.116   7.113   1.00 23.35 ? 148 ILE A CD1 1 
ATOM   1138 N N   . SER A 1 151 ? 2.161   5.144   6.349   1.00 20.91 ? 149 SER A N   1 
ATOM   1139 C CA  . SER A 1 151 ? 3.331   4.612   7.057   1.00 20.81 ? 149 SER A CA  1 
ATOM   1140 C C   . SER A 1 151 ? 3.449   5.332   8.385   1.00 20.86 ? 149 SER A C   1 
ATOM   1141 O O   . SER A 1 151 ? 3.191   6.539   8.468   1.00 21.61 ? 149 SER A O   1 
ATOM   1142 C CB  . SER A 1 151 ? 4.648   4.821   6.275   1.00 21.69 ? 149 SER A CB  1 
ATOM   1143 O OG  . SER A 1 151 ? 4.539   4.496   4.895   1.00 23.40 ? 149 SER A OG  1 
ATOM   1144 N N   . LEU A 1 152 ? 3.854   4.591   9.415   1.00 21.04 ? 150 LEU A N   1 
ATOM   1145 C CA  . LEU A 1 152 ? 4.029   5.152   10.747  1.00 21.22 ? 150 LEU A CA  1 
ATOM   1146 C C   . LEU A 1 152 ? 4.882   4.198   11.571  1.00 21.34 ? 150 LEU A C   1 
ATOM   1147 O O   . LEU A 1 152 ? 5.116   3.060   11.153  1.00 21.53 ? 150 LEU A O   1 
ATOM   1148 C CB  . LEU A 1 152 ? 2.668   5.405   11.422  1.00 20.75 ? 150 LEU A CB  1 
ATOM   1149 C CG  . LEU A 1 152 ? 1.820   4.215   11.894  1.00 21.25 ? 150 LEU A CG  1 
ATOM   1150 C CD1 . LEU A 1 152 ? 0.700   4.726   12.811  1.00 22.72 ? 150 LEU A CD1 1 
ATOM   1151 C CD2 . LEU A 1 152 ? 1.229   3.410   10.748  1.00 22.07 ? 150 LEU A CD2 1 
ATOM   1152 N N   . SER A 1 153 ? 5.358   4.658   12.731  1.00 21.54 ? 151 SER A N   1 
ATOM   1153 C CA  . SER A 1 153 ? 6.119   3.789   13.624  1.00 21.52 ? 151 SER A CA  1 
ATOM   1154 C C   . SER A 1 153 ? 5.221   2.681   14.182  1.00 22.22 ? 151 SER A C   1 
ATOM   1155 O O   . SER A 1 153 ? 4.032   2.899   14.477  1.00 21.34 ? 151 SER A O   1 
ATOM   1156 C CB  . SER A 1 153 ? 6.752   4.579   14.783  1.00 22.01 ? 151 SER A CB  1 
ATOM   1157 O OG  . SER A 1 153 ? 5.747   5.140   15.612  1.00 20.55 ? 151 SER A OG  1 
ATOM   1158 N N   . THR A 1 154 ? 5.802   1.491   14.330  1.00 22.19 ? 152 THR A N   1 
ATOM   1159 C CA  . THR A 1 154 ? 5.092   0.355   14.898  1.00 23.47 ? 152 THR A CA  1 
ATOM   1160 C C   . THR A 1 154 ? 4.570   0.722   16.290  1.00 23.94 ? 152 THR A C   1 
ATOM   1161 O O   . THR A 1 154 ? 3.457   0.357   16.671  1.00 23.68 ? 152 THR A O   1 
ATOM   1162 C CB  . THR A 1 154 ? 6.047   -0.818  15.012  1.00 23.23 ? 152 THR A CB  1 
ATOM   1163 O OG1 . THR A 1 154 ? 6.613   -1.075  13.722  1.00 23.85 ? 152 THR A OG1 1 
ATOM   1164 C CG2 . THR A 1 154 ? 5.280   -2.101  15.373  1.00 23.24 ? 152 THR A CG2 1 
ATOM   1165 N N   . SER A 1 155 ? 5.404   1.466   17.009  1.00 25.50 ? 153 SER A N   1 
ATOM   1166 C CA  . SER A 1 155 ? 5.097   1.967   18.331  1.00 27.02 ? 153 SER A CA  1 
ATOM   1167 C C   . SER A 1 155 ? 3.807   2.781   18.312  1.00 27.06 ? 153 SER A C   1 
ATOM   1168 O O   . SER A 1 155 ? 2.901   2.550   19.131  1.00 26.86 ? 153 SER A O   1 
ATOM   1169 C CB  . SER A 1 155 ? 6.253   2.831   18.813  1.00 27.47 ? 153 SER A CB  1 
ATOM   1170 O OG  . SER A 1 155 ? 6.156   2.981   20.202  1.00 33.48 ? 153 SER A OG  1 
ATOM   1171 N N   . ARG A 1 156 ? 3.717   3.733   17.378  1.00 26.50 ? 154 ARG A N   1 
ATOM   1172 C CA  . ARG A 1 156 ? 2.522   4.551   17.288  1.00 26.24 ? 154 ARG A CA  1 
ATOM   1173 C C   . ARG A 1 156 ? 1.312   3.729   16.843  1.00 26.50 ? 154 ARG A C   1 
ATOM   1174 O O   . ARG A 1 156 ? 0.210   3.907   17.357  1.00 25.81 ? 154 ARG A O   1 
ATOM   1175 C CB  . ARG A 1 156 ? 2.724   5.770   16.375  1.00 26.79 ? 154 ARG A CB  1 
ATOM   1176 C CG  . ARG A 1 156 ? 1.526   6.705   16.367  1.00 26.32 ? 154 ARG A CG  1 
ATOM   1177 C CD  . ARG A 1 156 ? 1.217   7.302   17.737  1.00 29.28 ? 154 ARG A CD  1 
ATOM   1178 N NE  . ARG A 1 156 ? 0.131   8.282   17.683  1.00 31.20 ? 154 ARG A NE  1 
ATOM   1179 C CZ  . ARG A 1 156 ? -0.650  8.618   18.712  1.00 32.87 ? 154 ARG A CZ  1 
ATOM   1180 N NH1 . ARG A 1 156 ? -0.487  8.060   19.908  1.00 33.45 ? 154 ARG A NH1 1 
ATOM   1181 N NH2 . ARG A 1 156 ? -1.606  9.515   18.537  1.00 33.82 ? 154 ARG A NH2 1 
ATOM   1182 N N   . LEU A 1 157 ? 1.524   2.816   15.901  1.00 26.57 ? 155 LEU A N   1 
ATOM   1183 C CA  . LEU A 1 157 ? 0.420   1.989   15.413  1.00 27.54 ? 155 LEU A CA  1 
ATOM   1184 C C   . LEU A 1 157 ? -0.221  1.165   16.546  1.00 28.20 ? 155 LEU A C   1 
ATOM   1185 O O   . LEU A 1 157 ? -1.450  1.024   16.622  1.00 28.45 ? 155 LEU A O   1 
ATOM   1186 C CB  . LEU A 1 157 ? 0.914   1.069   14.302  1.00 27.35 ? 155 LEU A CB  1 
ATOM   1187 C CG  . LEU A 1 157 ? -0.123  0.107   13.712  1.00 27.26 ? 155 LEU A CG  1 
ATOM   1188 C CD1 . LEU A 1 157 ? -1.306  0.876   13.145  1.00 28.22 ? 155 LEU A CD1 1 
ATOM   1189 C CD2 . LEU A 1 157 ? 0.549   -0.718  12.655  1.00 29.03 ? 155 LEU A CD2 1 
ATOM   1190 N N   . LYS A 1 158 ? 0.612   0.640   17.430  1.00 28.63 ? 156 LYS A N   1 
ATOM   1191 C CA  . LYS A 1 158 ? 0.104   -0.119  18.571  1.00 29.68 ? 156 LYS A CA  1 
ATOM   1192 C C   . LYS A 1 158 ? -0.729  0.767   19.495  1.00 29.44 ? 156 LYS A C   1 
ATOM   1193 O O   . LYS A 1 158 ? -1.728  0.318   20.059  1.00 30.05 ? 156 LYS A O   1 
ATOM   1194 C CB  . LYS A 1 158 ? 1.248   -0.804  19.311  1.00 29.93 ? 156 LYS A CB  1 
ATOM   1195 C CG  . LYS A 1 158 ? 1.642   -2.117  18.656  1.00 33.00 ? 156 LYS A CG  1 
ATOM   1196 C CD  . LYS A 1 158 ? 3.023   -2.569  19.058  1.00 36.01 ? 156 LYS A CD  1 
ATOM   1197 C CE  . LYS A 1 158 ? 3.443   -3.807  18.261  1.00 38.27 ? 156 LYS A CE  1 
ATOM   1198 N NZ  . LYS A 1 158 ? 4.839   -4.217  18.629  1.00 39.72 ? 156 LYS A NZ  1 
ATOM   1199 N N   . GLN A 1 159 ? -0.339  2.034   19.612  1.00 28.85 ? 157 GLN A N   1 
ATOM   1200 C CA  . GLN A 1 159 ? -1.039  2.994   20.449  1.00 29.24 ? 157 GLN A CA  1 
ATOM   1201 C C   . GLN A 1 159 ? -2.395  3.396   19.881  1.00 29.80 ? 157 GLN A C   1 
ATOM   1202 O O   . GLN A 1 159 ? -3.373  3.496   20.620  1.00 29.87 ? 157 GLN A O   1 
ATOM   1203 C CB  . GLN A 1 159 ? -0.194  4.260   20.639  1.00 29.15 ? 157 GLN A CB  1 
ATOM   1204 C CG  . GLN A 1 159 ? 1.053   4.076   21.473  1.00 28.45 ? 157 GLN A CG  1 
ATOM   1205 C CD  . GLN A 1 159 ? 1.803   5.388   21.679  1.00 31.17 ? 157 GLN A CD  1 
ATOM   1206 O OE1 . GLN A 1 159 ? 1.513   6.374   21.022  1.00 29.83 ? 157 GLN A OE1 1 
ATOM   1207 N NE2 . GLN A 1 159 ? 2.753   5.395   22.604  1.00 32.77 ? 157 GLN A NE2 1 
ATOM   1208 N N   . VAL A 1 160 ? -2.460  3.628   18.572  1.00 29.36 ? 158 VAL A N   1 
ATOM   1209 C CA  . VAL A 1 160 ? -3.704  4.113   17.959  1.00 30.26 ? 158 VAL A CA  1 
ATOM   1210 C C   . VAL A 1 160 ? -4.626  3.024   17.406  1.00 30.00 ? 158 VAL A C   1 
ATOM   1211 O O   . VAL A 1 160 ? -5.842  3.202   17.410  1.00 31.03 ? 158 VAL A O   1 
ATOM   1212 C CB  . VAL A 1 160 ? -3.451  5.184   16.885  1.00 30.43 ? 158 VAL A CB  1 
ATOM   1213 C CG1 . VAL A 1 160 ? -2.851  6.411   17.536  1.00 32.15 ? 158 VAL A CG1 1 
ATOM   1214 C CG2 . VAL A 1 160 ? -2.525  4.663   15.831  1.00 31.61 ? 158 VAL A CG2 1 
ATOM   1215 N N   . GLY A 1 161 ? -4.047  1.925   16.934  1.00 29.56 ? 159 GLY A N   1 
ATOM   1216 C CA  . GLY A 1 161 ? -4.793  0.789   16.423  1.00 29.46 ? 159 GLY A CA  1 
ATOM   1217 C C   . GLY A 1 161 ? -4.948  0.789   14.902  1.00 29.12 ? 159 GLY A C   1 
ATOM   1218 O O   . GLY A 1 161 ? -5.185  1.856   14.297  1.00 28.39 ? 159 GLY A O   1 
ATOM   1219 N N   . GLU A 1 162 ? -4.839  -0.394  14.294  1.00 28.56 ? 160 GLU A N   1 
ATOM   1220 C CA  . GLU A 1 162 ? -4.967  -0.525  12.835  1.00 28.86 ? 160 GLU A CA  1 
ATOM   1221 C C   . GLU A 1 162 ? -6.349  -0.149  12.343  1.00 28.15 ? 160 GLU A C   1 
ATOM   1222 O O   . GLU A 1 162 ? -6.476  0.604   11.379  1.00 27.52 ? 160 GLU A O   1 
ATOM   1223 C CB  . GLU A 1 162 ? -4.630  -1.934  12.306  1.00 29.65 ? 160 GLU A CB  1 
ATOM   1224 C CG  . GLU A 1 162 ? -4.699  -1.985  10.774  1.00 31.99 ? 160 GLU A CG  1 
ATOM   1225 C CD  . GLU A 1 162 ? -5.047  -3.331  10.150  1.00 36.60 ? 160 GLU A CD  1 
ATOM   1226 O OE1 . GLU A 1 162 ? -5.302  -4.318  10.871  1.00 38.97 ? 160 GLU A OE1 1 
ATOM   1227 O OE2 . GLU A 1 162 ? -5.051  -3.408  8.901   1.00 36.97 ? 160 GLU A OE2 1 
ATOM   1228 N N   . LYS A 1 163 ? -7.380  -0.695  12.989  1.00 27.95 ? 161 LYS A N   1 
ATOM   1229 C CA  . LYS A 1 163 ? -8.741  -0.454  12.551  1.00 28.33 ? 161 LYS A CA  1 
ATOM   1230 C C   . LYS A 1 163 ? -9.106  1.010   12.694  1.00 27.94 ? 161 LYS A C   1 
ATOM   1231 O O   . LYS A 1 163 ? -9.843  1.552   11.869  1.00 27.83 ? 161 LYS A O   1 
ATOM   1232 C CB  . LYS A 1 163 ? -9.730  -1.362  13.291  1.00 29.23 ? 161 LYS A CB  1 
ATOM   1233 C CG  . LYS A 1 163 ? -9.658  -2.845  12.861  1.00 31.82 ? 161 LYS A CG  1 
ATOM   1234 C CD  . LYS A 1 163 ? -9.873  -3.043  11.345  1.00 37.34 ? 161 LYS A CD  1 
ATOM   1235 C CE  . LYS A 1 163 ? -9.966  -4.539  10.948  1.00 40.62 ? 161 LYS A CE  1 
ATOM   1236 N NZ  . LYS A 1 163 ? -8.956  -4.948  9.926   1.00 44.08 ? 161 LYS A NZ  1 
ATOM   1237 N N   . ASN A 1 164 ? -8.576  1.659   13.733  1.00 27.43 ? 162 ASN A N   1 
ATOM   1238 C CA  . ASN A 1 164 ? -8.813  3.079   13.932  1.00 27.31 ? 162 ASN A CA  1 
ATOM   1239 C C   . ASN A 1 164 ? -8.325  3.908   12.741  1.00 27.33 ? 162 ASN A C   1 
ATOM   1240 O O   . ASN A 1 164 ? -9.034  4.804   12.282  1.00 27.38 ? 162 ASN A O   1 
ATOM   1241 C CB  . ASN A 1 164 ? -8.179  3.571   15.239  1.00 27.84 ? 162 ASN A CB  1 
ATOM   1242 C CG  . ASN A 1 164 ? -8.946  3.099   16.472  1.00 29.09 ? 162 ASN A CG  1 
ATOM   1243 O OD1 . ASN A 1 164 ? -10.149 2.830   16.406  1.00 33.76 ? 162 ASN A OD1 1 
ATOM   1244 N ND2 . ASN A 1 164 ? -8.250  2.972   17.590  1.00 27.03 ? 162 ASN A ND2 1 
ATOM   1245 N N   . LEU A 1 165 ? -7.127  3.595   12.240  1.00 25.72 ? 163 LEU A N   1 
ATOM   1246 C CA  . LEU A 1 165 ? -6.561  4.312   11.104  1.00 25.59 ? 163 LEU A CA  1 
ATOM   1247 C C   . LEU A 1 165 ? -7.110  3.798   9.768   1.00 24.76 ? 163 LEU A C   1 
ATOM   1248 O O   . LEU A 1 165 ? -7.184  4.541   8.788   1.00 24.16 ? 163 LEU A O   1 
ATOM   1249 C CB  . LEU A 1 165 ? -5.034  4.200   11.122  1.00 25.95 ? 163 LEU A CB  1 
ATOM   1250 C CG  . LEU A 1 165 ? -4.284  5.152   12.051  1.00 28.90 ? 163 LEU A CG  1 
ATOM   1251 C CD1 . LEU A 1 165 ? -2.805  4.756   12.108  1.00 31.92 ? 163 LEU A CD1 1 
ATOM   1252 C CD2 . LEU A 1 165 ? -4.432  6.622   11.592  1.00 29.68 ? 163 LEU A CD2 1 
ATOM   1253 N N   . LEU A 1 166 ? -7.499  2.526   9.734   1.00 23.93 ? 164 LEU A N   1 
ATOM   1254 C CA  . LEU A 1 166 ? -8.001  1.929   8.505   1.00 23.84 ? 164 LEU A CA  1 
ATOM   1255 C C   . LEU A 1 166 ? -9.289  2.611   8.031   1.00 23.73 ? 164 LEU A C   1 
ATOM   1256 O O   . LEU A 1 166 ? -9.529  2.763   6.828   1.00 23.58 ? 164 LEU A O   1 
ATOM   1257 C CB  . LEU A 1 166 ? -8.192  0.409   8.686   1.00 23.60 ? 164 LEU A CB  1 
ATOM   1258 C CG  . LEU A 1 166 ? -8.750  -0.428  7.542   1.00 24.58 ? 164 LEU A CG  1 
ATOM   1259 C CD1 . LEU A 1 166 ? -7.910  -0.251  6.285   1.00 22.55 ? 164 LEU A CD1 1 
ATOM   1260 C CD2 . LEU A 1 166 ? -8.764  -1.900  7.950   1.00 24.97 ? 164 LEU A CD2 1 
ATOM   1261 N N   . LYS A 1 167 ? -10.113 3.043   8.981   1.00 23.34 ? 165 LYS A N   1 
ATOM   1262 C CA  . LYS A 1 167 ? -11.365 3.692   8.615   1.00 24.33 ? 165 LYS A CA  1 
ATOM   1263 C C   . LYS A 1 167 ? -11.222 4.928   7.688   1.00 23.27 ? 165 LYS A C   1 
ATOM   1264 O O   . LYS A 1 167 ? -11.804 4.915   6.604   1.00 23.28 ? 165 LYS A O   1 
ATOM   1265 C CB  . LYS A 1 167 ? -12.226 3.985   9.839   1.00 24.33 ? 165 LYS A CB  1 
ATOM   1266 C CG  . LYS A 1 167 ? -13.650 4.348   9.473   1.00 28.22 ? 165 LYS A CG  1 
ATOM   1267 C CD  . LYS A 1 167 ? -14.462 4.589   10.717  1.00 33.97 ? 165 LYS A CD  1 
ATOM   1268 C CE  . LYS A 1 167 ? -15.256 5.863   10.588  1.00 36.53 ? 165 LYS A CE  1 
ATOM   1269 N NZ  . LYS A 1 167 ? -16.666 5.516   10.326  1.00 40.03 ? 165 LYS A NZ  1 
ATOM   1270 N N   . PRO A 1 168 ? -10.492 5.978   8.078   1.00 22.73 ? 166 PRO A N   1 
ATOM   1271 C CA  . PRO A 1 168 ? -10.291 7.126   7.171   1.00 22.38 ? 166 PRO A CA  1 
ATOM   1272 C C   . PRO A 1 168 ? -9.480  6.752   5.929   1.00 21.99 ? 166 PRO A C   1 
ATOM   1273 O O   . PRO A 1 168 ? -9.697  7.315   4.859   1.00 21.85 ? 166 PRO A O   1 
ATOM   1274 C CB  . PRO A 1 168 ? -9.528  8.152   8.034   1.00 22.92 ? 166 PRO A CB  1 
ATOM   1275 C CG  . PRO A 1 168 ? -8.929  7.348   9.154   1.00 22.60 ? 166 PRO A CG  1 
ATOM   1276 C CD  . PRO A 1 168 ? -9.874  6.208   9.401   1.00 23.28 ? 166 PRO A CD  1 
ATOM   1277 N N   . LEU A 1 169 ? -8.550  5.808   6.073   1.00 21.61 ? 167 LEU A N   1 
ATOM   1278 C CA  . LEU A 1 169 ? -7.740  5.351   4.936   1.00 21.31 ? 167 LEU A CA  1 
ATOM   1279 C C   . LEU A 1 169 ? -8.652  4.735   3.877   1.00 20.93 ? 167 LEU A C   1 
ATOM   1280 O O   . LEU A 1 169 ? -8.548  5.046   2.680   1.00 20.45 ? 167 LEU A O   1 
ATOM   1281 C CB  . LEU A 1 169 ? -6.714  4.301   5.403   1.00 20.99 ? 167 LEU A CB  1 
ATOM   1282 C CG  . LEU A 1 169 ? -5.938  3.582   4.283   1.00 21.21 ? 167 LEU A CG  1 
ATOM   1283 C CD1 . LEU A 1 169 ? -5.166  4.554   3.389   1.00 20.34 ? 167 LEU A CD1 1 
ATOM   1284 C CD2 . LEU A 1 169 ? -5.008  2.565   4.898   1.00 21.45 ? 167 LEU A CD2 1 
ATOM   1285 N N   . ARG A 1 170 ? -9.565  3.875   4.318   1.00 21.00 ? 168 ARG A N   1 
ATOM   1286 C CA  . ARG A 1 170 ? -10.479 3.255   3.371   1.00 21.90 ? 168 ARG A CA  1 
ATOM   1287 C C   . ARG A 1 170 ? -11.450 4.287   2.771   1.00 21.73 ? 168 ARG A C   1 
ATOM   1288 O O   . ARG A 1 170 ? -11.730 4.270   1.559   1.00 21.85 ? 168 ARG A O   1 
ATOM   1289 C CB  . ARG A 1 170 ? -11.227 2.087   4.002   1.00 22.34 ? 168 ARG A CB  1 
ATOM   1290 C CG  . ARG A 1 170 ? -12.319 1.515   3.079   1.00 24.66 ? 168 ARG A CG  1 
ATOM   1291 C CD  . ARG A 1 170 ? -13.085 0.360   3.691   1.00 27.75 ? 168 ARG A CD  1 
ATOM   1292 N NE  . ARG A 1 170 ? -13.678 0.738   4.977   1.00 31.31 ? 168 ARG A NE  1 
ATOM   1293 C CZ  . ARG A 1 170 ? -13.298 0.249   6.157   1.00 30.44 ? 168 ARG A CZ  1 
ATOM   1294 N NH1 . ARG A 1 170 ? -12.327 -0.670  6.235   1.00 30.57 ? 168 ARG A NH1 1 
ATOM   1295 N NH2 . ARG A 1 170 ? -13.899 0.674   7.252   1.00 28.37 ? 168 ARG A NH2 1 
ATOM   1296 N N   . GLU A 1 171 ? -11.938 5.202   3.604   1.00 22.04 ? 169 GLU A N   1 
ATOM   1297 C CA  . GLU A 1 171 ? -12.833 6.252   3.110   1.00 22.05 ? 169 GLU A CA  1 
ATOM   1298 C C   . GLU A 1 171 ? -12.149 7.078   2.006   1.00 22.32 ? 169 GLU A C   1 
ATOM   1299 O O   . GLU A 1 171 ? -12.789 7.469   1.026   1.00 21.00 ? 169 GLU A O   1 
ATOM   1300 C CB  . GLU A 1 171 ? -13.304 7.141   4.256   1.00 23.12 ? 169 GLU A CB  1 
ATOM   1301 C CG  . GLU A 1 171 ? -14.351 6.464   5.135   1.00 24.77 ? 169 GLU A CG  1 
ATOM   1302 C CD  . GLU A 1 171 ? -14.580 7.173   6.456   1.00 28.20 ? 169 GLU A CD  1 
ATOM   1303 O OE1 . GLU A 1 171 ? -13.919 8.201   6.717   1.00 30.96 ? 169 GLU A OE1 1 
ATOM   1304 O OE2 . GLU A 1 171 ? -15.420 6.691   7.237   1.00 29.49 ? 169 GLU A OE2 1 
ATOM   1305 N N   . THR A 1 172 ? -10.853 7.331   2.193   1.00 21.72 ? 170 THR A N   1 
ATOM   1306 C CA  . THR A 1 172 ? -10.034 8.034   1.208   1.00 21.86 ? 170 THR A CA  1 
ATOM   1307 C C   . THR A 1 172 ? -9.965  7.259   -0.118  1.00 22.00 ? 170 THR A C   1 
ATOM   1308 O O   . THR A 1 172 ? -10.259 7.836   -1.173  1.00 21.22 ? 170 THR A O   1 
ATOM   1309 C CB  . THR A 1 172 ? -8.640  8.307   1.802   1.00 21.95 ? 170 THR A CB  1 
ATOM   1310 O OG1 . THR A 1 172 ? -8.763  9.192   2.938   1.00 21.88 ? 170 THR A OG1 1 
ATOM   1311 C CG2 . THR A 1 172 ? -7.735  9.057   0.812   1.00 21.35 ? 170 THR A CG2 1 
ATOM   1312 N N   . ALA A 1 173 ? -9.604  5.963   -0.061  1.00 21.84 ? 171 ALA A N   1 
ATOM   1313 C CA  . ALA A 1 173 ? -9.566  5.118   -1.248  1.00 22.27 ? 171 ALA A CA  1 
ATOM   1314 C C   . ALA A 1 173 ? -10.932 5.041   -1.937  1.00 22.52 ? 171 ALA A C   1 
ATOM   1315 O O   . ALA A 1 173 ? -11.004 5.085   -3.150  1.00 22.96 ? 171 ALA A O   1 
ATOM   1316 C CB  . ALA A 1 173 ? -9.066  3.709   -0.915  1.00 22.32 ? 171 ALA A CB  1 
ATOM   1317 N N   . GLN A 1 174 ? -12.002 4.917   -1.157  1.00 23.98 ? 172 GLN A N   1 
ATOM   1318 C CA  . GLN A 1 174 ? -13.351 4.836   -1.715  1.00 24.64 ? 172 GLN A CA  1 
ATOM   1319 C C   . GLN A 1 174 ? -13.700 6.085   -2.525  1.00 25.01 ? 172 GLN A C   1 
ATOM   1320 O O   . GLN A 1 174 ? -14.252 5.977   -3.616  1.00 25.36 ? 172 GLN A O   1 
ATOM   1321 C CB  . GLN A 1 174 ? -14.389 4.640   -0.608  1.00 24.81 ? 172 GLN A CB  1 
ATOM   1322 C CG  . GLN A 1 174 ? -14.472 3.211   -0.062  1.00 27.39 ? 172 GLN A CG  1 
ATOM   1323 C CD  . GLN A 1 174 ? -15.293 3.122   1.237   1.00 29.09 ? 172 GLN A CD  1 
ATOM   1324 O OE1 . GLN A 1 174 ? -15.416 4.108   1.984   1.00 28.15 ? 172 GLN A OE1 1 
ATOM   1325 N NE2 . GLN A 1 174 ? -15.862 1.950   1.496   1.00 29.22 ? 172 GLN A NE2 1 
ATOM   1326 N N   . ALA A 1 175 ? -13.368 7.260   -1.985  1.00 25.19 ? 173 ALA A N   1 
ATOM   1327 C CA  . ALA A 1 175 ? -13.640 8.531   -2.654  1.00 25.83 ? 173 ALA A CA  1 
ATOM   1328 C C   . ALA A 1 175 ? -12.887 8.632   -3.995  1.00 26.50 ? 173 ALA A C   1 
ATOM   1329 O O   . ALA A 1 175 ? -13.478 8.993   -5.024  1.00 26.51 ? 173 ALA A O   1 
ATOM   1330 C CB  . ALA A 1 175 ? -13.290 9.702   -1.741  1.00 25.65 ? 173 ALA A CB  1 
ATOM   1331 N N   . ILE A 1 176 ? -11.595 8.293   -3.972  1.00 26.32 ? 174 ILE A N   1 
ATOM   1332 C CA  . ILE A 1 176 ? -10.785 8.220   -5.192  1.00 26.86 ? 174 ILE A CA  1 
ATOM   1333 C C   . ILE A 1 176 ? -11.377 7.231   -6.206  1.00 27.41 ? 174 ILE A C   1 
ATOM   1334 O O   . ILE A 1 176 ? -11.535 7.556   -7.381  1.00 27.53 ? 174 ILE A O   1 
ATOM   1335 C CB  . ILE A 1 176 ? -9.306  7.845   -4.857  1.00 26.96 ? 174 ILE A CB  1 
ATOM   1336 C CG1 . ILE A 1 176 ? -8.678  8.907   -3.934  1.00 26.35 ? 174 ILE A CG1 1 
ATOM   1337 C CG2 . ILE A 1 176 ? -8.479  7.635   -6.159  1.00 25.91 ? 174 ILE A CG2 1 
ATOM   1338 C CD1 . ILE A 1 176 ? -7.335  8.493   -3.286  1.00 25.60 ? 174 ILE A CD1 1 
ATOM   1339 N N   . SER A 1 177 ? -11.698 6.027   -5.752  1.00 28.27 ? 175 SER A N   1 
ATOM   1340 C CA  . SER A 1 177 ? -12.268 5.014   -6.629  1.00 29.84 ? 175 SER A CA  1 
ATOM   1341 C C   . SER A 1 177 ? -13.597 5.467   -7.256  1.00 31.21 ? 175 SER A C   1 
ATOM   1342 O O   . SER A 1 177 ? -13.839 5.253   -8.461  1.00 30.76 ? 175 SER A O   1 
ATOM   1343 C CB  . SER A 1 177 ? -12.473 3.717   -5.856  1.00 29.56 ? 175 SER A CB  1 
ATOM   1344 O OG  . SER A 1 177 ? -13.190 2.791   -6.639  1.00 31.73 ? 175 SER A OG  1 
ATOM   1345 N N   . ASN A 1 178 ? -14.441 6.083   -6.430  1.00 32.42 ? 176 ASN A N   1 
ATOM   1346 C CA  . ASN A 1 178 ? -15.758 6.568   -6.847  1.00 34.51 ? 176 ASN A CA  1 
ATOM   1347 C C   . ASN A 1 178 ? -15.633 7.675   -7.887  1.00 35.79 ? 176 ASN A C   1 
ATOM   1348 O O   . ASN A 1 178 ? -16.322 7.654   -8.903  1.00 36.07 ? 176 ASN A O   1 
ATOM   1349 C CB  . ASN A 1 178 ? -16.574 7.043   -5.631  1.00 34.02 ? 176 ASN A CB  1 
ATOM   1350 C CG  . ASN A 1 178 ? -17.101 5.885   -4.795  1.00 34.80 ? 176 ASN A CG  1 
ATOM   1351 O OD1 . ASN A 1 178 ? -17.151 4.740   -5.263  1.00 34.83 ? 176 ASN A OD1 1 
ATOM   1352 N ND2 . ASN A 1 178 ? -17.497 6.174   -3.548  1.00 35.47 ? 176 ASN A ND2 1 
ATOM   1353 N N   . GLU A 1 179 ? -14.734 8.623   -7.633  1.00 37.72 ? 177 GLU A N   1 
ATOM   1354 C CA  . GLU A 1 179 ? -14.449 9.702   -8.575  1.00 39.66 ? 177 GLU A CA  1 
ATOM   1355 C C   . GLU A 1 179 ? -13.808 9.216   -9.874  1.00 40.50 ? 177 GLU A C   1 
ATOM   1356 O O   . GLU A 1 179 ? -14.124 9.727   -10.944 1.00 40.98 ? 177 GLU A O   1 
ATOM   1357 C CB  . GLU A 1 179 ? -13.570 10.765  -7.927  1.00 39.96 ? 177 GLU A CB  1 
ATOM   1358 C CG  . GLU A 1 179 ? -14.375 11.775  -7.125  1.00 42.96 ? 177 GLU A CG  1 
ATOM   1359 C CD  . GLU A 1 179 ? -13.514 12.726  -6.315  1.00 45.48 ? 177 GLU A CD  1 
ATOM   1360 O OE1 . GLU A 1 179 ? -13.926 13.042  -5.175  1.00 48.54 ? 177 GLU A OE1 1 
ATOM   1361 O OE2 . GLU A 1 179 ? -12.447 13.161  -6.810  1.00 46.70 ? 177 GLU A OE2 1 
ATOM   1362 N N   . LEU A 1 180 ? -12.915 8.234   -9.786  1.00 41.33 ? 178 LEU A N   1 
ATOM   1363 C CA  . LEU A 1 180 ? -12.305 7.665   -10.991 1.00 42.59 ? 178 LEU A CA  1 
ATOM   1364 C C   . LEU A 1 180 ? -13.396 7.009   -11.842 1.00 43.49 ? 178 LEU A C   1 
ATOM   1365 O O   . LEU A 1 180 ? -13.484 7.254   -13.051 1.00 43.30 ? 178 LEU A O   1 
ATOM   1366 C CB  . LEU A 1 180 ? -11.190 6.673   -10.636 1.00 41.96 ? 178 LEU A CB  1 
ATOM   1367 C CG  . LEU A 1 180 ? -10.584 5.800   -11.744 1.00 42.72 ? 178 LEU A CG  1 
ATOM   1368 C CD1 . LEU A 1 180 ? -9.762  6.620   -12.761 1.00 42.81 ? 178 LEU A CD1 1 
ATOM   1369 C CD2 . LEU A 1 180 ? -9.747  4.662   -11.154 1.00 43.00 ? 178 LEU A CD2 1 
ATOM   1370 N N   . GLY A 1 181 ? -14.242 6.218   -11.182 1.00 44.54 ? 179 GLY A N   1 
ATOM   1371 C CA  . GLY A 1 181 ? -15.376 5.556   -11.804 1.00 46.02 ? 179 GLY A CA  1 
ATOM   1372 C C   . GLY A 1 181 ? -16.271 6.491   -12.592 1.00 47.29 ? 179 GLY A C   1 
ATOM   1373 O O   . GLY A 1 181 ? -16.656 6.170   -13.716 1.00 47.34 ? 179 GLY A O   1 
ATOM   1374 N N   . PHE A 1 182 ? -16.592 7.644   -12.006 1.00 48.44 ? 180 PHE A N   1 
ATOM   1375 C CA  . PHE A 1 182 ? -17.425 8.652   -12.668 1.00 49.99 ? 180 PHE A CA  1 
ATOM   1376 C C   . PHE A 1 182 ? -16.783 9.124   -13.975 1.00 50.50 ? 180 PHE A C   1 
ATOM   1377 O O   . PHE A 1 182 ? -17.460 9.247   -14.994 1.00 50.75 ? 180 PHE A O   1 
ATOM   1378 C CB  . PHE A 1 182 ? -17.705 9.854   -11.748 1.00 50.07 ? 180 PHE A CB  1 
ATOM   1379 C CG  . PHE A 1 182 ? -18.481 9.516   -10.490 1.00 51.86 ? 180 PHE A CG  1 
ATOM   1380 C CD1 . PHE A 1 182 ? -19.199 8.320   -10.372 1.00 53.61 ? 180 PHE A CD1 1 
ATOM   1381 C CD2 . PHE A 1 182 ? -18.494 10.407  -9.413  1.00 53.57 ? 180 PHE A CD2 1 
ATOM   1382 C CE1 . PHE A 1 182 ? -19.912 8.016   -9.195  1.00 54.12 ? 180 PHE A CE1 1 
ATOM   1383 C CE2 . PHE A 1 182 ? -19.203 10.114  -8.235  1.00 54.07 ? 180 PHE A CE2 1 
ATOM   1384 C CZ  . PHE A 1 182 ? -19.910 8.916   -8.128  1.00 54.30 ? 180 PHE A CZ  1 
ATOM   1385 N N   . THR A 1 183 ? -15.477 9.371   -13.948 1.00 51.33 ? 181 THR A N   1 
ATOM   1386 C CA  . THR A 1 183 ? -14.760 9.802   -15.147 1.00 51.94 ? 181 THR A CA  1 
ATOM   1387 C C   . THR A 1 183 ? -14.412 8.602   -16.025 1.00 52.09 ? 181 THR A C   1 
ATOM   1388 O O   . THR A 1 183 ? -14.591 8.647   -17.243 1.00 52.73 ? 181 THR A O   1 
ATOM   1389 C CB  . THR A 1 183 ? -13.489 10.635  -14.800 1.00 51.93 ? 181 THR A CB  1 
ATOM   1390 O OG1 . THR A 1 183 ? -12.445 9.773   -14.328 1.00 52.68 ? 181 THR A OG1 1 
ATOM   1391 C CG2 . THR A 1 183 ? -13.744 11.575  -13.616 1.00 52.34 ? 181 THR A CG2 1 
ATOM   1392 N N   . ALA A 1 190 ? -6.337  20.889  -5.518  1.00 32.55 ? 188 ALA A N   1 
ATOM   1393 C CA  . ALA A 1 190 ? -5.281  20.628  -4.532  1.00 32.02 ? 188 ALA A CA  1 
ATOM   1394 C C   . ALA A 1 190 ? -3.950  21.195  -5.002  1.00 31.17 ? 188 ALA A C   1 
ATOM   1395 O O   . ALA A 1 190 ? -3.630  21.135  -6.182  1.00 31.32 ? 188 ALA A O   1 
ATOM   1396 C CB  . ALA A 1 190 ? -5.135  19.135  -4.295  1.00 31.80 ? 188 ALA A CB  1 
ATOM   1397 N N   . ILE A 1 191 ? -3.162  21.700  -4.058  1.00 31.19 ? 189 ILE A N   1 
ATOM   1398 C CA  . ILE A 1 191 ? -1.804  22.172  -4.337  1.00 30.30 ? 189 ILE A CA  1 
ATOM   1399 C C   . ILE A 1 191 ? -0.949  21.096  -5.043  1.00 30.55 ? 189 ILE A C   1 
ATOM   1400 O O   . ILE A 1 191 ? -0.168  21.408  -5.948  1.00 29.75 ? 189 ILE A O   1 
ATOM   1401 C CB  . ILE A 1 191 ? -1.152  22.681  -3.018  1.00 30.33 ? 189 ILE A CB  1 
ATOM   1402 C CG1 . ILE A 1 191 ? -1.728  24.062  -2.632  1.00 29.97 ? 189 ILE A CG1 1 
ATOM   1403 C CG2 . ILE A 1 191 ? 0.392   22.715  -3.115  1.00 29.19 ? 189 ILE A CG2 1 
ATOM   1404 C CD1 . ILE A 1 191 ? -1.348  25.190  -3.602  1.00 28.04 ? 189 ILE A CD1 1 
ATOM   1405 N N   . THR A 1 192 ? -1.120  19.831  -4.647  1.00 30.59 ? 190 THR A N   1 
ATOM   1406 C CA  . THR A 1 192 ? -0.337  18.731  -5.234  1.00 30.86 ? 190 THR A CA  1 
ATOM   1407 C C   . THR A 1 192 ? -1.039  18.001  -6.374  1.00 32.43 ? 190 THR A C   1 
ATOM   1408 O O   . THR A 1 192 ? -0.593  16.923  -6.790  1.00 31.83 ? 190 THR A O   1 
ATOM   1409 C CB  . THR A 1 192 ? 0.065   17.695  -4.175  1.00 31.06 ? 190 THR A CB  1 
ATOM   1410 O OG1 . THR A 1 192 ? -1.123  17.153  -3.576  1.00 29.22 ? 190 THR A OG1 1 
ATOM   1411 C CG2 . THR A 1 192 ? 0.855   18.352  -3.023  1.00 28.54 ? 190 THR A CG2 1 
ATOM   1412 N N   . GLY A 1 193 ? -2.141  18.569  -6.856  1.00 33.49 ? 191 GLY A N   1 
ATOM   1413 C CA  . GLY A 1 193 ? -2.825  18.034  -8.014  1.00 35.47 ? 191 GLY A CA  1 
ATOM   1414 C C   . GLY A 1 193 ? -2.157  18.562  -9.276  1.00 37.47 ? 191 GLY A C   1 
ATOM   1415 O O   . GLY A 1 193 ? -2.833  18.818  -10.281 1.00 39.53 ? 191 GLY A O   1 
HETATM 1416 P P   . PO4 B 2 .   ? 3.986   0.069   1.235   1.00 32.99 ? 301 PO4 A P   1 
HETATM 1417 O O1  . PO4 B 2 .   ? 4.456   -0.946  2.293   1.00 29.61 ? 301 PO4 A O1  1 
HETATM 1418 O O2  . PO4 B 2 .   ? 2.760   -0.390  0.514   1.00 33.75 ? 301 PO4 A O2  1 
HETATM 1419 O O3  . PO4 B 2 .   ? 3.750   1.441   1.840   1.00 33.22 ? 301 PO4 A O3  1 
HETATM 1420 O O4  . PO4 B 2 .   ? 5.125   0.174   0.234   1.00 35.04 ? 301 PO4 A O4  1 
HETATM 1421 P P   . PO4 C 2 .   ? 4.588   8.525   14.044  1.00 25.89 ? 302 PO4 A P   1 
HETATM 1422 O O1  . PO4 C 2 .   ? 5.517   9.317   14.925  1.00 27.20 ? 302 PO4 A O1  1 
HETATM 1423 O O2  . PO4 C 2 .   ? 4.862   7.065   14.223  1.00 24.50 ? 302 PO4 A O2  1 
HETATM 1424 O O3  . PO4 C 2 .   ? 3.191   8.917   14.416  1.00 28.04 ? 302 PO4 A O3  1 
HETATM 1425 O O4  . PO4 C 2 .   ? 4.796   8.889   12.586  1.00 25.03 ? 302 PO4 A O4  1 
HETATM 1426 P P   . PO4 D 2 .   ? -4.401  -6.087  -9.864  1.00 34.06 ? 303 PO4 A P   1 
HETATM 1427 O O1  . PO4 D 2 .   ? -3.635  -4.862  -9.409  1.00 31.99 ? 303 PO4 A O1  1 
HETATM 1428 O O2  . PO4 D 2 .   ? -4.649  -7.009  -8.683  1.00 30.02 ? 303 PO4 A O2  1 
HETATM 1429 O O3  . PO4 D 2 .   ? -5.709  -5.668  -10.504 1.00 31.33 ? 303 PO4 A O3  1 
HETATM 1430 O O4  . PO4 D 2 .   ? -3.511  -6.806  -10.855 1.00 34.17 ? 303 PO4 A O4  1 
HETATM 1431 O O   . HOH E 3 .   ? -1.552  -12.574 -8.093  1.00 20.72 ? 304 HOH A O   1 
HETATM 1432 O O   . HOH E 3 .   ? 7.820   9.607   5.123   1.00 19.75 ? 305 HOH A O   1 
HETATM 1433 O O   . HOH E 3 .   ? -12.795 -8.191  -0.783  1.00 19.98 ? 306 HOH A O   1 
HETATM 1434 O O   . HOH E 3 .   ? 4.969   17.839  5.978   1.00 21.03 ? 307 HOH A O   1 
HETATM 1435 O O   . HOH E 3 .   ? -2.685  -11.440 -11.868 1.00 21.09 ? 308 HOH A O   1 
HETATM 1436 O O   . HOH E 3 .   ? 8.750   -2.375  7.622   1.00 23.80 ? 309 HOH A O   1 
HETATM 1437 O O   . HOH E 3 .   ? 5.177   -10.856 -14.110 1.00 29.54 ? 310 HOH A O   1 
HETATM 1438 O O   . HOH E 3 .   ? 7.046   -9.346  3.275   1.00 26.45 ? 311 HOH A O   1 
HETATM 1439 O O   . HOH E 3 .   ? -1.160  -10.490 -9.830  1.00 25.07 ? 312 HOH A O   1 
HETATM 1440 O O   . HOH E 3 .   ? 4.810   8.919   9.050   1.00 20.85 ? 313 HOH A O   1 
HETATM 1441 O O   . HOH E 3 .   ? -1.490  -7.957  5.546   1.00 22.17 ? 314 HOH A O   1 
HETATM 1442 O O   . HOH E 3 .   ? -1.863  17.090  10.681  1.00 23.21 ? 315 HOH A O   1 
HETATM 1443 O O   . HOH E 3 .   ? -8.231  16.544  6.739   1.00 28.11 ? 316 HOH A O   1 
HETATM 1444 O O   . HOH E 3 .   ? -10.289 0.289   -0.218  1.00 26.12 ? 317 HOH A O   1 
HETATM 1445 O O   . HOH E 3 .   ? 9.236   -7.666  -7.146  1.00 25.96 ? 318 HOH A O   1 
HETATM 1446 O O   . HOH E 3 .   ? 3.238   -3.784  12.610  1.00 26.53 ? 319 HOH A O   1 
HETATM 1447 O O   . HOH E 3 .   ? 7.810   -16.609 5.027   1.00 26.93 ? 320 HOH A O   1 
HETATM 1448 O O   . HOH E 3 .   ? 10.688  5.561   -11.522 1.00 28.47 ? 321 HOH A O   1 
HETATM 1449 O O   . HOH E 3 .   ? 8.364   1.785   16.416  1.00 28.28 ? 322 HOH A O   1 
HETATM 1450 O O   . HOH E 3 .   ? -11.209 -12.122 -7.407  1.00 25.01 ? 323 HOH A O   1 
HETATM 1451 O O   . HOH E 3 .   ? 11.185  11.047  4.406   1.00 26.56 ? 324 HOH A O   1 
HETATM 1452 O O   . HOH E 3 .   ? -1.888  0.327   -12.426 1.00 26.65 ? 325 HOH A O   1 
HETATM 1453 O O   . HOH E 3 .   ? -9.569  11.846  2.539   1.00 25.09 ? 326 HOH A O   1 
HETATM 1454 O O   . HOH E 3 .   ? 6.491   5.524   2.847   1.00 22.45 ? 327 HOH A O   1 
HETATM 1455 O O   . HOH E 3 .   ? 4.774   -5.534  3.564   1.00 26.95 ? 328 HOH A O   1 
HETATM 1456 O O   . HOH E 3 .   ? 12.365  4.099   5.704   1.00 31.82 ? 329 HOH A O   1 
HETATM 1457 O O   . HOH E 3 .   ? 8.026   14.767  10.639  1.00 31.14 ? 330 HOH A O   1 
HETATM 1458 O O   . HOH E 3 .   ? 7.551   17.388  6.952   1.00 28.27 ? 331 HOH A O   1 
HETATM 1459 O O   . HOH E 3 .   ? -7.413  -7.481  -10.260 1.00 29.43 ? 332 HOH A O   1 
HETATM 1460 O O   . HOH E 3 .   ? 9.155   13.546  0.196   1.00 32.38 ? 333 HOH A O   1 
HETATM 1461 O O   . HOH E 3 .   ? -11.665 1.655   -3.698  1.00 30.04 ? 334 HOH A O   1 
HETATM 1462 O O   . HOH E 3 .   ? -3.696  -1.668  19.206  1.00 37.91 ? 335 HOH A O   1 
HETATM 1463 O O   . HOH E 3 .   ? 8.719   -20.914 -0.820  1.00 29.84 ? 336 HOH A O   1 
HETATM 1464 O O   . HOH E 3 .   ? 4.907   -5.804  13.586  1.00 33.34 ? 337 HOH A O   1 
HETATM 1465 O O   . HOH E 3 .   ? 11.944  -13.135 6.807   1.00 33.95 ? 338 HOH A O   1 
HETATM 1466 O O   . HOH E 3 .   ? 12.003  8.764   11.017  1.00 30.71 ? 339 HOH A O   1 
HETATM 1467 O O   . HOH E 3 .   ? -10.733 -1.746  1.406   1.00 26.70 ? 340 HOH A O   1 
HETATM 1468 O O   . HOH E 3 .   ? 0.544   -4.025  -14.096 1.00 28.21 ? 341 HOH A O   1 
HETATM 1469 O O   . HOH E 3 .   ? 9.263   12.049  -2.880  1.00 31.52 ? 342 HOH A O   1 
HETATM 1470 O O   . HOH E 3 .   ? 2.288   -9.343  7.383   1.00 33.56 ? 343 HOH A O   1 
HETATM 1471 O O   . HOH E 3 .   ? -13.352 3.397   -10.104 1.00 33.94 ? 344 HOH A O   1 
HETATM 1472 O O   . HOH E 3 .   ? -3.976  21.844  -1.365  1.00 32.85 ? 345 HOH A O   1 
HETATM 1473 O O   . HOH E 3 .   ? -12.764 3.043   -12.991 1.00 36.94 ? 346 HOH A O   1 
HETATM 1474 O O   . HOH E 3 .   ? -6.169  18.908  3.051   1.00 32.91 ? 347 HOH A O   1 
HETATM 1475 O O   . HOH E 3 .   ? 5.487   -21.055 4.478   1.00 35.76 ? 348 HOH A O   1 
HETATM 1476 O O   . HOH E 3 .   ? -16.412 4.434   6.618   1.00 35.56 ? 349 HOH A O   1 
HETATM 1477 O O   . HOH E 3 .   ? 11.662  -2.092  -11.369 1.00 26.54 ? 350 HOH A O   1 
HETATM 1478 O O   . HOH E 3 .   ? 5.966   18.486  13.207  1.00 28.27 ? 351 HOH A O   1 
HETATM 1479 O O   . HOH E 3 .   ? 12.887  12.947  5.710   1.00 35.93 ? 352 HOH A O   1 
HETATM 1480 O O   . HOH E 3 .   ? 14.815  -8.524  11.952  1.00 31.10 ? 353 HOH A O   1 
HETATM 1481 O O   . HOH E 3 .   ? 15.335  -3.821  10.607  1.00 30.96 ? 354 HOH A O   1 
HETATM 1482 O O   . HOH E 3 .   ? 11.411  11.840  -6.574  1.00 34.12 ? 355 HOH A O   1 
HETATM 1483 O O   . HOH E 3 .   ? -9.926  -7.779  -9.205  1.00 33.49 ? 356 HOH A O   1 
HETATM 1484 O O   . HOH E 3 .   ? 12.269  -0.431  -3.402  1.00 31.48 ? 357 HOH A O   1 
HETATM 1485 O O   . HOH E 3 .   ? -15.528 8.014   1.112   1.00 35.00 ? 358 HOH A O   1 
HETATM 1486 O O   . HOH E 3 .   ? 6.149   -0.311  4.219   1.00 31.71 ? 359 HOH A O   1 
HETATM 1487 O O   . HOH E 3 .   ? -7.730  -12.463 -6.476  1.00 32.02 ? 360 HOH A O   1 
HETATM 1488 O O   . HOH E 3 .   ? -7.758  18.462  0.716   1.00 34.74 ? 361 HOH A O   1 
HETATM 1489 O O   . HOH E 3 .   ? -3.318  8.815   -14.583 1.00 40.44 ? 362 HOH A O   1 
HETATM 1490 O O   . HOH E 3 .   ? 6.745   17.120  9.678   1.00 29.43 ? 363 HOH A O   1 
HETATM 1491 O O   . HOH E 3 .   ? -9.680  11.967  5.759   1.00 38.18 ? 364 HOH A O   1 
HETATM 1492 O O   . HOH E 3 .   ? -4.120  -9.202  -12.160 1.00 37.82 ? 365 HOH A O   1 
HETATM 1493 O O   . HOH E 3 .   ? 16.046  -6.337  10.942  1.00 40.54 ? 366 HOH A O   1 
HETATM 1494 O O   . HOH E 3 .   ? -5.040  -5.776  7.523   1.00 42.33 ? 367 HOH A O   1 
HETATM 1495 O O   . HOH E 3 .   ? 12.024  -7.849  -7.543  1.00 44.24 ? 368 HOH A O   1 
HETATM 1496 O O   . HOH E 3 .   ? 14.640  -16.349 -2.154  1.00 42.94 ? 369 HOH A O   1 
HETATM 1497 O O   . HOH E 3 .   ? 14.200  -17.028 -10.164 1.00 40.88 ? 370 HOH A O   1 
HETATM 1498 O O   . HOH E 3 .   ? 17.539  5.800   -1.027  1.00 45.96 ? 371 HOH A O   1 
HETATM 1499 O O   . HOH E 3 .   ? -11.543 12.057  1.089   1.00 36.29 ? 372 HOH A O   1 
HETATM 1500 O O   . HOH E 3 .   ? 6.556   -21.275 -7.382  1.00 50.71 ? 373 HOH A O   1 
HETATM 1501 O O   . HOH E 3 .   ? -1.864  -2.489  -13.514 1.00 40.35 ? 374 HOH A O   1 
HETATM 1502 O O   . HOH E 3 .   ? -8.384  17.112  9.363   1.00 35.68 ? 375 HOH A O   1 
HETATM 1503 O O   . HOH E 3 .   ? -18.120 5.358   -9.625  1.00 46.88 ? 376 HOH A O   1 
HETATM 1504 O O   . HOH E 3 .   ? -11.567 10.407  5.310   1.00 53.86 ? 377 HOH A O   1 
HETATM 1505 O O   . HOH E 3 .   ? 8.636   -21.484 -5.870  1.00 43.43 ? 378 HOH A O   1 
HETATM 1506 O O   . HOH E 3 .   ? -5.206  -8.591  5.967   1.00 39.10 ? 379 HOH A O   1 
HETATM 1507 O O   . HOH E 3 .   ? 15.773  -14.427 -9.547  1.00 45.65 ? 380 HOH A O   1 
HETATM 1508 O O   . HOH E 3 .   ? 3.537   1.221   21.547  1.00 36.26 ? 381 HOH A O   1 
HETATM 1509 O O   . HOH E 3 .   ? 6.512   -6.052  -17.049 1.00 43.00 ? 382 HOH A O   1 
HETATM 1510 O O   . HOH E 3 .   ? -7.875  -0.058  -14.604 1.00 41.85 ? 383 HOH A O   1 
HETATM 1511 O O   . HOH E 3 .   ? -10.548 14.826  6.360   1.00 42.34 ? 384 HOH A O   1 
HETATM 1512 O O   . HOH E 3 .   ? 13.754  -6.735  -1.745  1.00 46.50 ? 385 HOH A O   1 
HETATM 1513 O O   . HOH E 3 .   ? -2.749  10.501  -16.932 1.00 55.68 ? 386 HOH A O   1 
HETATM 1514 O O   . HOH E 3 .   ? 4.525   10.638  -10.390 1.00 32.91 ? 387 HOH A O   1 
HETATM 1515 O O   . HOH E 3 .   ? 1.208   -15.997 6.279   1.00 28.97 ? 388 HOH A O   1 
HETATM 1516 O O   . HOH E 3 .   ? -9.815  -10.052 -7.829  1.00 38.62 ? 389 HOH A O   1 
HETATM 1517 O O   . HOH E 3 .   ? -10.447 6.943   13.051  1.00 41.48 ? 390 HOH A O   1 
HETATM 1518 O O   . HOH E 3 .   ? 6.466   8.403   -10.748 1.00 37.04 ? 391 HOH A O   1 
HETATM 1519 O O   . HOH E 3 .   ? -3.690  -2.405  15.786  1.00 41.51 ? 392 HOH A O   1 
HETATM 1520 O O   . HOH E 3 .   ? 8.899   4.162   -13.462 1.00 44.42 ? 393 HOH A O   1 
HETATM 1521 O O   . HOH E 3 .   ? 12.237  14.800  4.021   1.00 42.98 ? 394 HOH A O   1 
HETATM 1522 O O   . HOH E 3 .   ? 15.768  3.595   -0.525  1.00 48.98 ? 395 HOH A O   1 
HETATM 1523 O O   . HOH E 3 .   ? -7.950  2.744   -13.875 1.00 44.37 ? 396 HOH A O   1 
HETATM 1524 O O   . HOH E 3 .   ? -12.696 0.598   -0.754  1.00 40.92 ? 397 HOH A O   1 
HETATM 1525 O O   . HOH E 3 .   ? -13.960 3.194   6.137   1.00 49.62 ? 398 HOH A O   1 
HETATM 1526 O O   . HOH E 3 .   ? 7.431   13.376  -1.678  1.00 41.40 ? 399 HOH A O   1 
HETATM 1527 O O   . HOH E 3 .   ? -17.412 8.993   -2.949  1.00 42.63 ? 400 HOH A O   1 
HETATM 1528 O O   . HOH E 3 .   ? 15.570  7.552   -0.350  1.00 46.97 ? 401 HOH A O   1 
HETATM 1529 O O   . HOH E 3 .   ? 11.474  12.676  12.398  1.00 35.57 ? 402 HOH A O   1 
HETATM 1530 O O   . HOH E 3 .   ? 16.012  -12.551 9.260   1.00 53.44 ? 403 HOH A O   1 
HETATM 1531 O O   . HOH E 3 .   ? 0.513   5.631   -12.954 1.00 41.90 ? 404 HOH A O   1 
HETATM 1532 O O   . HOH E 3 .   ? 17.280  -10.636 8.184   1.00 52.01 ? 405 HOH A O   1 
HETATM 1533 O O   . HOH E 3 .   ? 12.353  -15.567 10.294  1.00 48.83 ? 406 HOH A O   1 
HETATM 1534 O O   . HOH E 3 .   ? -15.794 11.260  -3.967  1.00 43.57 ? 407 HOH A O   1 
HETATM 1535 O O   . HOH E 3 .   ? -15.853 3.073   4.510   1.00 42.29 ? 408 HOH A O   1 
HETATM 1536 O O   . HOH E 3 .   ? 10.307  3.568   14.049  1.00 49.23 ? 409 HOH A O   1 
HETATM 1537 O O   . HOH E 3 .   ? 10.399  -5.720  -13.838 1.00 51.25 ? 410 HOH A O   1 
HETATM 1538 O O   . HOH E 3 .   ? -10.905 -1.768  4.609   1.00 31.03 ? 411 HOH A O   1 
HETATM 1539 O O   . HOH E 3 .   ? -2.043  16.274  13.298  1.00 35.28 ? 412 HOH A O   1 
HETATM 1540 O O   . HOH E 3 .   ? -8.119  18.618  5.321   1.00 41.55 ? 413 HOH A O   1 
HETATM 1541 O O   . HOH E 3 .   ? -2.931  -11.656 7.693   1.00 49.44 ? 414 HOH A O   1 
HETATM 1542 O O   . HOH E 3 .   ? -0.393  -6.844  -14.008 1.00 47.40 ? 415 HOH A O   1 
HETATM 1543 O O   . HOH E 3 .   ? -2.582  9.355   13.419  1.00 46.19 ? 416 HOH A O   1 
HETATM 1544 O O   . HOH E 3 .   ? -16.673 6.331   -16.935 1.00 51.36 ? 417 HOH A O   1 
HETATM 1545 O O   . HOH E 3 .   ? 13.658  -4.003  -0.836  1.00 42.90 ? 418 HOH A O   1 
HETATM 1546 O O   . HOH E 3 .   ? -1.548  16.116  -11.633 1.00 51.37 ? 419 HOH A O   1 
HETATM 1547 O O   . HOH E 3 .   ? 3.282   -21.555 6.151   1.00 47.69 ? 420 HOH A O   1 
HETATM 1548 O O   . HOH E 3 .   ? -7.255  -10.239 7.641   1.00 50.41 ? 421 HOH A O   1 
HETATM 1549 O O   . HOH E 3 .   ? -6.280  17.965  -7.780  1.00 43.50 ? 422 HOH A O   1 
HETATM 1550 O O   . HOH E 3 .   ? -5.453  -4.231  -13.080 1.00 37.85 ? 423 HOH A O   1 
HETATM 1551 O O   . HOH E 3 .   ? -19.701 6.639   -18.106 1.00 53.68 ? 424 HOH A O   1 
HETATM 1552 O O   . HOH E 3 .   ? 5.370   2.294   3.768   1.00 46.57 ? 425 HOH A O   1 
# 
